data_8SH3
#
_entry.id   8SH3
#
_cell.length_a   1.00
_cell.length_b   1.00
_cell.length_c   1.00
_cell.angle_alpha   90.00
_cell.angle_beta   90.00
_cell.angle_gamma   90.00
#
_symmetry.space_group_name_H-M   'P 1'
#
loop_
_entity.id
_entity.type
_entity.pdbx_description
1 polymer Pendrin
2 non-polymer 'Lauryl Maltose Neopentyl Glycol'
3 non-polymer 'IODIDE ION'
4 non-polymer CHOLESTEROL
5 non-polymer 1-palmitoyl-2-oleoyl-sn-glycero-3-phosphocholine
#
_entity_poly.entity_id   1
_entity_poly.type   'polypeptide(L)'
_entity_poly.pdbx_seq_one_letter_code
;MAAPGSRLEPPPLPEYSCSYVVSRPVYSELAFQQQYERRLQERKTLRESLAKRCSCSRKRTLGVLKTLLPVLDWLPKYRI
KEWLLSDIISGVSTGLVGTLQGMAYALLAAVPVGYGLYSAFFPILTYFIFGTSRHISVGPFPVVSLMVGSVVLSMAPDEH
FIISSSNGTALNTTVIDFAARDAARVLIASTLTLLVGIIQLIFGGLQIGFIVRYLADPLVGGFTTAAAFQVLVSQLKIVL
NVSTKNYNGILSIIYTLIEIFQNIGNTNLADFIAGLLTIIICMAVKELNDRFKHKIPVPIPIEVIVTIIATAISYAVNLE
KNYNAGIVKSIPRGFLPPEIPPISLFSEMLTASFSIAVVAYAIAVSVGKVYAIKYDYTIDGNQEFIAFGISNIFSGFFSC
FVATTALSRTAVQESTGGKTQIAGIISAAVVMIAIVALGKLLEPLQKSVLAAVVIANLKGMFMQVCDVPRLWRQNKTDAV
IWVFTCIASIILGLDLGLLAGLMFGFLTVVVRVQFPSWNSLGSIPNTDIYRSTKDYKNIEEPEGVKILRFSSPIFYGNVD
GLKKCIKSTVGFDAIRVYNKRLKALRKIQKLIKKGQLRATKNGIISDAGSSNNAFEPDEDIEDPEELDIPTKEIEIQVDW
NSELPVKVNVPKVPIHSLVLDCGAVSFLDVVGVRSLRMIVKEFQRIDVHVYFASLQDHVIEKLEQCGFFNDSIRKDIFFL
TVHDAILHLRSQVKSQEVQDSILETITLIQDCKDPLELMEAELIEEELDVQDEAMRRLAS
;
_entity_poly.pdbx_strand_id   C,D
#
loop_
_chem_comp.id
_chem_comp.type
_chem_comp.name
_chem_comp.formula
AV0 non-polymer 'Lauryl Maltose Neopentyl Glycol' 'C47 H88 O22'
CLR non-polymer CHOLESTEROL 'C27 H46 O'
IOD non-polymer 'IODIDE ION' 'I -1'
LBN non-polymer 1-palmitoyl-2-oleoyl-sn-glycero-3-phosphocholine 'C42 H82 N O8 P'
#
# COMPACT_ATOMS: atom_id res chain seq x y z
N SER A 17 46.48 -21.50 0.80
CA SER A 17 45.89 -22.57 1.60
C SER A 17 44.92 -23.40 0.77
N CYS A 18 43.64 -23.36 1.16
CA CYS A 18 42.62 -24.08 0.42
C CYS A 18 42.40 -23.47 -0.96
N SER A 19 42.00 -24.31 -1.91
CA SER A 19 41.84 -23.89 -3.29
C SER A 19 40.43 -24.21 -3.77
N TYR A 20 39.97 -23.43 -4.75
CA TYR A 20 38.66 -23.62 -5.38
C TYR A 20 38.91 -24.28 -6.73
N VAL A 21 38.81 -25.60 -6.77
CA VAL A 21 39.05 -26.39 -7.98
C VAL A 21 37.76 -27.12 -8.31
N VAL A 22 37.17 -26.80 -9.47
CA VAL A 22 35.95 -27.42 -9.94
C VAL A 22 36.15 -27.86 -11.39
N SER A 23 35.85 -29.12 -11.68
CA SER A 23 35.89 -29.66 -13.03
C SER A 23 34.54 -30.33 -13.31
N ARG A 24 33.76 -29.75 -14.21
CA ARG A 24 32.42 -30.22 -14.49
C ARG A 24 32.02 -29.74 -15.87
N PRO A 25 31.02 -30.36 -16.50
CA PRO A 25 30.52 -29.88 -17.78
C PRO A 25 29.85 -28.52 -17.65
N VAL A 26 29.82 -27.79 -18.77
CA VAL A 26 29.10 -26.53 -18.84
C VAL A 26 27.61 -26.84 -18.93
N TYR A 27 26.88 -26.56 -17.86
CA TYR A 27 25.49 -26.99 -17.73
C TYR A 27 24.56 -25.81 -18.03
N SER A 28 23.78 -25.94 -19.10
CA SER A 28 22.61 -25.11 -19.25
C SER A 28 21.46 -25.72 -18.44
N GLU A 29 20.35 -25.00 -18.35
CA GLU A 29 19.20 -25.54 -17.63
C GLU A 29 18.68 -26.81 -18.28
N LEU A 30 18.64 -26.84 -19.62
CA LEU A 30 18.18 -28.02 -20.33
C LEU A 30 19.08 -29.22 -20.04
N ALA A 31 20.39 -29.05 -20.22
CA ALA A 31 21.32 -30.16 -20.01
C ALA A 31 21.33 -30.61 -18.55
N PHE A 32 21.31 -29.66 -17.62
CA PHE A 32 21.30 -30.01 -16.20
C PHE A 32 20.05 -30.78 -15.83
N GLN A 33 18.89 -30.36 -16.36
CA GLN A 33 17.66 -31.08 -16.06
C GLN A 33 17.64 -32.46 -16.71
N GLN A 34 18.20 -32.58 -17.91
CA GLN A 34 18.27 -33.88 -18.57
C GLN A 34 19.15 -34.85 -17.79
N GLN A 35 20.31 -34.37 -17.31
CA GLN A 35 21.23 -35.28 -16.63
C GLN A 35 20.86 -35.46 -15.16
N TYR A 36 20.37 -34.42 -14.51
CA TYR A 36 19.96 -34.46 -13.10
C TYR A 36 18.47 -34.23 -13.03
N GLU A 37 17.72 -35.31 -12.82
CA GLU A 37 16.26 -35.23 -12.80
C GLU A 37 15.77 -34.58 -11.52
N ARG A 38 14.67 -33.84 -11.63
CA ARG A 38 14.06 -33.18 -10.49
C ARG A 38 13.08 -34.12 -9.81
N ARG A 39 12.26 -33.58 -8.91
CA ARG A 39 11.24 -34.33 -8.18
C ARG A 39 11.83 -35.53 -7.44
N VAL A 64 -8.40 -29.09 19.20
CA VAL A 64 -9.73 -28.81 19.73
C VAL A 64 -9.64 -28.18 21.10
N LEU A 65 -8.49 -28.36 21.76
CA LEU A 65 -8.23 -27.83 23.08
C LEU A 65 -7.22 -26.67 23.04
N LYS A 66 -7.12 -26.00 21.91
CA LYS A 66 -6.24 -24.83 21.78
C LYS A 66 -7.01 -23.56 21.43
N THR A 67 -7.97 -23.63 20.50
CA THR A 67 -8.76 -22.45 20.18
C THR A 67 -9.52 -21.95 21.40
N LEU A 68 -9.86 -22.85 22.32
CA LEU A 68 -10.31 -22.49 23.66
C LEU A 68 -9.21 -23.00 24.59
N LEU A 69 -8.19 -22.17 24.81
CA LEU A 69 -7.06 -22.60 25.62
C LEU A 69 -7.56 -22.80 27.04
N PRO A 70 -7.43 -24.00 27.59
CA PRO A 70 -7.98 -24.27 28.91
C PRO A 70 -7.14 -23.64 30.01
N VAL A 71 -7.82 -23.27 31.10
CA VAL A 71 -7.12 -23.05 32.35
C VAL A 71 -6.52 -24.36 32.84
N LEU A 72 -7.09 -25.49 32.40
CA LEU A 72 -6.56 -26.81 32.72
C LEU A 72 -5.23 -27.09 32.06
N ASP A 73 -4.76 -26.20 31.19
CA ASP A 73 -3.42 -26.36 30.61
C ASP A 73 -2.35 -26.27 31.68
N TRP A 74 -2.51 -25.34 32.65
CA TRP A 74 -1.53 -25.18 33.71
C TRP A 74 -2.08 -25.29 35.12
N LEU A 75 -3.40 -25.22 35.31
CA LEU A 75 -3.95 -25.34 36.66
C LEU A 75 -3.66 -26.69 37.30
N PRO A 76 -3.86 -27.83 36.63
CA PRO A 76 -3.35 -29.09 37.20
C PRO A 76 -1.84 -29.10 37.38
N LYS A 77 -1.12 -28.43 36.49
CA LYS A 77 0.34 -28.33 36.57
C LYS A 77 0.79 -27.18 37.47
N TYR A 78 -0.08 -26.67 38.32
CA TYR A 78 0.26 -25.54 39.17
C TYR A 78 1.14 -25.99 40.33
N ARG A 79 1.73 -25.02 41.01
CA ARG A 79 2.75 -25.23 42.02
C ARG A 79 2.36 -24.54 43.34
N ILE A 80 1.14 -24.83 43.79
CA ILE A 80 0.58 -24.24 45.02
C ILE A 80 1.59 -24.24 46.16
N LYS A 81 2.52 -25.21 46.18
CA LYS A 81 3.47 -25.32 47.27
C LYS A 81 4.31 -24.05 47.43
N GLU A 82 4.81 -23.50 46.33
CA GLU A 82 5.63 -22.31 46.38
C GLU A 82 5.25 -21.22 45.40
N TRP A 83 4.54 -21.53 44.32
CA TRP A 83 4.16 -20.51 43.36
C TRP A 83 3.00 -19.65 43.85
N LEU A 84 2.16 -20.19 44.73
CA LEU A 84 0.94 -19.48 45.13
C LEU A 84 1.26 -18.19 45.88
N LEU A 85 2.21 -18.22 46.80
CA LEU A 85 2.55 -17.03 47.57
C LEU A 85 3.12 -15.95 46.67
N SER A 86 4.04 -16.32 45.78
CA SER A 86 4.61 -15.36 44.84
C SER A 86 3.51 -14.76 43.97
N ASP A 87 2.55 -15.59 43.54
CA ASP A 87 1.41 -15.08 42.79
C ASP A 87 0.60 -14.10 43.62
N ILE A 88 0.44 -14.37 44.92
CA ILE A 88 -0.35 -13.47 45.77
C ILE A 88 0.30 -12.10 45.84
N ILE A 89 1.59 -12.05 46.16
CA ILE A 89 2.26 -10.74 46.24
C ILE A 89 2.29 -10.05 44.88
N SER A 90 2.61 -10.80 43.81
CA SER A 90 2.66 -10.18 42.50
C SER A 90 1.30 -9.61 42.10
N GLY A 91 0.24 -10.37 42.35
CA GLY A 91 -1.09 -9.90 42.02
C GLY A 91 -1.51 -8.70 42.84
N VAL A 92 -1.20 -8.68 44.13
CA VAL A 92 -1.54 -7.54 44.97
C VAL A 92 -0.84 -6.29 44.45
N SER A 93 0.46 -6.40 44.17
CA SER A 93 1.23 -5.24 43.70
C SER A 93 0.70 -4.74 42.36
N THR A 94 0.54 -5.66 41.39
CA THR A 94 0.09 -5.23 40.07
C THR A 94 -1.36 -4.79 40.06
N GLY A 95 -2.19 -5.26 40.98
CA GLY A 95 -3.55 -4.79 41.10
C GLY A 95 -3.61 -3.40 41.69
N LEU A 96 -2.76 -3.13 42.69
CA LEU A 96 -2.65 -1.77 43.21
C LEU A 96 -2.20 -0.81 42.12
N VAL A 97 -1.26 -1.24 41.28
CA VAL A 97 -0.84 -0.39 40.16
C VAL A 97 -1.94 -0.26 39.12
N GLY A 98 -2.65 -1.36 38.82
CA GLY A 98 -3.60 -1.36 37.73
C GLY A 98 -4.89 -0.64 38.04
N THR A 99 -5.30 -0.60 39.31
CA THR A 99 -6.45 0.22 39.68
C THR A 99 -6.19 1.69 39.37
N LEU A 100 -5.02 2.19 39.80
CA LEU A 100 -4.63 3.56 39.49
C LEU A 100 -4.50 3.77 37.99
N GLN A 101 -3.89 2.82 37.29
CA GLN A 101 -3.73 2.97 35.84
C GLN A 101 -5.07 3.01 35.13
N GLY A 102 -6.01 2.17 35.55
CA GLY A 102 -7.33 2.18 34.94
C GLY A 102 -8.07 3.48 35.18
N MET A 103 -8.02 3.99 36.42
CA MET A 103 -8.66 5.27 36.70
C MET A 103 -8.02 6.39 35.88
N ALA A 104 -6.69 6.39 35.78
CA ALA A 104 -5.99 7.44 35.03
C ALA A 104 -6.30 7.35 33.53
N TYR A 105 -6.34 6.13 32.99
CA TYR A 105 -6.55 5.94 31.57
C TYR A 105 -8.02 6.09 31.17
N ALA A 106 -8.93 6.01 32.13
CA ALA A 106 -10.31 6.37 31.86
C ALA A 106 -10.47 7.85 31.55
N LEU A 107 -9.46 8.67 31.83
CA LEU A 107 -9.47 10.07 31.39
C LEU A 107 -9.03 10.20 29.94
N LEU A 108 -8.11 9.33 29.49
CA LEU A 108 -7.73 9.32 28.08
C LEU A 108 -8.94 9.01 27.20
N ALA A 109 -9.66 7.96 27.53
CA ALA A 109 -10.97 7.73 26.95
C ALA A 109 -11.95 8.77 27.50
N ALA A 110 -12.95 9.11 26.70
CA ALA A 110 -13.90 10.12 27.13
C ALA A 110 -14.98 9.50 28.01
N VAL A 111 -14.57 8.78 29.05
CA VAL A 111 -15.52 8.10 29.92
C VAL A 111 -15.26 8.52 31.37
N PRO A 112 -16.26 8.48 32.24
CA PRO A 112 -16.02 8.84 33.64
C PRO A 112 -15.10 7.85 34.33
N VAL A 113 -14.37 8.36 35.34
CA VAL A 113 -13.53 7.49 36.15
C VAL A 113 -14.41 6.52 36.92
N GLY A 114 -14.07 5.23 36.86
CA GLY A 114 -14.91 4.21 37.42
C GLY A 114 -15.17 3.12 36.40
N TYR A 115 -15.28 3.51 35.14
CA TYR A 115 -15.32 2.54 34.05
C TYR A 115 -13.94 2.04 33.67
N GLY A 116 -12.90 2.82 33.97
CA GLY A 116 -11.55 2.29 33.88
C GLY A 116 -11.32 1.14 34.85
N LEU A 117 -11.97 1.18 36.01
CA LEU A 117 -11.91 0.05 36.93
C LEU A 117 -12.52 -1.20 36.31
N TYR A 118 -13.66 -1.06 35.62
CA TYR A 118 -14.23 -2.20 34.92
C TYR A 118 -13.31 -2.68 33.80
N SER A 119 -12.68 -1.75 33.10
CA SER A 119 -11.77 -2.11 32.01
C SER A 119 -10.52 -2.79 32.54
N ALA A 120 -10.15 -2.53 33.79
CA ALA A 120 -9.05 -3.23 34.42
C ALA A 120 -9.48 -4.52 35.12
N PHE A 121 -10.78 -4.71 35.34
CA PHE A 121 -11.26 -5.91 36.02
C PHE A 121 -11.67 -7.01 35.06
N PHE A 122 -12.65 -6.73 34.19
CA PHE A 122 -13.24 -7.79 33.37
C PHE A 122 -12.25 -8.44 32.39
N PRO A 123 -11.46 -7.68 31.62
CA PRO A 123 -10.57 -8.33 30.64
C PRO A 123 -9.57 -9.28 31.26
N ILE A 124 -9.09 -9.01 32.47
CA ILE A 124 -8.18 -9.95 33.11
C ILE A 124 -8.90 -11.27 33.41
N LEU A 125 -10.13 -11.18 33.91
CA LEU A 125 -10.90 -12.39 34.21
C LEU A 125 -11.09 -13.22 32.95
N THR A 126 -11.46 -12.58 31.85
CA THR A 126 -11.74 -13.33 30.64
C THR A 126 -10.50 -13.62 29.79
N TYR A 127 -9.34 -13.09 30.17
CA TYR A 127 -8.07 -13.48 29.57
C TYR A 127 -7.36 -14.57 30.35
N PHE A 128 -7.67 -14.72 31.64
CA PHE A 128 -7.10 -15.81 32.43
C PHE A 128 -7.41 -17.17 31.80
N ILE A 129 -8.50 -17.27 31.05
CA ILE A 129 -8.85 -18.53 30.40
C ILE A 129 -8.07 -18.71 29.11
N PHE A 130 -8.27 -17.81 28.15
CA PHE A 130 -7.80 -17.99 26.78
C PHE A 130 -6.39 -17.48 26.53
N GLY A 131 -5.71 -16.97 27.56
CA GLY A 131 -4.43 -16.31 27.34
C GLY A 131 -3.26 -17.28 27.33
N THR A 132 -2.46 -17.23 26.25
CA THR A 132 -1.23 -18.00 26.22
C THR A 132 -0.16 -17.37 27.10
N SER A 133 -0.05 -16.05 27.07
CA SER A 133 0.94 -15.37 27.90
C SER A 133 0.60 -15.53 29.37
N ARG A 134 1.65 -15.62 30.20
CA ARG A 134 1.47 -15.83 31.63
C ARG A 134 2.10 -14.73 32.46
N HIS A 135 2.61 -13.66 31.84
CA HIS A 135 3.29 -12.61 32.57
C HIS A 135 2.70 -11.21 32.33
N ILE A 136 1.82 -11.03 31.36
CA ILE A 136 1.32 -9.71 31.01
C ILE A 136 0.13 -9.36 31.90
N SER A 137 -0.01 -8.07 32.17
CA SER A 137 -1.16 -7.54 32.88
C SER A 137 -2.09 -6.86 31.88
N VAL A 138 -3.35 -7.26 31.87
CA VAL A 138 -4.31 -6.81 30.86
C VAL A 138 -4.99 -5.54 31.37
N GLY A 139 -5.01 -4.50 30.52
CA GLY A 139 -5.56 -3.23 30.92
C GLY A 139 -5.66 -2.22 29.78
N PRO A 140 -5.77 -0.94 30.15
CA PRO A 140 -6.09 0.07 29.13
C PRO A 140 -4.92 0.45 28.21
N PHE A 141 -3.71 0.64 28.75
CA PHE A 141 -2.57 1.14 27.96
C PHE A 141 -2.86 2.47 27.26
N PRO A 142 -2.63 3.60 27.92
CA PRO A 142 -3.25 4.88 27.54
C PRO A 142 -3.22 5.27 26.07
N VAL A 143 -2.40 4.65 25.24
CA VAL A 143 -2.46 4.93 23.81
C VAL A 143 -3.76 4.41 23.20
N VAL A 144 -4.10 3.16 23.52
CA VAL A 144 -5.37 2.60 23.08
C VAL A 144 -6.53 3.37 23.70
N SER A 145 -6.38 3.75 24.97
CA SER A 145 -7.42 4.56 25.63
C SER A 145 -7.59 5.90 24.93
N LEU A 146 -6.50 6.51 24.49
CA LEU A 146 -6.56 7.78 23.79
C LEU A 146 -7.26 7.63 22.44
N MET A 147 -6.96 6.56 21.70
CA MET A 147 -7.67 6.33 20.45
C MET A 147 -9.15 6.11 20.69
N VAL A 148 -9.50 5.33 21.72
CA VAL A 148 -10.90 5.12 22.06
C VAL A 148 -11.57 6.43 22.42
N GLY A 149 -10.87 7.28 23.19
CA GLY A 149 -11.44 8.56 23.57
C GLY A 149 -11.62 9.50 22.40
N SER A 150 -10.69 9.46 21.44
CA SER A 150 -10.85 10.25 20.23
C SER A 150 -12.09 9.81 19.45
N VAL A 151 -12.27 8.49 19.33
CA VAL A 151 -13.47 7.98 18.65
C VAL A 151 -14.73 8.41 19.38
N VAL A 152 -14.71 8.30 20.72
CA VAL A 152 -15.90 8.61 21.51
C VAL A 152 -16.23 10.09 21.45
N LEU A 153 -15.22 10.95 21.57
CA LEU A 153 -15.43 12.40 21.49
C LEU A 153 -15.93 12.81 20.12
N SER A 154 -15.37 12.21 19.06
CA SER A 154 -15.82 12.53 17.70
C SER A 154 -17.26 12.11 17.48
N MET A 155 -17.78 11.17 18.27
CA MET A 155 -19.15 10.68 18.12
C MET A 155 -20.09 11.21 19.19
N ALA A 156 -19.58 11.87 20.23
CA ALA A 156 -20.43 12.47 21.27
C ALA A 156 -19.78 13.77 21.74
N PRO A 157 -19.83 14.82 20.90
CA PRO A 157 -19.30 16.11 21.33
C PRO A 157 -20.21 16.78 22.35
N ASP A 158 -19.65 17.78 23.03
CA ASP A 158 -20.43 18.53 24.01
C ASP A 158 -21.56 19.31 23.34
N GLU A 159 -21.23 20.03 22.26
CA GLU A 159 -22.24 20.87 21.62
C GLU A 159 -23.25 20.04 20.82
N HIS A 160 -22.79 18.95 20.20
CA HIS A 160 -23.68 18.14 19.38
C HIS A 160 -24.69 17.37 20.22
N PHE A 161 -24.31 16.97 21.44
CA PHE A 161 -25.16 16.13 22.26
C PHE A 161 -26.07 16.96 23.17
N ILE A 162 -25.54 18.02 23.77
CA ILE A 162 -26.24 18.76 24.80
C ILE A 162 -26.61 20.14 24.26
N ILE A 163 -27.90 20.47 24.34
CA ILE A 163 -28.39 21.81 24.00
C ILE A 163 -29.06 22.48 25.19
N SER A 164 -28.85 21.96 26.39
CA SER A 164 -29.44 22.53 27.59
C SER A 164 -28.72 23.81 28.01
N ILE A 176 -26.25 21.98 31.44
CA ILE A 176 -25.59 20.99 30.60
C ILE A 176 -25.85 19.58 31.15
N ASP A 177 -26.25 18.67 30.27
CA ASP A 177 -26.63 17.31 30.66
C ASP A 177 -25.37 16.44 30.73
N PHE A 178 -24.69 16.52 31.86
CA PHE A 178 -23.48 15.73 32.06
C PHE A 178 -23.79 14.24 32.14
N ALA A 179 -24.90 13.88 32.80
CA ALA A 179 -25.22 12.47 32.99
C ALA A 179 -25.53 11.79 31.65
N ALA A 180 -26.38 12.42 30.84
CA ALA A 180 -26.72 11.85 29.54
C ALA A 180 -25.51 11.80 28.63
N ARG A 181 -24.68 12.83 28.65
CA ARG A 181 -23.46 12.82 27.85
C ARG A 181 -22.53 11.69 28.27
N ASP A 182 -22.36 11.50 29.57
CA ASP A 182 -21.50 10.41 30.05
C ASP A 182 -22.06 9.06 29.66
N ALA A 183 -23.38 8.89 29.74
CA ALA A 183 -23.99 7.63 29.32
C ALA A 183 -23.74 7.39 27.83
N ALA A 184 -23.90 8.41 26.99
CA ALA A 184 -23.64 8.25 25.57
C ALA A 184 -22.17 7.90 25.30
N ARG A 185 -21.26 8.57 26.00
CA ARG A 185 -19.84 8.29 25.83
C ARG A 185 -19.51 6.85 26.24
N VAL A 186 -20.08 6.39 27.35
CA VAL A 186 -19.85 5.02 27.79
C VAL A 186 -20.39 4.03 26.77
N LEU A 187 -21.58 4.30 26.23
CA LEU A 187 -22.15 3.42 25.21
C LEU A 187 -21.28 3.36 23.96
N ILE A 188 -20.75 4.52 23.54
CA ILE A 188 -19.88 4.55 22.35
C ILE A 188 -18.59 3.79 22.62
N ALA A 189 -18.02 3.95 23.81
CA ALA A 189 -16.80 3.22 24.16
C ALA A 189 -17.05 1.71 24.18
N SER A 190 -18.19 1.29 24.75
CA SER A 190 -18.51 -0.13 24.77
C SER A 190 -18.73 -0.68 23.36
N THR A 191 -19.39 0.10 22.50
CA THR A 191 -19.60 -0.34 21.12
C THR A 191 -18.27 -0.47 20.39
N LEU A 192 -17.36 0.49 20.57
CA LEU A 192 -16.06 0.41 19.93
C LEU A 192 -15.27 -0.78 20.45
N THR A 193 -15.36 -1.04 21.76
CA THR A 193 -14.68 -2.20 22.33
C THR A 193 -15.21 -3.50 21.76
N LEU A 194 -16.55 -3.60 21.62
CA LEU A 194 -17.14 -4.81 21.06
C LEU A 194 -16.71 -5.00 19.60
N LEU A 195 -16.68 -3.91 18.83
CA LEU A 195 -16.23 -4.02 17.45
C LEU A 195 -14.76 -4.44 17.36
N VAL A 196 -13.92 -3.88 18.23
CA VAL A 196 -12.51 -4.26 18.25
C VAL A 196 -12.36 -5.74 18.61
N GLY A 197 -13.14 -6.21 19.58
CA GLY A 197 -13.09 -7.61 19.93
C GLY A 197 -13.57 -8.52 18.82
N ILE A 198 -14.61 -8.09 18.10
CA ILE A 198 -15.08 -8.86 16.95
C ILE A 198 -14.01 -8.95 15.88
N ILE A 199 -13.34 -7.82 15.60
CA ILE A 199 -12.27 -7.83 14.60
C ILE A 199 -11.12 -8.73 15.03
N GLN A 200 -10.73 -8.67 16.30
CA GLN A 200 -9.65 -9.51 16.79
C GLN A 200 -10.02 -10.98 16.73
N LEU A 201 -11.25 -11.33 17.11
CA LEU A 201 -11.69 -12.72 17.03
C LEU A 201 -11.73 -13.21 15.60
N ILE A 202 -12.16 -12.37 14.66
CA ILE A 202 -12.16 -12.74 13.25
C ILE A 202 -10.74 -12.97 12.76
N PHE A 203 -9.82 -12.08 13.14
CA PHE A 203 -8.42 -12.26 12.75
C PHE A 203 -7.82 -13.50 13.37
N GLY A 204 -8.31 -13.91 14.55
CA GLY A 204 -7.87 -15.16 15.13
C GLY A 204 -8.43 -16.38 14.43
N GLY A 205 -9.67 -16.28 13.93
CA GLY A 205 -10.21 -17.35 13.12
C GLY A 205 -9.48 -17.50 11.80
N LEU A 206 -9.10 -16.36 11.18
CA LEU A 206 -8.34 -16.38 9.95
C LEU A 206 -6.89 -16.78 10.17
N GLN A 207 -6.42 -16.81 11.41
CA GLN A 207 -5.06 -17.19 11.77
C GLN A 207 -4.02 -16.25 11.17
N ILE A 208 -4.42 -15.05 10.76
CA ILE A 208 -3.48 -14.09 10.14
C ILE A 208 -2.90 -13.27 11.28
N GLY A 209 -1.93 -13.86 11.98
CA GLY A 209 -1.24 -13.22 13.07
C GLY A 209 0.04 -12.54 12.69
N PHE A 210 0.42 -12.60 11.42
CA PHE A 210 1.64 -11.96 10.92
C PHE A 210 1.45 -10.50 10.57
N ILE A 211 0.25 -9.96 10.79
CA ILE A 211 -0.01 -8.56 10.44
C ILE A 211 0.83 -7.62 11.28
N VAL A 212 1.14 -8.00 12.53
CA VAL A 212 2.02 -7.18 13.34
C VAL A 212 3.43 -7.13 12.79
N ARG A 213 3.79 -8.07 11.91
CA ARG A 213 5.04 -7.91 11.19
C ARG A 213 5.01 -6.62 10.39
N TYR A 214 3.90 -6.33 9.71
CA TYR A 214 3.79 -5.13 8.90
C TYR A 214 3.97 -3.86 9.71
N LEU A 215 3.79 -3.93 11.03
CA LEU A 215 4.10 -2.80 11.90
C LEU A 215 5.61 -2.77 12.11
N ALA A 216 6.29 -2.15 11.15
CA ALA A 216 7.75 -2.07 11.19
C ALA A 216 8.21 -1.25 12.39
N ASP A 217 9.38 -1.60 12.90
CA ASP A 217 9.94 -0.88 14.05
C ASP A 217 10.04 0.62 13.83
N PRO A 218 10.51 1.13 12.67
CA PRO A 218 10.51 2.59 12.48
C PRO A 218 9.13 3.22 12.55
N LEU A 219 8.12 2.61 11.91
CA LEU A 219 6.79 3.20 11.97
C LEU A 219 6.16 3.01 13.34
N VAL A 220 6.47 1.90 14.03
CA VAL A 220 6.03 1.74 15.41
C VAL A 220 6.61 2.85 16.28
N GLY A 221 7.89 3.18 16.08
CA GLY A 221 8.49 4.25 16.86
C GLY A 221 7.90 5.62 16.54
N GLY A 222 7.68 5.91 15.27
CA GLY A 222 7.06 7.17 14.91
C GLY A 222 5.66 7.30 15.45
N PHE A 223 4.86 6.23 15.33
CA PHE A 223 3.52 6.22 15.89
C PHE A 223 3.55 6.37 17.41
N THR A 224 4.54 5.74 18.07
CA THR A 224 4.67 5.86 19.51
C THR A 224 4.96 7.30 19.92
N THR A 225 5.87 7.97 19.22
CA THR A 225 6.18 9.36 19.55
C THR A 225 4.98 10.27 19.30
N ALA A 226 4.28 10.08 18.17
CA ALA A 226 3.10 10.89 17.89
C ALA A 226 2.00 10.65 18.91
N ALA A 227 1.80 9.39 19.31
CA ALA A 227 0.81 9.08 20.32
C ALA A 227 1.19 9.68 21.67
N ALA A 228 2.48 9.70 21.98
CA ALA A 228 2.94 10.36 23.20
C ALA A 228 2.62 11.85 23.16
N PHE A 229 2.82 12.49 22.00
CA PHE A 229 2.47 13.90 21.87
C PHE A 229 0.98 14.12 22.05
N GLN A 230 0.15 13.27 21.44
CA GLN A 230 -1.30 13.39 21.57
C GLN A 230 -1.74 13.22 23.02
N VAL A 231 -1.21 12.20 23.70
CA VAL A 231 -1.54 11.95 25.10
C VAL A 231 -1.10 13.11 25.96
N LEU A 232 0.10 13.65 25.70
CA LEU A 232 0.58 14.79 26.46
C LEU A 232 -0.35 15.99 26.29
N VAL A 233 -0.80 16.25 25.07
CA VAL A 233 -1.69 17.38 24.84
C VAL A 233 -3.01 17.19 25.58
N SER A 234 -3.58 15.99 25.50
CA SER A 234 -4.87 15.75 26.16
C SER A 234 -4.73 15.86 27.68
N GLN A 235 -3.71 15.24 28.26
CA GLN A 235 -3.53 15.29 29.70
C GLN A 235 -3.09 16.68 30.17
N LEU A 236 -2.48 17.47 29.29
CA LEU A 236 -2.16 18.86 29.63
C LEU A 236 -3.42 19.71 29.63
N LYS A 237 -4.36 19.42 28.73
CA LYS A 237 -5.69 20.01 28.84
C LYS A 237 -6.34 19.62 30.17
N ILE A 238 -6.17 18.37 30.59
CA ILE A 238 -6.82 17.91 31.81
C ILE A 238 -6.22 18.57 33.05
N VAL A 239 -4.88 18.63 33.14
CA VAL A 239 -4.27 19.15 34.36
C VAL A 239 -4.58 20.64 34.54
N LEU A 240 -4.54 21.41 33.45
CA LEU A 240 -4.82 22.83 33.53
C LEU A 240 -6.29 23.12 33.85
N ASN A 241 -7.15 22.11 33.77
CA ASN A 241 -8.58 22.25 34.05
C ASN A 241 -9.19 23.33 33.16
N VAL A 242 -8.72 23.42 31.92
CA VAL A 242 -9.21 24.40 30.96
C VAL A 242 -10.30 23.77 30.10
N SER A 243 -11.31 24.55 29.76
CA SER A 243 -12.41 24.10 28.92
C SER A 243 -12.04 24.37 27.47
N THR A 244 -11.75 23.30 26.72
CA THR A 244 -11.39 23.39 25.32
C THR A 244 -12.40 22.60 24.50
N LYS A 245 -12.99 23.25 23.50
CA LYS A 245 -13.91 22.56 22.62
C LYS A 245 -13.17 21.50 21.81
N ASN A 246 -13.80 20.33 21.67
CA ASN A 246 -13.13 19.20 21.05
C ASN A 246 -13.00 19.42 19.55
N TYR A 247 -11.79 19.21 19.03
CA TYR A 247 -11.51 19.30 17.60
C TYR A 247 -11.40 17.89 17.04
N ASN A 248 -12.23 17.57 16.05
CA ASN A 248 -12.19 16.29 15.37
C ASN A 248 -11.80 16.52 13.92
N GLY A 249 -10.75 15.83 13.47
CA GLY A 249 -10.30 15.98 12.10
C GLY A 249 -8.81 16.16 11.95
N ILE A 250 -8.40 16.81 10.86
CA ILE A 250 -7.00 17.00 10.56
C ILE A 250 -6.47 18.18 11.36
N LEU A 251 -5.19 18.12 11.74
CA LEU A 251 -4.53 19.21 12.47
C LEU A 251 -5.17 19.45 13.83
N SER A 252 -5.86 18.43 14.37
CA SER A 252 -6.65 18.61 15.58
C SER A 252 -5.77 18.90 16.80
N ILE A 253 -4.61 18.26 16.89
CA ILE A 253 -3.74 18.48 18.04
C ILE A 253 -3.22 19.91 18.06
N ILE A 254 -2.93 20.48 16.89
CA ILE A 254 -2.46 21.87 16.84
C ILE A 254 -3.58 22.83 17.23
N TYR A 255 -4.80 22.57 16.78
CA TYR A 255 -5.94 23.39 17.21
C TYR A 255 -6.13 23.31 18.71
N THR A 256 -6.02 22.10 19.28
CA THR A 256 -6.16 21.94 20.72
C THR A 256 -5.07 22.69 21.47
N LEU A 257 -3.83 22.63 20.97
CA LEU A 257 -2.75 23.37 21.61
C LEU A 257 -2.99 24.87 21.53
N ILE A 258 -3.48 25.36 20.39
CA ILE A 258 -3.76 26.78 20.25
C ILE A 258 -4.83 27.21 21.24
N GLU A 259 -5.91 26.43 21.36
CA GLU A 259 -6.96 26.78 22.30
C GLU A 259 -6.47 26.69 23.75
N ILE A 260 -5.61 25.72 24.05
CA ILE A 260 -5.06 25.62 25.39
C ILE A 260 -4.20 26.83 25.73
N PHE A 261 -3.35 27.26 24.79
CA PHE A 261 -2.55 28.46 25.03
C PHE A 261 -3.42 29.71 25.13
N GLN A 262 -4.56 29.72 24.44
CA GLN A 262 -5.46 30.87 24.55
C GLN A 262 -6.18 30.88 25.89
N ASN A 263 -6.59 29.72 26.39
CA ASN A 263 -7.34 29.62 27.63
C ASN A 263 -6.46 29.43 28.86
N ILE A 264 -5.13 29.44 28.70
CA ILE A 264 -4.22 29.29 29.84
C ILE A 264 -4.48 30.32 30.92
N GLY A 265 -5.19 31.42 30.61
CA GLY A 265 -5.57 32.37 31.64
C GLY A 265 -6.63 31.85 32.58
N ASN A 266 -7.40 30.86 32.16
CA ASN A 266 -8.43 30.24 32.98
C ASN A 266 -7.92 29.00 33.71
N THR A 267 -6.61 28.80 33.76
CA THR A 267 -6.04 27.63 34.40
C THR A 267 -6.39 27.61 35.89
N ASN A 268 -6.83 26.45 36.37
CA ASN A 268 -7.02 26.27 37.80
C ASN A 268 -5.67 26.11 38.47
N LEU A 269 -5.34 27.06 39.35
CA LEU A 269 -4.00 27.09 39.93
C LEU A 269 -3.74 25.83 40.77
N ALA A 270 -4.71 25.43 41.59
CA ALA A 270 -4.51 24.27 42.46
C ALA A 270 -4.29 23.00 41.66
N ASP A 271 -5.09 22.80 40.60
CA ASP A 271 -4.92 21.61 39.78
C ASP A 271 -3.57 21.62 39.07
N PHE A 272 -3.16 22.78 38.56
CA PHE A 272 -1.87 22.88 37.88
C PHE A 272 -0.72 22.58 38.84
N ILE A 273 -0.78 23.12 40.06
CA ILE A 273 0.28 22.86 41.04
C ILE A 273 0.29 21.38 41.42
N ALA A 274 -0.88 20.78 41.63
CA ALA A 274 -0.94 19.37 41.96
C ALA A 274 -0.31 18.52 40.86
N GLY A 275 -0.67 18.81 39.60
CA GLY A 275 -0.10 18.06 38.50
C GLY A 275 1.39 18.27 38.35
N LEU A 276 1.86 19.51 38.54
CA LEU A 276 3.28 19.79 38.40
C LEU A 276 4.09 19.05 39.46
N LEU A 277 3.66 19.10 40.72
CA LEU A 277 4.39 18.38 41.76
C LEU A 277 4.28 16.87 41.55
N THR A 278 3.14 16.36 41.10
CA THR A 278 3.05 14.93 40.81
C THR A 278 4.06 14.53 39.74
N ILE A 279 4.14 15.30 38.66
CA ILE A 279 5.10 15.01 37.59
C ILE A 279 6.52 15.07 38.12
N ILE A 280 6.83 16.12 38.88
CA ILE A 280 8.19 16.31 39.37
C ILE A 280 8.60 15.16 40.30
N ILE A 281 7.71 14.78 41.22
CA ILE A 281 8.02 13.70 42.15
C ILE A 281 8.17 12.38 41.40
N CYS A 282 7.29 12.11 40.44
CA CYS A 282 7.39 10.86 39.68
C CYS A 282 8.70 10.80 38.90
N MET A 283 9.07 11.89 38.23
CA MET A 283 10.33 11.92 37.49
C MET A 283 11.52 11.73 38.41
N ALA A 284 11.54 12.44 39.54
CA ALA A 284 12.66 12.35 40.46
C ALA A 284 12.82 10.94 41.02
N VAL A 285 11.70 10.32 41.43
CA VAL A 285 11.77 8.98 42.01
C VAL A 285 12.15 7.96 40.95
N LYS A 286 11.63 8.12 39.73
CA LYS A 286 11.99 7.19 38.66
C LYS A 286 13.48 7.30 38.32
N GLU A 287 14.01 8.53 38.28
CA GLU A 287 15.44 8.70 38.02
C GLU A 287 16.28 8.12 39.14
N LEU A 288 15.86 8.31 40.39
CA LEU A 288 16.59 7.73 41.51
C LEU A 288 16.57 6.20 41.45
N ASN A 289 15.42 5.62 41.11
CA ASN A 289 15.32 4.17 41.00
C ASN A 289 16.21 3.64 39.88
N ASP A 290 16.22 4.34 38.74
CA ASP A 290 17.07 3.92 37.63
C ASP A 290 18.55 4.01 37.99
N ARG A 291 18.94 5.10 38.68
CA ARG A 291 20.33 5.25 39.08
C ARG A 291 20.67 4.36 40.27
N PHE A 292 19.96 4.55 41.38
CA PHE A 292 20.14 3.71 42.58
C PHE A 292 19.33 2.43 42.36
N LYS A 293 19.91 1.54 41.56
CA LYS A 293 19.23 0.32 41.14
C LYS A 293 19.85 -0.95 41.69
N HIS A 294 21.07 -0.89 42.24
CA HIS A 294 21.69 -2.09 42.78
C HIS A 294 20.89 -2.66 43.94
N LYS A 295 20.39 -1.80 44.82
CA LYS A 295 19.51 -2.21 45.90
C LYS A 295 18.05 -2.00 45.50
N ILE A 296 17.16 -2.62 46.27
CA ILE A 296 15.72 -2.56 46.05
C ILE A 296 15.40 -3.01 44.62
N PRO A 297 15.53 -4.30 44.31
CA PRO A 297 15.21 -4.76 42.95
C PRO A 297 13.77 -4.47 42.54
N VAL A 298 12.84 -4.51 43.48
CA VAL A 298 11.44 -4.18 43.17
C VAL A 298 11.33 -2.69 42.83
N PRO A 299 10.65 -2.31 41.76
CA PRO A 299 10.49 -0.89 41.44
C PRO A 299 9.65 -0.19 42.50
N ILE A 300 9.95 1.09 42.69
CA ILE A 300 9.23 1.91 43.67
C ILE A 300 7.88 2.28 43.09
N PRO A 301 6.77 1.92 43.74
CA PRO A 301 5.43 2.32 43.26
C PRO A 301 5.11 3.76 43.63
N ILE A 302 5.86 4.69 43.04
CA ILE A 302 5.73 6.10 43.39
C ILE A 302 4.36 6.64 43.01
N GLU A 303 3.80 6.17 41.88
CA GLU A 303 2.52 6.70 41.44
C GLU A 303 1.42 6.41 42.45
N VAL A 304 1.38 5.20 43.01
CA VAL A 304 0.36 4.84 43.97
C VAL A 304 0.49 5.68 45.24
N ILE A 305 1.72 5.86 45.73
CA ILE A 305 1.94 6.65 46.94
C ILE A 305 1.55 8.10 46.71
N VAL A 306 1.93 8.65 45.55
CA VAL A 306 1.57 10.03 45.21
C VAL A 306 0.05 10.18 45.15
N THR A 307 -0.63 9.22 44.53
CA THR A 307 -2.08 9.28 44.44
C THR A 307 -2.73 9.22 45.83
N ILE A 308 -2.24 8.33 46.69
CA ILE A 308 -2.80 8.21 48.03
C ILE A 308 -2.60 9.50 48.81
N ILE A 309 -1.39 10.07 48.75
CA ILE A 309 -1.10 11.31 49.47
C ILE A 309 -1.97 12.45 48.94
N ALA A 310 -2.10 12.55 47.61
CA ALA A 310 -2.91 13.61 47.03
C ALA A 310 -4.37 13.47 47.41
N THR A 311 -4.89 12.24 47.40
CA THR A 311 -6.27 12.01 47.81
C THR A 311 -6.50 12.40 49.26
N ALA A 312 -5.57 12.00 50.13
CA ALA A 312 -5.71 12.34 51.55
C ALA A 312 -5.65 13.85 51.76
N ILE A 313 -4.73 14.53 51.08
CA ILE A 313 -4.60 15.98 51.22
C ILE A 313 -5.85 16.68 50.71
N SER A 314 -6.37 16.23 49.56
CA SER A 314 -7.57 16.84 49.00
C SER A 314 -8.77 16.63 49.91
N TYR A 315 -8.87 15.44 50.52
CA TYR A 315 -9.95 15.21 51.47
C TYR A 315 -9.81 16.10 52.70
N ALA A 316 -8.57 16.27 53.19
CA ALA A 316 -8.36 17.08 54.38
C ALA A 316 -8.66 18.55 54.13
N VAL A 317 -8.29 19.07 52.96
CA VAL A 317 -8.46 20.49 52.66
C VAL A 317 -9.77 20.78 51.91
N ASN A 318 -10.40 19.77 51.31
CA ASN A 318 -11.62 19.93 50.53
C ASN A 318 -11.40 20.91 49.37
N LEU A 319 -10.52 20.50 48.47
CA LEU A 319 -10.16 21.34 47.34
C LEU A 319 -11.30 21.50 46.35
N GLU A 320 -12.31 20.63 46.40
CA GLU A 320 -13.44 20.74 45.48
C GLU A 320 -14.21 22.04 45.72
N LYS A 321 -14.40 22.41 46.99
CA LYS A 321 -15.16 23.59 47.35
C LYS A 321 -14.27 24.81 47.62
N ASN A 322 -13.22 24.63 48.41
CA ASN A 322 -12.39 25.76 48.80
C ASN A 322 -11.62 26.33 47.61
N TYR A 323 -11.04 25.45 46.79
CA TYR A 323 -10.22 25.89 45.67
C TYR A 323 -10.77 25.49 44.31
N ASN A 324 -11.94 24.86 44.26
CA ASN A 324 -12.60 24.48 43.01
C ASN A 324 -11.70 23.62 42.13
N ALA A 325 -11.02 22.67 42.77
CA ALA A 325 -10.17 21.74 42.04
C ALA A 325 -11.02 20.73 41.27
N GLY A 326 -10.42 20.17 40.22
CA GLY A 326 -11.12 19.23 39.37
C GLY A 326 -11.01 17.79 39.84
N ILE A 327 -11.63 17.48 40.98
CA ILE A 327 -11.63 16.12 41.51
C ILE A 327 -12.54 15.25 40.66
N VAL A 328 -12.40 13.92 40.79
CA VAL A 328 -13.23 13.01 40.00
C VAL A 328 -14.69 13.15 40.38
N LYS A 329 -14.98 13.25 41.68
CA LYS A 329 -16.29 13.65 42.21
C LYS A 329 -17.35 12.57 42.02
N SER A 330 -17.02 11.51 41.29
CA SER A 330 -18.02 10.48 41.01
C SER A 330 -17.31 9.17 40.67
N ILE A 331 -17.39 8.20 41.58
CA ILE A 331 -16.95 6.84 41.32
C ILE A 331 -18.03 5.89 41.81
N PRO A 332 -18.73 5.21 40.91
CA PRO A 332 -19.85 4.35 41.35
C PRO A 332 -19.38 3.20 42.20
N ARG A 333 -20.23 2.80 43.14
CA ARG A 333 -19.98 1.65 44.00
C ARG A 333 -20.87 0.49 43.53
N GLY A 334 -20.27 -0.66 43.28
CA GLY A 334 -20.98 -1.83 42.82
C GLY A 334 -20.68 -2.13 41.37
N PHE A 335 -21.29 -3.20 40.88
CA PHE A 335 -21.10 -3.68 39.52
C PHE A 335 -22.34 -3.36 38.69
N LEU A 336 -22.14 -2.68 37.57
CA LEU A 336 -23.23 -2.36 36.66
C LEU A 336 -23.67 -3.60 35.89
N PRO A 337 -24.95 -3.71 35.56
CA PRO A 337 -25.40 -4.87 34.79
C PRO A 337 -24.99 -4.74 33.33
N PRO A 338 -24.77 -5.86 32.64
CA PRO A 338 -24.35 -5.79 31.24
C PRO A 338 -25.45 -5.23 30.35
N GLU A 339 -25.02 -4.55 29.28
CA GLU A 339 -25.93 -3.99 28.30
C GLU A 339 -25.42 -4.32 26.90
N ILE A 340 -26.35 -4.48 25.97
CA ILE A 340 -26.00 -4.76 24.57
C ILE A 340 -25.64 -3.44 23.88
N PRO A 341 -24.43 -3.30 23.36
CA PRO A 341 -24.07 -2.05 22.69
C PRO A 341 -24.87 -1.90 21.40
N PRO A 342 -25.16 -0.67 20.99
CA PRO A 342 -25.84 -0.47 19.70
C PRO A 342 -24.93 -0.73 18.52
N ILE A 343 -25.15 -1.85 17.83
CA ILE A 343 -24.29 -2.22 16.70
C ILE A 343 -24.47 -1.31 15.50
N SER A 344 -25.52 -0.48 15.50
CA SER A 344 -25.74 0.44 14.37
C SER A 344 -24.60 1.43 14.21
N LEU A 345 -23.80 1.66 15.26
CA LEU A 345 -22.66 2.55 15.17
C LEU A 345 -21.44 1.89 14.54
N PHE A 346 -21.49 0.58 14.28
CA PHE A 346 -20.34 -0.12 13.72
C PHE A 346 -19.87 0.49 12.42
N SER A 347 -20.77 1.10 11.65
CA SER A 347 -20.39 1.69 10.37
C SER A 347 -19.49 2.90 10.55
N GLU A 348 -19.57 3.57 11.70
CA GLU A 348 -18.78 4.77 11.95
C GLU A 348 -17.51 4.47 12.73
N MET A 349 -17.19 3.20 12.98
CA MET A 349 -16.04 2.83 13.78
C MET A 349 -15.09 1.87 13.08
N LEU A 350 -15.35 1.51 11.82
CA LEU A 350 -14.59 0.43 11.19
C LEU A 350 -13.11 0.78 11.08
N THR A 351 -12.79 1.93 10.51
CA THR A 351 -11.39 2.33 10.35
C THR A 351 -10.72 2.53 11.70
N ALA A 352 -11.46 3.02 12.69
CA ALA A 352 -10.91 3.19 14.03
C ALA A 352 -10.75 1.86 14.74
N SER A 353 -11.76 0.99 14.65
CA SER A 353 -11.70 -0.28 15.35
C SER A 353 -10.60 -1.18 14.80
N PHE A 354 -10.42 -1.20 13.48
CA PHE A 354 -9.35 -2.00 12.89
C PHE A 354 -7.98 -1.59 13.43
N SER A 355 -7.71 -0.28 13.41
CA SER A 355 -6.41 0.21 13.86
C SER A 355 -6.24 0.00 15.36
N ILE A 356 -7.30 0.20 16.15
CA ILE A 356 -7.20 0.00 17.59
C ILE A 356 -6.91 -1.47 17.90
N ALA A 357 -7.61 -2.38 17.22
CA ALA A 357 -7.36 -3.80 17.42
C ALA A 357 -5.93 -4.16 17.04
N VAL A 358 -5.45 -3.65 15.91
CA VAL A 358 -4.09 -3.96 15.47
C VAL A 358 -3.07 -3.46 16.48
N VAL A 359 -3.23 -2.21 16.93
CA VAL A 359 -2.27 -1.61 17.85
C VAL A 359 -2.27 -2.34 19.19
N ALA A 360 -3.46 -2.61 19.73
CA ALA A 360 -3.56 -3.29 21.03
C ALA A 360 -2.96 -4.68 20.96
N TYR A 361 -3.27 -5.43 19.89
CA TYR A 361 -2.71 -6.76 19.74
C TYR A 361 -1.19 -6.71 19.58
N ALA A 362 -0.69 -5.73 18.83
CA ALA A 362 0.75 -5.61 18.65
C ALA A 362 1.46 -5.34 19.97
N ILE A 363 0.91 -4.42 20.78
CA ILE A 363 1.49 -4.16 22.09
C ILE A 363 1.46 -5.41 22.95
N ALA A 364 0.33 -6.12 22.94
CA ALA A 364 0.20 -7.32 23.76
C ALA A 364 1.22 -8.37 23.37
N VAL A 365 1.37 -8.64 22.07
CA VAL A 365 2.31 -9.67 21.65
C VAL A 365 3.74 -9.22 21.83
N SER A 366 4.02 -7.93 21.69
CA SER A 366 5.37 -7.44 21.96
C SER A 366 5.77 -7.71 23.40
N VAL A 367 4.92 -7.32 24.35
CA VAL A 367 5.24 -7.55 25.76
C VAL A 367 5.29 -9.04 26.07
N GLY A 368 4.35 -9.81 25.52
CA GLY A 368 4.34 -11.24 25.75
C GLY A 368 5.59 -11.93 25.25
N LYS A 369 6.07 -11.54 24.07
CA LYS A 369 7.30 -12.11 23.54
C LYS A 369 8.50 -11.69 24.36
N VAL A 370 8.55 -10.42 24.79
CA VAL A 370 9.67 -9.94 25.60
C VAL A 370 9.79 -10.75 26.88
N TYR A 371 8.66 -11.09 27.49
CA TYR A 371 8.73 -11.88 28.72
C TYR A 371 8.81 -13.39 28.47
N ALA A 372 8.35 -13.87 27.32
CA ALA A 372 8.41 -15.29 27.02
C ALA A 372 9.83 -15.71 26.65
N ILE A 373 10.56 -14.86 25.93
CA ILE A 373 11.96 -15.17 25.66
C ILE A 373 12.77 -15.16 26.94
N LYS A 374 12.42 -14.28 27.89
CA LYS A 374 13.10 -14.27 29.18
C LYS A 374 12.80 -15.51 30.00
N TYR A 375 11.53 -15.94 30.02
CA TYR A 375 11.12 -17.10 30.80
C TYR A 375 11.07 -18.38 29.97
N ASP A 376 11.54 -18.34 28.72
CA ASP A 376 11.73 -19.54 27.90
C ASP A 376 10.43 -20.30 27.70
N TYR A 377 9.47 -19.65 27.05
CA TYR A 377 8.24 -20.30 26.60
C TYR A 377 7.75 -19.57 25.36
N THR A 378 6.66 -20.06 24.78
CA THR A 378 6.13 -19.52 23.54
C THR A 378 4.67 -19.11 23.73
N ILE A 379 4.25 -18.14 22.92
CA ILE A 379 2.89 -17.62 22.94
C ILE A 379 2.32 -17.72 21.53
N ASP A 380 1.09 -18.18 21.41
CA ASP A 380 0.42 -18.32 20.13
C ASP A 380 -0.22 -16.99 19.74
N GLY A 381 0.24 -16.41 18.62
CA GLY A 381 -0.31 -15.13 18.20
C GLY A 381 -1.77 -15.21 17.81
N ASN A 382 -2.16 -16.30 17.14
CA ASN A 382 -3.57 -16.50 16.81
C ASN A 382 -4.40 -16.66 18.07
N GLN A 383 -3.86 -17.37 19.06
CA GLN A 383 -4.58 -17.44 20.33
C GLN A 383 -4.54 -16.11 21.08
N GLU A 384 -3.56 -15.25 20.80
CA GLU A 384 -3.61 -13.90 21.35
C GLU A 384 -4.76 -13.11 20.74
N PHE A 385 -4.92 -13.17 19.42
CA PHE A 385 -6.18 -12.76 18.79
C PHE A 385 -7.40 -13.28 19.52
N ILE A 386 -7.49 -14.60 19.69
CA ILE A 386 -8.70 -15.19 20.24
C ILE A 386 -8.97 -14.66 21.64
N ALA A 387 -7.93 -14.65 22.49
CA ALA A 387 -8.09 -14.23 23.87
C ALA A 387 -8.47 -12.76 23.97
N PHE A 388 -7.79 -11.90 23.21
CA PHE A 388 -8.05 -10.48 23.32
C PHE A 388 -9.36 -10.09 22.65
N GLY A 389 -9.77 -10.78 21.59
CA GLY A 389 -11.08 -10.54 21.02
C GLY A 389 -12.20 -10.94 21.96
N ILE A 390 -12.08 -12.11 22.59
CA ILE A 390 -13.06 -12.51 23.60
C ILE A 390 -13.05 -11.50 24.74
N SER A 391 -11.87 -11.04 25.14
CA SER A 391 -11.77 -10.08 26.23
C SER A 391 -12.46 -8.77 25.90
N ASN A 392 -12.25 -8.27 24.68
CA ASN A 392 -12.84 -6.99 24.31
C ASN A 392 -14.34 -7.12 24.12
N ILE A 393 -14.82 -8.26 23.61
CA ILE A 393 -16.25 -8.49 23.50
C ILE A 393 -16.88 -8.50 24.90
N PHE A 394 -16.29 -9.28 25.81
CA PHE A 394 -16.81 -9.39 27.17
C PHE A 394 -16.80 -8.05 27.89
N SER A 395 -15.72 -7.28 27.71
CA SER A 395 -15.63 -5.98 28.37
C SER A 395 -16.59 -4.97 27.76
N GLY A 396 -16.78 -5.01 26.44
CA GLY A 396 -17.74 -4.12 25.81
C GLY A 396 -19.17 -4.41 26.25
N PHE A 397 -19.48 -5.69 26.47
CA PHE A 397 -20.78 -6.02 27.05
C PHE A 397 -20.93 -5.46 28.45
N PHE A 398 -19.80 -5.20 29.14
CA PHE A 398 -19.82 -4.71 30.51
C PHE A 398 -19.29 -3.29 30.66
N SER A 399 -19.45 -2.43 29.65
CA SER A 399 -19.14 -1.01 29.74
C SER A 399 -17.66 -0.78 30.04
N CYS A 400 -16.81 -1.23 29.12
CA CYS A 400 -15.38 -1.04 29.23
C CYS A 400 -14.82 -0.63 27.87
N PHE A 401 -13.69 0.06 27.89
CA PHE A 401 -12.99 0.40 26.66
C PHE A 401 -11.93 -0.65 26.35
N VAL A 402 -11.33 -0.51 25.16
CA VAL A 402 -10.50 -1.57 24.60
C VAL A 402 -9.35 -1.90 25.53
N ALA A 403 -9.07 -3.19 25.68
CA ALA A 403 -8.10 -3.69 26.64
C ALA A 403 -6.92 -4.33 25.93
N THR A 404 -5.73 -4.08 26.48
CA THR A 404 -4.48 -4.71 26.04
C THR A 404 -3.58 -4.78 27.27
N THR A 405 -2.28 -4.95 27.05
CA THR A 405 -1.34 -4.97 28.15
C THR A 405 -0.51 -3.68 28.15
N ALA A 406 0.03 -3.36 29.32
CA ALA A 406 0.90 -2.20 29.51
C ALA A 406 2.26 -2.67 29.98
N LEU A 407 3.31 -2.07 29.41
CA LEU A 407 4.67 -2.51 29.73
C LEU A 407 5.01 -2.23 31.19
N SER A 408 4.62 -1.08 31.72
CA SER A 408 4.91 -0.75 33.11
C SER A 408 4.19 -1.68 34.07
N ARG A 409 2.90 -1.93 33.83
CA ARG A 409 2.14 -2.83 34.69
C ARG A 409 2.65 -4.26 34.60
N THR A 410 3.02 -4.70 33.40
CA THR A 410 3.60 -6.03 33.25
C THR A 410 4.92 -6.15 33.98
N ALA A 411 5.75 -5.10 33.89
CA ALA A 411 7.02 -5.10 34.62
C ALA A 411 6.77 -5.16 36.13
N VAL A 412 5.78 -4.42 36.62
CA VAL A 412 5.45 -4.47 38.04
C VAL A 412 5.01 -5.88 38.44
N GLN A 413 4.16 -6.50 37.62
CA GLN A 413 3.68 -7.85 37.93
C GLN A 413 4.83 -8.86 37.93
N GLU A 414 5.72 -8.76 36.95
CA GLU A 414 6.78 -9.76 36.81
C GLU A 414 7.87 -9.58 37.86
N SER A 415 8.26 -8.33 38.13
CA SER A 415 9.38 -8.08 39.03
C SER A 415 9.04 -8.40 40.49
N THR A 416 7.76 -8.41 40.85
CA THR A 416 7.34 -8.68 42.22
C THR A 416 6.92 -10.14 42.41
N GLY A 417 7.57 -11.06 41.70
CA GLY A 417 7.24 -12.47 41.81
C GLY A 417 6.33 -12.94 40.70
N GLY A 418 6.67 -12.57 39.46
CA GLY A 418 5.86 -12.93 38.32
C GLY A 418 5.73 -14.42 38.09
N LYS A 419 4.49 -14.90 38.07
CA LYS A 419 4.19 -16.30 37.82
C LYS A 419 2.98 -16.33 36.90
N THR A 420 2.29 -17.47 36.86
CA THR A 420 1.16 -17.67 35.96
C THR A 420 0.05 -16.65 36.24
N GLN A 421 -0.97 -16.68 35.38
CA GLN A 421 -2.03 -15.67 35.38
C GLN A 421 -2.89 -15.67 36.65
N ILE A 422 -2.53 -16.51 37.62
CA ILE A 422 -3.16 -16.42 38.95
C ILE A 422 -2.88 -15.05 39.56
N ALA A 423 -1.69 -14.51 39.32
CA ALA A 423 -1.41 -13.14 39.74
C ALA A 423 -2.37 -12.16 39.07
N GLY A 424 -2.71 -12.42 37.80
CA GLY A 424 -3.73 -11.62 37.16
C GLY A 424 -5.07 -11.70 37.86
N ILE A 425 -5.46 -12.90 38.30
CA ILE A 425 -6.71 -13.06 39.03
C ILE A 425 -6.66 -12.28 40.34
N ILE A 426 -5.52 -12.31 41.02
CA ILE A 426 -5.37 -11.55 42.26
C ILE A 426 -5.48 -10.05 42.00
N SER A 427 -4.87 -9.58 40.92
CA SER A 427 -4.98 -8.17 40.55
C SER A 427 -6.43 -7.80 40.26
N ALA A 428 -7.15 -8.67 39.55
CA ALA A 428 -8.56 -8.42 39.28
C ALA A 428 -9.37 -8.38 40.56
N ALA A 429 -9.05 -9.25 41.52
CA ALA A 429 -9.73 -9.23 42.81
C ALA A 429 -9.46 -7.93 43.55
N VAL A 430 -8.23 -7.44 43.48
CA VAL A 430 -7.91 -6.15 44.10
C VAL A 430 -8.70 -5.02 43.44
N VAL A 431 -8.79 -5.04 42.11
CA VAL A 431 -9.59 -4.03 41.40
C VAL A 431 -11.05 -4.14 41.81
N MET A 432 -11.55 -5.36 41.99
CA MET A 432 -12.94 -5.55 42.41
C MET A 432 -13.19 -5.00 43.80
N ILE A 433 -12.29 -5.27 44.74
CA ILE A 433 -12.51 -4.75 46.10
C ILE A 433 -12.32 -3.25 46.13
N ALA A 434 -11.54 -2.69 45.20
CA ALA A 434 -11.51 -1.24 45.06
C ALA A 434 -12.82 -0.71 44.51
N ILE A 435 -13.45 -1.46 43.59
CA ILE A 435 -14.72 -1.04 43.02
C ILE A 435 -15.81 -1.03 44.08
N VAL A 436 -15.89 -2.09 44.89
CA VAL A 436 -17.00 -2.26 45.80
C VAL A 436 -16.77 -1.60 47.16
N ALA A 437 -15.53 -1.36 47.56
CA ALA A 437 -15.23 -0.80 48.88
C ALA A 437 -14.49 0.52 48.80
N LEU A 438 -13.49 0.64 47.94
CA LEU A 438 -12.62 1.81 47.91
C LEU A 438 -13.08 2.87 46.92
N GLY A 439 -14.28 2.71 46.34
CA GLY A 439 -14.77 3.72 45.41
C GLY A 439 -15.00 5.06 46.07
N LYS A 440 -15.53 5.06 47.30
CA LYS A 440 -15.78 6.31 48.01
C LYS A 440 -14.47 6.96 48.46
N LEU A 441 -13.46 6.16 48.79
CA LEU A 441 -12.21 6.71 49.31
C LEU A 441 -11.45 7.51 48.25
N LEU A 442 -11.68 7.22 46.97
CA LEU A 442 -10.98 7.88 45.89
C LEU A 442 -11.77 9.03 45.29
N GLU A 443 -12.90 9.39 45.90
CA GLU A 443 -13.70 10.52 45.40
C GLU A 443 -12.93 11.84 45.39
N PRO A 444 -12.22 12.25 46.43
CA PRO A 444 -11.57 13.57 46.40
C PRO A 444 -10.32 13.64 45.55
N LEU A 445 -9.92 12.57 44.86
CA LEU A 445 -8.71 12.60 44.06
C LEU A 445 -8.90 13.45 42.82
N GLN A 446 -7.98 14.38 42.58
CA GLN A 446 -8.05 15.24 41.41
C GLN A 446 -7.66 14.47 40.15
N LYS A 447 -8.26 14.85 39.03
CA LYS A 447 -7.89 14.27 37.74
C LYS A 447 -6.53 14.76 37.26
N SER A 448 -6.09 15.93 37.76
CA SER A 448 -4.78 16.44 37.40
C SER A 448 -3.67 15.50 37.86
N VAL A 449 -3.85 14.83 39.00
CA VAL A 449 -2.85 13.88 39.48
C VAL A 449 -2.73 12.71 38.52
N LEU A 450 -3.87 12.17 38.06
CA LEU A 450 -3.85 11.06 37.12
C LEU A 450 -3.20 11.46 35.79
N ALA A 451 -3.60 12.63 35.27
CA ALA A 451 -3.01 13.09 34.02
C ALA A 451 -1.53 13.36 34.17
N ALA A 452 -1.11 13.85 35.33
CA ALA A 452 0.31 14.07 35.59
C ALA A 452 1.07 12.77 35.65
N VAL A 453 0.47 11.72 36.23
CA VAL A 453 1.10 10.40 36.25
C VAL A 453 1.32 9.91 34.82
N VAL A 454 0.29 10.04 33.98
CA VAL A 454 0.42 9.63 32.58
C VAL A 454 1.52 10.43 31.88
N ILE A 455 1.53 11.74 32.09
CA ILE A 455 2.54 12.59 31.46
C ILE A 455 3.94 12.20 31.91
N ALA A 456 4.09 11.88 33.20
CA ALA A 456 5.39 11.45 33.71
C ALA A 456 5.83 10.14 33.04
N ASN A 457 4.90 9.21 32.85
CA ASN A 457 5.25 7.97 32.18
C ASN A 457 5.48 8.13 30.68
N LEU A 458 5.08 9.26 30.09
CA LEU A 458 5.26 9.48 28.66
C LEU A 458 6.72 9.69 28.24
N LYS A 459 7.66 9.82 29.18
CA LYS A 459 9.03 10.17 28.82
C LYS A 459 9.69 9.09 27.97
N GLY A 460 9.47 7.83 28.30
CA GLY A 460 10.07 6.75 27.51
C GLY A 460 9.62 6.77 26.06
N MET A 461 8.32 7.04 25.84
CA MET A 461 7.83 7.20 24.47
C MET A 461 8.43 8.43 23.81
N PHE A 462 8.63 9.51 24.57
CA PHE A 462 9.19 10.72 23.99
C PHE A 462 10.66 10.58 23.60
N MET A 463 11.39 9.67 24.25
CA MET A 463 12.84 9.56 23.99
C MET A 463 13.22 8.95 22.62
N GLN A 464 12.33 8.74 21.64
CA GLN A 464 12.66 8.07 20.39
C GLN A 464 13.10 9.03 19.29
N VAL A 465 12.89 10.33 19.48
CA VAL A 465 13.48 11.32 18.60
C VAL A 465 14.99 11.26 18.67
N CYS A 466 15.55 10.67 19.73
CA CYS A 466 16.97 10.38 19.79
C CYS A 466 17.35 9.19 18.91
N ASP A 467 16.43 8.23 18.74
CA ASP A 467 16.70 7.11 17.85
C ASP A 467 16.60 7.53 16.38
N VAL A 468 15.81 8.57 16.10
CA VAL A 468 15.63 9.00 14.70
C VAL A 468 16.95 9.29 13.98
N PRO A 469 17.88 10.10 14.52
CA PRO A 469 19.07 10.47 13.74
C PRO A 469 19.97 9.28 13.38
N ARG A 470 20.16 8.33 14.30
CA ARG A 470 20.96 7.17 13.96
C ARG A 470 20.25 6.29 12.94
N LEU A 471 18.91 6.27 12.97
CA LEU A 471 18.17 5.61 11.92
C LEU A 471 18.43 6.25 10.57
N TRP A 472 18.50 7.58 10.54
CA TRP A 472 18.86 8.27 9.30
C TRP A 472 20.27 7.92 8.85
N ARG A 473 21.21 7.89 9.79
CA ARG A 473 22.59 7.58 9.44
C ARG A 473 22.79 6.14 9.01
N GLN A 474 21.89 5.23 9.40
CA GLN A 474 22.02 3.82 9.02
C GLN A 474 21.26 3.51 7.73
N ASN A 475 19.95 3.70 7.75
CA ASN A 475 19.11 3.43 6.58
C ASN A 475 18.13 4.58 6.42
N LYS A 476 18.31 5.36 5.35
CA LYS A 476 17.47 6.55 5.15
C LYS A 476 16.01 6.17 4.96
N THR A 477 15.73 5.01 4.37
CA THR A 477 14.35 4.60 4.16
C THR A 477 13.62 4.40 5.49
N ASP A 478 14.29 3.80 6.47
CA ASP A 478 13.66 3.58 7.77
C ASP A 478 13.43 4.89 8.50
N ALA A 479 14.35 5.84 8.39
CA ALA A 479 14.13 7.16 8.99
C ALA A 479 12.97 7.88 8.31
N VAL A 480 12.86 7.73 6.98
CA VAL A 480 11.74 8.33 6.26
C VAL A 480 10.43 7.71 6.74
N ILE A 481 10.40 6.40 6.95
CA ILE A 481 9.22 5.74 7.47
C ILE A 481 8.88 6.26 8.86
N TRP A 482 9.89 6.40 9.71
CA TRP A 482 9.69 6.93 11.06
C TRP A 482 9.06 8.32 11.01
N VAL A 483 9.67 9.22 10.25
CA VAL A 483 9.21 10.61 10.22
C VAL A 483 7.84 10.71 9.59
N PHE A 484 7.59 9.95 8.51
CA PHE A 484 6.28 9.97 7.88
C PHE A 484 5.20 9.47 8.83
N THR A 485 5.47 8.37 9.53
CA THR A 485 4.47 7.85 10.46
C THR A 485 4.20 8.84 11.59
N CYS A 486 5.26 9.46 12.13
CA CYS A 486 5.07 10.43 13.20
C CYS A 486 4.24 11.61 12.72
N ILE A 487 4.61 12.20 11.59
CA ILE A 487 3.91 13.38 11.09
C ILE A 487 2.47 13.04 10.72
N ALA A 488 2.27 11.88 10.09
CA ALA A 488 0.91 11.45 9.72
C ALA A 488 0.05 11.28 10.96
N SER A 489 0.53 10.50 11.94
CA SER A 489 -0.25 10.31 13.16
C SER A 489 -0.45 11.62 13.92
N ILE A 490 0.39 12.62 13.68
CA ILE A 490 0.16 13.94 14.29
C ILE A 490 -0.95 14.68 13.56
N ILE A 491 -0.76 14.98 12.27
CA ILE A 491 -1.83 15.59 11.51
C ILE A 491 -2.67 14.53 10.81
N LEU A 492 -3.45 13.80 11.60
CA LEU A 492 -4.45 12.81 11.21
C LEU A 492 -5.01 12.24 12.49
N GLY A 493 -5.94 11.30 12.40
CA GLY A 493 -6.22 10.45 13.52
C GLY A 493 -5.06 9.51 13.80
N LEU A 494 -5.01 9.01 15.04
CA LEU A 494 -4.02 7.98 15.35
C LEU A 494 -4.29 6.71 14.54
N ASP A 495 -5.57 6.37 14.36
CA ASP A 495 -5.92 5.25 13.49
C ASP A 495 -5.53 5.55 12.04
N LEU A 496 -5.87 6.74 11.57
CA LEU A 496 -5.50 7.14 10.21
C LEU A 496 -3.98 7.23 10.07
N GLY A 497 -3.31 7.72 11.11
CA GLY A 497 -1.85 7.74 11.07
C GLY A 497 -1.25 6.36 10.99
N LEU A 498 -1.80 5.41 11.73
CA LEU A 498 -1.31 4.03 11.67
C LEU A 498 -1.53 3.43 10.28
N LEU A 499 -2.71 3.64 9.71
CA LEU A 499 -2.98 3.13 8.36
C LEU A 499 -2.03 3.76 7.34
N ALA A 500 -1.82 5.08 7.44
CA ALA A 500 -0.90 5.76 6.54
C ALA A 500 0.52 5.23 6.69
N GLY A 501 0.95 4.99 7.93
CA GLY A 501 2.29 4.45 8.13
C GLY A 501 2.45 3.05 7.57
N LEU A 502 1.43 2.20 7.75
CA LEU A 502 1.49 0.85 7.19
C LEU A 502 1.56 0.88 5.66
N MET A 503 0.72 1.71 5.05
CA MET A 503 0.72 1.77 3.58
C MET A 503 1.99 2.44 3.07
N PHE A 504 2.57 3.36 3.84
CA PHE A 504 3.84 3.94 3.44
C PHE A 504 4.97 2.93 3.54
N GLY A 505 4.92 2.05 4.54
CA GLY A 505 5.88 0.95 4.58
C GLY A 505 5.76 0.04 3.38
N PHE A 506 4.52 -0.26 2.98
CA PHE A 506 4.31 -1.04 1.76
C PHE A 506 4.88 -0.32 0.55
N LEU A 507 4.66 1.00 0.47
CA LEU A 507 5.20 1.79 -0.63
C LEU A 507 6.73 1.76 -0.64
N THR A 508 7.36 1.85 0.53
CA THR A 508 8.81 1.80 0.59
C THR A 508 9.34 0.45 0.14
N VAL A 509 8.67 -0.64 0.53
CA VAL A 509 9.08 -1.96 0.06
C VAL A 509 8.95 -2.05 -1.46
N VAL A 510 7.83 -1.56 -2.00
CA VAL A 510 7.62 -1.61 -3.45
C VAL A 510 8.66 -0.77 -4.18
N VAL A 511 8.98 0.41 -3.66
CA VAL A 511 9.97 1.26 -4.30
C VAL A 511 11.35 0.61 -4.25
N ARG A 512 11.71 0.01 -3.11
CA ARG A 512 13.01 -0.63 -2.99
C ARG A 512 13.14 -1.81 -3.94
N VAL A 513 12.09 -2.61 -4.10
CA VAL A 513 12.12 -3.68 -5.09
C VAL A 513 11.91 -3.17 -6.52
N GLN A 514 11.56 -1.91 -6.68
CA GLN A 514 11.30 -1.32 -7.99
C GLN A 514 12.49 -0.57 -8.57
N PHE A 515 13.36 -0.02 -7.72
CA PHE A 515 14.56 0.69 -8.15
C PHE A 515 15.76 0.03 -7.48
N PRO A 516 16.19 -1.12 -7.98
CA PRO A 516 17.25 -1.88 -7.33
C PRO A 516 18.64 -1.39 -7.73
N SER A 517 19.65 -2.12 -7.26
CA SER A 517 21.02 -1.89 -7.68
C SER A 517 21.32 -2.81 -8.86
N TRP A 518 21.46 -2.25 -10.05
CA TRP A 518 21.76 -2.99 -11.25
C TRP A 518 23.17 -2.64 -11.70
N ASN A 519 23.87 -3.63 -12.26
CA ASN A 519 25.27 -3.45 -12.61
C ASN A 519 25.57 -4.14 -13.93
N SER A 520 26.63 -3.67 -14.58
CA SER A 520 27.22 -4.34 -15.73
C SER A 520 28.46 -5.08 -15.24
N LEU A 521 28.46 -6.40 -15.40
CA LEU A 521 29.46 -7.26 -14.78
C LEU A 521 30.52 -7.72 -15.77
N GLY A 522 31.72 -7.96 -15.23
CA GLY A 522 32.77 -8.61 -15.97
C GLY A 522 33.55 -9.51 -15.04
N SER A 523 34.37 -10.37 -15.64
CA SER A 523 35.03 -11.44 -14.90
C SER A 523 36.36 -11.00 -14.34
N ILE A 524 36.63 -11.41 -13.10
CA ILE A 524 37.99 -11.36 -12.57
C ILE A 524 38.87 -12.29 -13.40
N PRO A 525 40.06 -11.86 -13.83
CA PRO A 525 40.88 -12.73 -14.69
C PRO A 525 41.21 -14.06 -14.00
N ASN A 526 41.13 -15.13 -14.79
CA ASN A 526 41.47 -16.50 -14.39
C ASN A 526 40.55 -17.06 -13.31
N THR A 527 39.43 -16.42 -13.02
CA THR A 527 38.46 -16.92 -12.05
C THR A 527 37.07 -16.89 -12.66
N ASP A 528 36.07 -17.28 -11.87
CA ASP A 528 34.67 -17.26 -12.26
C ASP A 528 33.86 -16.26 -11.44
N ILE A 529 34.51 -15.19 -10.98
CA ILE A 529 33.87 -14.19 -10.13
C ILE A 529 33.54 -12.99 -10.99
N TYR A 530 32.25 -12.72 -11.18
CA TYR A 530 31.80 -11.64 -12.04
C TYR A 530 31.31 -10.48 -11.18
N ARG A 531 32.01 -9.37 -11.26
CA ARG A 531 31.74 -8.19 -10.44
C ARG A 531 31.53 -6.99 -11.35
N SER A 532 31.00 -5.91 -10.76
CA SER A 532 30.73 -4.70 -11.53
C SER A 532 32.00 -4.18 -12.18
N THR A 533 31.91 -3.84 -13.47
CA THR A 533 33.09 -3.43 -14.22
C THR A 533 33.62 -2.08 -13.75
N LYS A 534 32.74 -1.18 -13.32
CA LYS A 534 33.12 0.17 -12.91
C LYS A 534 33.45 0.26 -11.43
N ASP A 535 33.44 -0.87 -10.70
CA ASP A 535 33.65 -0.86 -9.26
C ASP A 535 35.00 -1.38 -8.81
N TYR A 536 35.67 -2.23 -9.61
CA TYR A 536 36.87 -2.90 -9.13
C TYR A 536 38.14 -2.53 -9.88
N LYS A 537 38.03 -1.92 -11.06
CA LYS A 537 39.16 -1.35 -11.79
C LYS A 537 40.15 -2.39 -12.30
N ASN A 538 39.93 -3.66 -11.95
CA ASN A 538 40.68 -4.77 -12.52
C ASN A 538 39.76 -5.72 -13.27
N ILE A 539 38.50 -5.35 -13.44
CA ILE A 539 37.53 -6.16 -14.17
C ILE A 539 37.80 -6.02 -15.66
N GLU A 540 37.87 -7.15 -16.36
CA GLU A 540 38.07 -7.16 -17.79
C GLU A 540 36.74 -7.40 -18.50
N GLU A 541 36.43 -6.52 -19.45
CA GLU A 541 35.20 -6.67 -20.23
C GLU A 541 35.35 -7.79 -21.24
N PRO A 542 34.42 -8.75 -21.29
CA PRO A 542 34.51 -9.82 -22.29
C PRO A 542 34.20 -9.29 -23.68
N GLU A 543 34.64 -10.05 -24.69
CA GLU A 543 34.58 -9.59 -26.08
C GLU A 543 33.17 -9.79 -26.62
N GLY A 544 32.49 -8.69 -26.90
CA GLY A 544 31.23 -8.74 -27.62
C GLY A 544 30.04 -9.22 -26.82
N VAL A 545 30.13 -9.25 -25.50
CA VAL A 545 29.01 -9.67 -24.65
C VAL A 545 28.90 -8.73 -23.46
N LYS A 546 27.66 -8.38 -23.11
CA LYS A 546 27.37 -7.57 -21.94
C LYS A 546 26.60 -8.40 -20.94
N ILE A 547 26.99 -8.31 -19.67
CA ILE A 547 26.37 -9.04 -18.58
C ILE A 547 25.69 -8.03 -17.67
N LEU A 548 24.39 -8.20 -17.45
CA LEU A 548 23.62 -7.29 -16.62
C LEU A 548 23.08 -8.04 -15.41
N ARG A 549 23.43 -7.56 -14.22
CA ARG A 549 22.87 -8.05 -12.97
C ARG A 549 21.78 -7.07 -12.54
N PHE A 550 20.53 -7.54 -12.57
CA PHE A 550 19.37 -6.77 -12.13
C PHE A 550 18.93 -7.38 -10.81
N SER A 551 19.33 -6.75 -9.70
CA SER A 551 19.21 -7.35 -8.37
C SER A 551 17.83 -7.07 -7.79
N SER A 552 16.81 -7.64 -8.43
CA SER A 552 15.43 -7.50 -7.98
C SER A 552 14.52 -8.46 -8.72
N PRO A 553 13.45 -8.93 -8.09
CA PRO A 553 12.42 -9.67 -8.84
C PRO A 553 11.79 -8.78 -9.89
N ILE A 554 11.50 -9.35 -11.05
CA ILE A 554 11.06 -8.58 -12.21
C ILE A 554 9.54 -8.57 -12.23
N PHE A 555 8.96 -7.39 -12.07
CA PHE A 555 7.53 -7.18 -12.17
C PHE A 555 7.32 -5.88 -12.94
N TYR A 556 6.06 -5.45 -13.06
CA TYR A 556 5.70 -4.29 -13.88
C TYR A 556 6.61 -3.08 -13.67
N GLY A 557 6.72 -2.58 -12.44
CA GLY A 557 7.69 -1.52 -12.19
C GLY A 557 9.09 -1.95 -12.59
N ASN A 558 9.46 -3.18 -12.24
CA ASN A 558 10.77 -3.68 -12.58
C ASN A 558 10.91 -4.04 -14.04
N VAL A 559 9.82 -4.34 -14.77
CA VAL A 559 9.99 -4.57 -16.20
C VAL A 559 10.32 -3.26 -16.91
N ASP A 560 9.67 -2.15 -16.52
CA ASP A 560 10.06 -0.87 -17.09
C ASP A 560 11.50 -0.52 -16.72
N GLY A 561 11.85 -0.69 -15.45
CA GLY A 561 13.22 -0.42 -15.02
C GLY A 561 14.24 -1.27 -15.74
N LEU A 562 13.93 -2.55 -15.96
CA LEU A 562 14.85 -3.47 -16.59
C LEU A 562 15.01 -3.16 -18.06
N LYS A 563 13.93 -2.77 -18.74
CA LYS A 563 14.07 -2.33 -20.13
C LYS A 563 15.02 -1.13 -20.21
N LYS A 564 14.83 -0.15 -19.33
CA LYS A 564 15.73 1.01 -19.33
C LYS A 564 17.17 0.59 -19.05
N CYS A 565 17.37 -0.30 -18.08
CA CYS A 565 18.72 -0.72 -17.71
C CYS A 565 19.41 -1.48 -18.85
N ILE A 566 18.68 -2.38 -19.52
CA ILE A 566 19.25 -3.11 -20.65
C ILE A 566 19.62 -2.15 -21.76
N LYS A 567 18.72 -1.20 -22.07
CA LYS A 567 19.01 -0.25 -23.14
C LYS A 567 20.24 0.59 -22.82
N SER A 568 20.40 0.99 -21.56
CA SER A 568 21.58 1.77 -21.18
C SER A 568 22.84 0.92 -21.22
N THR A 569 22.76 -0.34 -20.78
CA THR A 569 23.94 -1.18 -20.69
C THR A 569 24.45 -1.59 -22.07
N VAL A 570 23.56 -2.06 -22.94
CA VAL A 570 24.01 -2.50 -24.27
C VAL A 570 24.32 -1.31 -25.17
N GLY A 571 23.84 -0.12 -24.82
CA GLY A 571 24.15 1.08 -25.57
C GLY A 571 23.25 1.36 -26.76
N PHE A 572 22.21 0.56 -26.96
CA PHE A 572 21.32 0.76 -28.10
C PHE A 572 19.95 0.18 -27.76
N ASP A 573 18.95 0.57 -28.55
CA ASP A 573 17.60 0.06 -28.44
C ASP A 573 17.35 -0.90 -29.60
N ALA A 574 16.86 -2.10 -29.28
CA ALA A 574 16.64 -3.11 -30.32
C ALA A 574 15.61 -2.65 -31.33
N ILE A 575 14.53 -2.01 -30.87
CA ILE A 575 13.51 -1.51 -31.77
C ILE A 575 14.10 -0.47 -32.72
N ARG A 576 14.87 0.46 -32.18
CA ARG A 576 15.42 1.54 -33.01
C ARG A 576 16.37 1.00 -34.08
N VAL A 577 17.27 0.10 -33.69
CA VAL A 577 18.24 -0.41 -34.66
C VAL A 577 17.55 -1.30 -35.68
N TYR A 578 16.57 -2.10 -35.25
CA TYR A 578 15.83 -2.93 -36.21
C TYR A 578 15.07 -2.06 -37.22
N ASN A 579 14.42 -1.01 -36.74
CA ASN A 579 13.69 -0.11 -37.62
C ASN A 579 14.63 0.62 -38.57
N LYS A 580 15.80 1.05 -38.08
CA LYS A 580 16.76 1.72 -38.94
C LYS A 580 17.30 0.76 -40.01
N ARG A 581 17.55 -0.49 -39.64
CA ARG A 581 18.02 -1.46 -40.63
C ARG A 581 16.94 -1.76 -41.66
N LEU A 582 15.68 -1.85 -41.23
CA LEU A 582 14.59 -2.03 -42.19
C LEU A 582 14.48 -0.84 -43.13
N LYS A 583 14.64 0.39 -42.59
CA LYS A 583 14.59 1.58 -43.43
C LYS A 583 15.74 1.61 -44.43
N ALA A 584 16.93 1.18 -44.01
CA ALA A 584 18.08 1.15 -44.92
C ALA A 584 17.84 0.17 -46.06
N LEU A 585 17.25 -0.99 -45.77
CA LEU A 585 16.95 -1.97 -46.80
C LEU A 585 15.80 -1.50 -47.68
N PRO A 654 27.98 -4.02 -32.13
CA PRO A 654 29.08 -4.04 -31.17
C PRO A 654 28.95 -5.13 -30.12
N ILE A 655 27.73 -5.61 -29.91
CA ILE A 655 27.42 -6.66 -28.95
C ILE A 655 26.69 -7.77 -29.67
N HIS A 656 27.18 -9.00 -29.53
CA HIS A 656 26.56 -10.16 -30.17
C HIS A 656 25.80 -11.06 -29.19
N SER A 657 25.90 -10.80 -27.89
CA SER A 657 25.20 -11.60 -26.90
C SER A 657 25.01 -10.78 -25.63
N LEU A 658 23.89 -11.02 -24.95
CA LEU A 658 23.58 -10.35 -23.69
C LEU A 658 23.27 -11.40 -22.64
N VAL A 659 24.00 -11.37 -21.53
CA VAL A 659 23.80 -12.31 -20.43
C VAL A 659 23.08 -11.57 -19.30
N LEU A 660 21.99 -12.14 -18.81
CA LEU A 660 21.21 -11.55 -17.74
C LEU A 660 21.45 -12.37 -16.47
N ASP A 661 22.19 -11.80 -15.53
CA ASP A 661 22.46 -12.47 -14.26
C ASP A 661 21.22 -12.29 -13.39
N CYS A 662 20.40 -13.34 -13.31
CA CYS A 662 19.11 -13.29 -12.61
C CYS A 662 19.17 -14.02 -11.28
N GLY A 663 20.29 -13.93 -10.58
CA GLY A 663 20.41 -14.58 -9.28
C GLY A 663 19.48 -13.98 -8.23
N ALA A 664 19.25 -12.67 -8.29
CA ALA A 664 18.41 -11.99 -7.31
C ALA A 664 16.97 -11.83 -7.74
N VAL A 665 16.59 -12.38 -8.90
CA VAL A 665 15.20 -12.35 -9.34
C VAL A 665 14.41 -13.33 -8.48
N SER A 666 13.64 -12.79 -7.53
CA SER A 666 12.97 -13.63 -6.54
C SER A 666 11.68 -14.22 -7.09
N PHE A 667 10.76 -13.37 -7.52
CA PHE A 667 9.49 -13.80 -8.10
C PHE A 667 9.35 -13.21 -9.50
N LEU A 668 8.25 -13.55 -10.16
CA LEU A 668 8.01 -13.16 -11.54
C LEU A 668 6.52 -13.23 -11.81
N ASP A 669 5.98 -12.20 -12.47
CA ASP A 669 4.57 -12.13 -12.80
C ASP A 669 4.39 -12.27 -14.31
N VAL A 670 3.14 -12.16 -14.76
CA VAL A 670 2.85 -12.28 -16.19
C VAL A 670 3.45 -11.12 -16.95
N VAL A 671 3.45 -9.92 -16.35
CA VAL A 671 4.08 -8.77 -16.98
C VAL A 671 5.58 -8.99 -17.12
N GLY A 672 6.20 -9.61 -16.10
CA GLY A 672 7.61 -9.94 -16.19
C GLY A 672 7.92 -10.92 -17.30
N VAL A 673 7.12 -11.97 -17.43
CA VAL A 673 7.34 -12.95 -18.48
C VAL A 673 7.12 -12.32 -19.85
N ARG A 674 6.09 -11.48 -19.99
CA ARG A 674 5.85 -10.79 -21.25
C ARG A 674 7.02 -9.89 -21.61
N SER A 675 7.54 -9.15 -20.64
CA SER A 675 8.69 -8.27 -20.91
C SER A 675 9.92 -9.08 -21.28
N LEU A 676 10.14 -10.22 -20.62
CA LEU A 676 11.29 -11.06 -20.96
C LEU A 676 11.18 -11.62 -22.37
N ARG A 677 9.98 -12.10 -22.76
CA ARG A 677 9.80 -12.58 -24.12
C ARG A 677 10.00 -11.45 -25.13
N MET A 678 9.48 -10.26 -24.82
CA MET A 678 9.65 -9.13 -25.72
C MET A 678 11.13 -8.78 -25.88
N ILE A 679 11.86 -8.75 -24.78
CA ILE A 679 13.30 -8.44 -24.85
C ILE A 679 14.04 -9.47 -25.67
N VAL A 680 13.75 -10.75 -25.43
CA VAL A 680 14.44 -11.82 -26.15
C VAL A 680 14.16 -11.72 -27.64
N LYS A 681 12.89 -11.52 -28.02
CA LYS A 681 12.54 -11.43 -29.43
C LYS A 681 13.17 -10.19 -30.08
N GLU A 682 13.11 -9.04 -29.39
CA GLU A 682 13.66 -7.82 -29.95
C GLU A 682 15.16 -7.92 -30.16
N PHE A 683 15.87 -8.57 -29.24
CA PHE A 683 17.30 -8.73 -29.41
C PHE A 683 17.65 -9.80 -30.44
N GLN A 684 16.83 -10.86 -30.55
CA GLN A 684 17.08 -11.87 -31.55
C GLN A 684 16.82 -11.34 -32.95
N ARG A 685 15.93 -10.36 -33.09
CA ARG A 685 15.67 -9.77 -34.39
C ARG A 685 16.88 -9.05 -34.96
N ILE A 686 17.85 -8.67 -34.12
CA ILE A 686 19.06 -8.01 -34.59
C ILE A 686 20.26 -8.92 -34.36
N ASP A 687 20.01 -10.24 -34.36
CA ASP A 687 21.06 -11.25 -34.25
C ASP A 687 21.87 -11.09 -32.97
N VAL A 688 21.20 -10.72 -31.87
CA VAL A 688 21.82 -10.62 -30.56
C VAL A 688 21.14 -11.63 -29.66
N HIS A 689 21.93 -12.53 -29.08
CA HIS A 689 21.40 -13.60 -28.25
C HIS A 689 21.32 -13.17 -26.80
N VAL A 690 20.23 -13.54 -26.13
CA VAL A 690 20.01 -13.21 -24.73
C VAL A 690 20.03 -14.51 -23.93
N TYR A 691 20.90 -14.57 -22.93
CA TYR A 691 21.05 -15.74 -22.07
C TYR A 691 20.71 -15.37 -20.64
N PHE A 692 19.92 -16.21 -19.98
CA PHE A 692 19.53 -16.01 -18.60
C PHE A 692 20.35 -16.94 -17.73
N ALA A 693 20.94 -16.40 -16.66
CA ALA A 693 21.81 -17.16 -15.78
C ALA A 693 21.38 -16.96 -14.33
N SER A 694 21.65 -17.99 -13.52
CA SER A 694 21.39 -17.99 -12.08
C SER A 694 19.89 -17.89 -11.74
N LEU A 695 19.02 -18.29 -12.66
CA LEU A 695 17.60 -18.34 -12.36
C LEU A 695 17.29 -19.54 -11.47
N GLN A 696 16.38 -19.32 -10.52
CA GLN A 696 15.98 -20.38 -9.60
C GLN A 696 14.99 -21.32 -10.26
N ASP A 697 14.80 -22.49 -9.62
CA ASP A 697 13.89 -23.48 -10.16
C ASP A 697 12.46 -22.98 -10.21
N HIS A 698 12.00 -22.31 -9.15
CA HIS A 698 10.62 -21.85 -9.11
C HIS A 698 10.38 -20.73 -10.13
N VAL A 699 11.37 -19.88 -10.37
CA VAL A 699 11.20 -18.82 -11.35
C VAL A 699 11.12 -19.41 -12.76
N ILE A 700 11.91 -20.45 -13.03
CA ILE A 700 11.82 -21.12 -14.32
C ILE A 700 10.49 -21.85 -14.45
N GLU A 701 9.98 -22.41 -13.35
CA GLU A 701 8.64 -22.99 -13.38
C GLU A 701 7.59 -21.94 -13.72
N LYS A 702 7.70 -20.75 -13.13
CA LYS A 702 6.77 -19.68 -13.44
C LYS A 702 6.89 -19.26 -14.90
N LEU A 703 8.11 -19.23 -15.42
CA LEU A 703 8.32 -18.92 -16.83
C LEU A 703 7.63 -19.94 -17.73
N GLU A 704 7.80 -21.23 -17.42
CA GLU A 704 7.25 -22.27 -18.29
C GLU A 704 5.74 -22.37 -18.17
N GLN A 705 5.18 -22.01 -17.01
CA GLN A 705 3.74 -22.01 -16.86
C GLN A 705 3.09 -20.73 -17.37
N CYS A 706 3.88 -19.72 -17.72
CA CYS A 706 3.39 -18.48 -18.30
C CYS A 706 3.58 -18.42 -19.80
N GLY A 707 3.95 -19.54 -20.43
CA GLY A 707 4.11 -19.58 -21.87
C GLY A 707 5.40 -18.96 -22.40
N PHE A 708 6.42 -18.84 -21.56
CA PHE A 708 7.69 -18.27 -22.03
C PHE A 708 8.33 -19.16 -23.09
N PHE A 709 8.36 -20.47 -22.86
CA PHE A 709 9.10 -21.40 -23.72
C PHE A 709 8.26 -21.81 -24.93
N ASN A 710 7.85 -20.79 -25.68
CA ASN A 710 7.17 -20.97 -26.95
C ASN A 710 7.85 -20.12 -28.01
N ASP A 711 7.70 -20.53 -29.26
CA ASP A 711 8.27 -19.83 -30.41
C ASP A 711 9.80 -19.73 -30.29
N SER A 712 10.44 -20.90 -30.29
CA SER A 712 11.89 -21.03 -30.39
C SER A 712 12.60 -20.39 -29.19
N ILE A 713 12.32 -20.92 -28.01
CA ILE A 713 13.09 -20.57 -26.82
C ILE A 713 13.81 -21.82 -26.34
N ARG A 714 13.04 -22.87 -26.05
CA ARG A 714 13.54 -24.23 -25.85
C ARG A 714 14.43 -24.39 -24.63
N LYS A 715 14.54 -23.37 -23.78
CA LYS A 715 15.23 -23.45 -22.48
C LYS A 715 16.71 -23.75 -22.60
N ASP A 716 17.29 -23.70 -23.79
CA ASP A 716 18.73 -23.92 -23.95
C ASP A 716 19.54 -22.66 -23.76
N ILE A 717 18.87 -21.52 -23.52
CA ILE A 717 19.56 -20.26 -23.27
C ILE A 717 19.55 -19.91 -21.77
N PHE A 718 19.36 -20.92 -20.91
CA PHE A 718 19.30 -20.71 -19.46
C PHE A 718 20.45 -21.50 -18.84
N PHE A 719 21.39 -20.79 -18.21
CA PHE A 719 22.58 -21.40 -17.64
C PHE A 719 22.57 -21.28 -16.12
N LEU A 720 23.37 -22.14 -15.49
CA LEU A 720 23.32 -22.27 -14.03
C LEU A 720 23.83 -21.02 -13.34
N THR A 721 24.99 -20.51 -13.76
CA THR A 721 25.57 -19.29 -13.21
C THR A 721 26.08 -18.45 -14.37
N VAL A 722 26.60 -17.25 -14.07
CA VAL A 722 27.28 -16.53 -15.13
C VAL A 722 28.74 -16.96 -15.11
N HIS A 723 28.99 -18.20 -15.47
CA HIS A 723 30.23 -18.65 -16.07
C HIS A 723 30.01 -19.74 -17.11
N ASP A 724 28.91 -20.50 -17.02
CA ASP A 724 28.55 -21.45 -18.06
C ASP A 724 28.16 -20.72 -19.34
N ALA A 725 27.46 -19.60 -19.20
CA ALA A 725 27.09 -18.81 -20.38
C ALA A 725 28.31 -18.29 -21.10
N ILE A 726 29.28 -17.73 -20.36
CA ILE A 726 30.47 -17.18 -20.99
C ILE A 726 31.30 -18.28 -21.63
N LEU A 727 31.44 -19.42 -20.95
CA LEU A 727 32.20 -20.52 -21.52
C LEU A 727 31.50 -21.09 -22.75
N HIS A 728 30.18 -21.13 -22.74
CA HIS A 728 29.43 -21.56 -23.92
C HIS A 728 29.63 -20.61 -25.09
N LEU A 729 29.62 -19.30 -24.80
CA LEU A 729 29.87 -18.30 -25.84
C LEU A 729 31.28 -18.44 -26.42
N ARG A 730 32.28 -18.65 -25.56
CA ARG A 730 33.65 -18.82 -26.04
C ARG A 730 33.79 -20.08 -26.90
N SER A 731 32.90 -21.06 -26.72
CA SER A 731 32.92 -22.25 -27.55
C SER A 731 32.43 -21.99 -28.97
N GLN A 732 31.80 -20.85 -29.21
CA GLN A 732 31.33 -20.50 -30.55
C GLN A 732 32.15 -19.35 -31.14
N SER B 17 31.76 -31.86 -24.51
CA SER B 17 32.23 -30.71 -25.26
C SER B 17 33.00 -29.73 -24.36
N CYS B 18 32.44 -28.54 -24.19
CA CYS B 18 33.06 -27.54 -23.33
C CYS B 18 32.98 -27.96 -21.87
N SER B 19 33.95 -27.53 -21.08
CA SER B 19 34.07 -27.92 -19.69
C SER B 19 34.16 -26.69 -18.81
N TYR B 20 33.71 -26.85 -17.56
CA TYR B 20 33.77 -25.81 -16.55
C TYR B 20 34.95 -26.11 -15.65
N VAL B 21 36.11 -25.53 -15.97
CA VAL B 21 37.34 -25.72 -15.21
C VAL B 21 37.77 -24.37 -14.65
N VAL B 22 37.83 -24.28 -13.32
CA VAL B 22 38.26 -23.06 -12.64
C VAL B 22 39.18 -23.44 -11.49
N SER B 23 40.31 -22.73 -11.38
CA SER B 23 41.25 -22.91 -10.28
C SER B 23 41.56 -21.54 -9.69
N ARG B 24 41.19 -21.34 -8.44
CA ARG B 24 41.33 -20.05 -7.79
C ARG B 24 41.34 -20.27 -6.28
N PRO B 25 41.84 -19.31 -5.51
CA PRO B 25 41.77 -19.43 -4.05
C PRO B 25 40.34 -19.34 -3.55
N VAL B 26 40.13 -19.92 -2.37
CA VAL B 26 38.84 -19.83 -1.69
C VAL B 26 38.72 -18.42 -1.12
N TYR B 27 37.84 -17.61 -1.71
CA TYR B 27 37.76 -16.19 -1.40
C TYR B 27 36.60 -15.91 -0.47
N SER B 28 36.90 -15.46 0.75
CA SER B 28 35.91 -14.78 1.55
C SER B 28 35.81 -13.33 1.10
N GLU B 29 34.84 -12.61 1.66
CA GLU B 29 34.71 -11.20 1.31
C GLU B 29 35.94 -10.41 1.74
N LEU B 30 36.46 -10.71 2.93
CA LEU B 30 37.65 -10.02 3.42
C LEU B 30 38.84 -10.27 2.50
N ALA B 31 39.13 -11.54 2.19
CA ALA B 31 40.27 -11.87 1.36
C ALA B 31 40.11 -11.32 -0.05
N PHE B 32 38.89 -11.43 -0.61
CA PHE B 32 38.65 -10.91 -1.95
C PHE B 32 38.86 -9.41 -2.01
N GLN B 33 38.39 -8.68 -0.99
CA GLN B 33 38.58 -7.24 -0.97
C GLN B 33 40.05 -6.87 -0.76
N GLN B 34 40.77 -7.66 0.05
CA GLN B 34 42.19 -7.41 0.22
C GLN B 34 42.96 -7.60 -1.08
N GLN B 35 42.63 -8.64 -1.84
CA GLN B 35 43.35 -8.90 -3.09
C GLN B 35 42.82 -8.06 -4.23
N TYR B 36 41.52 -7.83 -4.30
CA TYR B 36 40.89 -7.08 -5.38
C TYR B 36 40.20 -5.85 -4.76
N GLU B 37 40.87 -4.71 -4.83
CA GLU B 37 40.34 -3.49 -4.23
C GLU B 37 39.17 -2.95 -5.03
N ARG B 38 38.17 -2.42 -4.32
CA ARG B 38 37.00 -1.83 -4.94
C ARG B 38 37.36 -0.40 -5.38
N ARG B 39 36.38 0.32 -5.92
CA ARG B 39 36.53 1.73 -6.31
C ARG B 39 37.58 1.90 -7.41
N VAL B 64 15.58 24.16 -21.38
CA VAL B 64 14.77 25.36 -21.26
C VAL B 64 13.71 25.39 -22.36
N LEU B 65 13.95 24.61 -23.42
CA LEU B 65 13.02 24.51 -24.55
C LEU B 65 12.34 23.16 -24.61
N LYS B 66 12.20 22.49 -23.47
CA LYS B 66 11.48 21.22 -23.39
C LYS B 66 10.28 21.28 -22.47
N THR B 67 10.41 21.90 -21.29
CA THR B 67 9.27 22.02 -20.39
C THR B 67 8.15 22.83 -21.04
N LEU B 68 8.50 23.74 -21.94
CA LEU B 68 7.55 24.38 -22.85
C LEU B 68 7.93 23.89 -24.24
N LEU B 69 7.36 22.74 -24.63
CA LEU B 69 7.72 22.15 -25.92
C LEU B 69 7.28 23.09 -27.02
N PRO B 70 8.19 23.56 -27.87
CA PRO B 70 7.80 24.51 -28.91
C PRO B 70 7.07 23.82 -30.05
N VAL B 71 6.10 24.54 -30.62
CA VAL B 71 5.60 24.16 -31.93
C VAL B 71 6.71 24.29 -32.97
N LEU B 72 7.71 25.11 -32.68
CA LEU B 72 8.87 25.27 -33.54
C LEU B 72 9.76 24.03 -33.59
N ASP B 73 9.49 23.03 -32.74
CA ASP B 73 10.23 21.78 -32.82
C ASP B 73 9.99 21.09 -34.16
N TRP B 74 8.75 21.13 -34.67
CA TRP B 74 8.44 20.49 -35.95
C TRP B 74 7.80 21.41 -36.97
N LEU B 75 7.35 22.61 -36.60
CA LEU B 75 6.75 23.50 -37.59
C LEU B 75 7.75 23.95 -38.66
N PRO B 76 8.95 24.43 -38.32
CA PRO B 76 9.97 24.59 -39.37
C PRO B 76 10.37 23.28 -40.01
N LYS B 77 10.32 22.18 -39.25
CA LYS B 77 10.63 20.85 -39.76
C LYS B 77 9.45 20.20 -40.48
N TYR B 78 8.44 20.99 -40.84
CA TYR B 78 7.23 20.45 -41.44
C TYR B 78 7.47 20.10 -42.90
N ARG B 79 6.51 19.39 -43.49
CA ARG B 79 6.58 18.86 -44.85
C ARG B 79 5.36 19.31 -45.65
N ILE B 80 5.11 20.63 -45.65
CA ILE B 80 3.97 21.21 -46.34
C ILE B 80 3.80 20.67 -47.76
N LYS B 81 4.90 20.24 -48.38
CA LYS B 81 4.83 19.76 -49.76
C LYS B 81 3.94 18.53 -49.87
N GLU B 82 4.04 17.60 -48.93
CA GLU B 82 3.26 16.36 -48.99
C GLU B 82 2.53 16.00 -47.69
N TRP B 83 2.99 16.48 -46.54
CA TRP B 83 2.32 16.13 -45.28
C TRP B 83 1.04 16.92 -45.08
N LEU B 84 0.93 18.10 -45.68
CA LEU B 84 -0.20 18.99 -45.39
C LEU B 84 -1.53 18.37 -45.81
N LEU B 85 -1.59 17.81 -47.02
CA LEU B 85 -2.84 17.23 -47.50
C LEU B 85 -3.27 16.06 -46.64
N SER B 86 -2.34 15.16 -46.32
CA SER B 86 -2.65 14.03 -45.46
C SER B 86 -3.14 14.51 -44.10
N ASP B 87 -2.53 15.56 -43.57
CA ASP B 87 -3.00 16.15 -42.32
C ASP B 87 -4.41 16.70 -42.46
N ILE B 88 -4.73 17.30 -43.62
CA ILE B 88 -6.07 17.86 -43.82
C ILE B 88 -7.12 16.75 -43.78
N ILE B 89 -6.92 15.69 -44.56
CA ILE B 89 -7.92 14.61 -44.54
C ILE B 89 -7.97 13.94 -43.17
N SER B 90 -6.82 13.67 -42.55
CA SER B 90 -6.82 13.04 -41.24
C SER B 90 -7.55 13.89 -40.21
N GLY B 91 -7.29 15.20 -40.22
CA GLY B 91 -7.95 16.08 -39.28
C GLY B 91 -9.45 16.18 -39.51
N VAL B 92 -9.86 16.25 -40.79
CA VAL B 92 -11.29 16.30 -41.08
C VAL B 92 -11.99 15.05 -40.57
N SER B 93 -11.40 13.88 -40.86
CA SER B 93 -12.03 12.63 -40.42
C SER B 93 -12.08 12.53 -38.91
N THR B 94 -10.97 12.78 -38.23
CA THR B 94 -10.94 12.65 -36.78
C THR B 94 -11.75 13.75 -36.10
N GLY B 95 -11.93 14.91 -36.72
CA GLY B 95 -12.78 15.95 -36.17
C GLY B 95 -14.24 15.59 -36.29
N LEU B 96 -14.63 15.00 -37.43
CA LEU B 96 -15.98 14.50 -37.57
C LEU B 96 -16.28 13.42 -36.53
N VAL B 97 -15.30 12.55 -36.27
CA VAL B 97 -15.49 11.52 -35.24
C VAL B 97 -15.52 12.15 -33.84
N GLY B 98 -14.63 13.10 -33.58
CA GLY B 98 -14.48 13.63 -32.24
C GLY B 98 -15.58 14.58 -31.82
N THR B 99 -16.21 15.25 -32.78
CA THR B 99 -17.37 16.07 -32.45
C THR B 99 -18.49 15.19 -31.90
N LEU B 100 -18.78 14.10 -32.59
CA LEU B 100 -19.77 13.13 -32.11
C LEU B 100 -19.33 12.51 -30.79
N GLN B 101 -18.05 12.17 -30.66
CA GLN B 101 -17.57 11.55 -29.43
C GLN B 101 -17.71 12.50 -28.24
N GLY B 102 -17.39 13.77 -28.44
CA GLY B 102 -17.56 14.75 -27.37
C GLY B 102 -19.02 14.96 -27.01
N MET B 103 -19.90 15.02 -28.00
CA MET B 103 -21.32 15.15 -27.71
C MET B 103 -21.81 13.95 -26.89
N ALA B 104 -21.41 12.74 -27.28
CA ALA B 104 -21.85 11.55 -26.58
C ALA B 104 -21.28 11.48 -25.17
N TYR B 105 -20.00 11.86 -25.02
CA TYR B 105 -19.34 11.74 -23.72
C TYR B 105 -19.74 12.86 -22.78
N ALA B 106 -20.31 13.95 -23.29
CA ALA B 106 -20.92 14.94 -22.43
C ALA B 106 -22.13 14.39 -21.68
N LEU B 107 -22.67 13.24 -22.11
CA LEU B 107 -23.72 12.58 -21.35
C LEU B 107 -23.14 11.76 -20.20
N LEU B 108 -21.95 11.17 -20.39
CA LEU B 108 -21.29 10.47 -19.30
C LEU B 108 -21.02 11.41 -18.13
N ALA B 109 -20.41 12.56 -18.43
CA ALA B 109 -20.37 13.64 -17.47
C ALA B 109 -21.77 14.23 -17.28
N ALA B 110 -22.04 14.74 -16.10
CA ALA B 110 -23.37 15.28 -15.83
C ALA B 110 -23.47 16.71 -16.34
N VAL B 111 -23.12 16.94 -17.60
CA VAL B 111 -23.13 18.29 -18.18
C VAL B 111 -24.00 18.28 -19.42
N PRO B 112 -24.59 19.42 -19.79
CA PRO B 112 -25.43 19.45 -21.01
C PRO B 112 -24.60 19.21 -22.26
N VAL B 113 -25.27 18.66 -23.28
CA VAL B 113 -24.63 18.46 -24.57
C VAL B 113 -24.28 19.82 -25.16
N GLY B 114 -23.03 19.97 -25.60
CA GLY B 114 -22.54 21.24 -26.07
C GLY B 114 -21.24 21.61 -25.40
N TYR B 115 -21.11 21.27 -24.12
CA TYR B 115 -19.85 21.42 -23.43
C TYR B 115 -18.86 20.31 -23.76
N GLY B 116 -19.36 19.17 -24.23
CA GLY B 116 -18.48 18.18 -24.82
C GLY B 116 -17.78 18.69 -26.06
N LEU B 117 -18.45 19.57 -26.81
CA LEU B 117 -17.80 20.21 -27.95
C LEU B 117 -16.63 21.08 -27.50
N TYR B 118 -16.81 21.83 -26.41
CA TYR B 118 -15.70 22.62 -25.87
C TYR B 118 -14.59 21.71 -25.37
N SER B 119 -14.96 20.60 -24.74
CA SER B 119 -13.96 19.65 -24.24
C SER B 119 -13.20 18.96 -25.37
N ALA B 120 -13.81 18.87 -26.54
CA ALA B 120 -13.13 18.35 -27.72
C ALA B 120 -12.39 19.44 -28.50
N PHE B 121 -12.68 20.71 -28.24
CA PHE B 121 -12.03 21.80 -28.96
C PHE B 121 -10.81 22.35 -28.24
N PHE B 122 -10.99 22.86 -27.03
CA PHE B 122 -9.90 23.59 -26.36
C PHE B 122 -8.69 22.73 -26.05
N PRO B 123 -8.82 21.52 -25.47
CA PRO B 123 -7.62 20.75 -25.13
C PRO B 123 -6.74 20.41 -26.32
N ILE B 124 -7.30 20.20 -27.50
CA ILE B 124 -6.47 19.96 -28.68
C ILE B 124 -5.65 21.20 -29.01
N LEU B 125 -6.27 22.38 -28.95
CA LEU B 125 -5.54 23.61 -29.23
C LEU B 125 -4.38 23.78 -28.26
N THR B 126 -4.62 23.56 -26.97
CA THR B 126 -3.56 23.78 -26.00
C THR B 126 -2.63 22.58 -25.82
N TYR B 127 -2.92 21.45 -26.46
CA TYR B 127 -1.98 20.33 -26.52
C TYR B 127 -1.11 20.36 -27.78
N PHE B 128 -1.57 21.05 -28.82
CA PHE B 128 -0.76 21.19 -30.03
C PHE B 128 0.59 21.83 -29.73
N ILE B 129 0.68 22.61 -28.65
CA ILE B 129 1.94 23.24 -28.29
C ILE B 129 2.82 22.30 -27.49
N PHE B 130 2.33 21.86 -26.33
CA PHE B 130 3.16 21.17 -25.34
C PHE B 130 3.19 19.66 -25.53
N GLY B 131 2.55 19.12 -26.56
CA GLY B 131 2.41 17.67 -26.68
C GLY B 131 3.60 17.03 -27.36
N THR B 132 4.17 16.00 -26.72
CA THR B 132 5.20 15.20 -27.36
C THR B 132 4.62 14.28 -28.42
N SER B 133 3.49 13.64 -28.12
CA SER B 133 2.87 12.74 -29.06
C SER B 133 2.35 13.50 -30.27
N ARG B 134 2.42 12.86 -31.43
CA ARG B 134 2.00 13.48 -32.69
C ARG B 134 0.89 12.71 -33.37
N HIS B 135 0.35 11.67 -32.73
CA HIS B 135 -0.68 10.84 -33.35
C HIS B 135 -1.96 10.73 -32.55
N ILE B 136 -2.00 11.18 -31.30
CA ILE B 136 -3.16 10.99 -30.46
C ILE B 136 -4.16 12.11 -30.68
N SER B 137 -5.44 11.79 -30.53
CA SER B 137 -6.52 12.77 -30.57
C SER B 137 -6.98 13.04 -29.15
N VAL B 138 -6.98 14.31 -28.75
CA VAL B 138 -7.26 14.70 -27.37
C VAL B 138 -8.76 14.90 -27.21
N GLY B 139 -9.34 14.29 -26.19
CA GLY B 139 -10.77 14.36 -25.97
C GLY B 139 -11.24 13.74 -24.67
N PRO B 140 -12.53 13.42 -24.60
CA PRO B 140 -13.12 13.02 -23.30
C PRO B 140 -12.77 11.61 -22.86
N PHE B 141 -12.79 10.60 -23.75
CA PHE B 141 -12.60 9.20 -23.37
C PHE B 141 -13.57 8.73 -22.28
N PRO B 142 -14.76 8.24 -22.66
CA PRO B 142 -15.91 8.18 -21.75
C PRO B 142 -15.68 7.61 -20.36
N VAL B 143 -14.56 6.91 -20.10
CA VAL B 143 -14.29 6.47 -18.74
C VAL B 143 -13.97 7.66 -17.84
N VAL B 144 -13.09 8.54 -18.32
CA VAL B 144 -12.79 9.77 -17.58
C VAL B 144 -14.02 10.64 -17.48
N SER B 145 -14.82 10.69 -18.56
CA SER B 145 -16.07 11.45 -18.52
C SER B 145 -17.02 10.89 -17.49
N LEU B 146 -17.07 9.55 -17.36
CA LEU B 146 -17.95 8.93 -16.37
C LEU B 146 -17.49 9.23 -14.95
N MET B 147 -16.18 9.21 -14.70
CA MET B 147 -15.68 9.59 -13.39
C MET B 147 -16.01 11.05 -13.08
N VAL B 148 -15.82 11.93 -14.06
CA VAL B 148 -16.16 13.34 -13.88
C VAL B 148 -17.65 13.49 -13.58
N GLY B 149 -18.49 12.75 -14.31
CA GLY B 149 -19.93 12.83 -14.08
C GLY B 149 -20.33 12.30 -12.72
N SER B 150 -19.67 11.24 -12.26
CA SER B 150 -19.93 10.75 -10.91
C SER B 150 -19.60 11.82 -9.87
N VAL B 151 -18.45 12.46 -10.02
CA VAL B 151 -18.07 13.54 -9.10
C VAL B 151 -19.10 14.66 -9.16
N VAL B 152 -19.51 15.06 -10.36
CA VAL B 152 -20.42 16.18 -10.53
C VAL B 152 -21.79 15.86 -9.95
N LEU B 153 -22.29 14.66 -10.21
CA LEU B 153 -23.60 14.25 -9.68
C LEU B 153 -23.57 14.15 -8.16
N SER B 154 -22.47 13.64 -7.59
CA SER B 154 -22.37 13.55 -6.14
C SER B 154 -22.36 14.93 -5.50
N MET B 155 -21.87 15.94 -6.22
CA MET B 155 -21.79 17.30 -5.71
C MET B 155 -22.93 18.19 -6.17
N ALA B 156 -23.83 17.69 -7.02
CA ALA B 156 -25.00 18.46 -7.46
C ALA B 156 -26.14 17.50 -7.78
N PRO B 157 -26.76 16.91 -6.77
CA PRO B 157 -27.92 16.04 -7.01
C PRO B 157 -29.15 16.86 -7.39
N ASP B 158 -30.14 16.16 -7.93
CA ASP B 158 -31.39 16.81 -8.30
C ASP B 158 -32.14 17.32 -7.07
N GLU B 159 -32.28 16.47 -6.05
CA GLU B 159 -33.06 16.85 -4.87
C GLU B 159 -32.30 17.84 -4.00
N HIS B 160 -30.97 17.71 -3.92
CA HIS B 160 -30.19 18.60 -3.07
C HIS B 160 -30.12 20.01 -3.63
N PHE B 161 -30.12 20.15 -4.95
CA PHE B 161 -29.96 21.46 -5.57
C PHE B 161 -31.30 22.16 -5.81
N ILE B 162 -32.31 21.43 -6.27
CA ILE B 162 -33.57 22.02 -6.70
C ILE B 162 -34.66 21.64 -5.72
N ILE B 163 -35.36 22.66 -5.20
CA ILE B 163 -36.52 22.46 -4.35
C ILE B 163 -37.77 23.09 -4.97
N SER B 164 -37.72 23.43 -6.25
CA SER B 164 -38.86 24.04 -6.93
C SER B 164 -39.93 23.01 -7.25
N ILE B 176 -38.97 22.50 -11.69
CA ILE B 176 -37.58 22.10 -11.48
C ILE B 176 -36.64 23.03 -12.24
N ASP B 177 -35.60 23.50 -11.55
CA ASP B 177 -34.67 24.49 -12.11
C ASP B 177 -33.58 23.76 -12.89
N PHE B 178 -33.90 23.43 -14.14
CA PHE B 178 -32.93 22.74 -14.99
C PHE B 178 -31.75 23.64 -15.33
N ALA B 179 -32.00 24.93 -15.57
CA ALA B 179 -30.93 25.82 -15.99
C ALA B 179 -29.90 26.02 -14.87
N ALA B 180 -30.38 26.30 -13.65
CA ALA B 180 -29.47 26.48 -12.52
C ALA B 180 -28.71 25.20 -12.21
N ARG B 181 -29.41 24.06 -12.28
CA ARG B 181 -28.75 22.78 -12.06
C ARG B 181 -27.64 22.54 -13.08
N ASP B 182 -27.94 22.80 -14.35
CA ASP B 182 -26.92 22.61 -15.40
C ASP B 182 -25.75 23.55 -15.19
N ALA B 183 -26.02 24.79 -14.79
CA ALA B 183 -24.92 25.72 -14.51
C ALA B 183 -24.04 25.21 -13.37
N ALA B 184 -24.67 24.71 -12.30
CA ALA B 184 -23.89 24.18 -11.19
C ALA B 184 -23.07 22.96 -11.61
N ARG B 185 -23.67 22.07 -12.41
CA ARG B 185 -22.95 20.90 -12.88
C ARG B 185 -21.76 21.29 -13.75
N VAL B 186 -21.95 22.28 -14.63
CA VAL B 186 -20.86 22.74 -15.47
C VAL B 186 -19.74 23.35 -14.63
N LEU B 187 -20.11 24.13 -13.61
CA LEU B 187 -19.11 24.71 -12.73
C LEU B 187 -18.33 23.64 -11.99
N ILE B 188 -19.01 22.61 -11.51
CA ILE B 188 -18.34 21.53 -10.80
C ILE B 188 -17.40 20.77 -11.73
N ALA B 189 -17.85 20.51 -12.97
CA ALA B 189 -17.00 19.83 -13.93
C ALA B 189 -15.76 20.66 -14.26
N SER B 190 -15.94 21.98 -14.43
CA SER B 190 -14.79 22.85 -14.70
C SER B 190 -13.83 22.87 -13.52
N THR B 191 -14.35 22.92 -12.30
CA THR B 191 -13.50 22.90 -11.12
C THR B 191 -12.71 21.61 -11.03
N LEU B 192 -13.37 20.47 -11.29
CA LEU B 192 -12.67 19.19 -11.26
C LEU B 192 -11.61 19.12 -12.34
N THR B 193 -11.91 19.65 -13.52
CA THR B 193 -10.92 19.67 -14.60
C THR B 193 -9.72 20.52 -14.23
N LEU B 194 -9.96 21.69 -13.62
CA LEU B 194 -8.85 22.54 -13.20
C LEU B 194 -8.00 21.86 -12.14
N LEU B 195 -8.64 21.17 -11.18
CA LEU B 195 -7.88 20.47 -10.16
C LEU B 195 -7.06 19.33 -10.77
N VAL B 196 -7.64 18.59 -11.71
CA VAL B 196 -6.92 17.52 -12.39
C VAL B 196 -5.73 18.08 -13.14
N GLY B 197 -5.91 19.21 -13.83
CA GLY B 197 -4.80 19.83 -14.52
C GLY B 197 -3.71 20.32 -13.59
N ILE B 198 -4.10 20.86 -12.44
CA ILE B 198 -3.12 21.27 -11.44
C ILE B 198 -2.32 20.09 -10.95
N ILE B 199 -2.99 18.97 -10.66
CA ILE B 199 -2.31 17.78 -10.19
C ILE B 199 -1.36 17.25 -11.25
N GLN B 200 -1.79 17.22 -12.51
CA GLN B 200 -0.94 16.74 -13.59
C GLN B 200 0.26 17.64 -13.80
N LEU B 201 0.07 18.96 -13.73
CA LEU B 201 1.19 19.88 -13.88
C LEU B 201 2.18 19.73 -12.72
N ILE B 202 1.67 19.54 -11.50
CA ILE B 202 2.55 19.32 -10.36
C ILE B 202 3.36 18.04 -10.54
N PHE B 203 2.70 16.97 -11.00
CA PHE B 203 3.41 15.71 -11.25
C PHE B 203 4.43 15.87 -12.37
N GLY B 204 4.17 16.76 -13.33
CA GLY B 204 5.16 17.06 -14.35
C GLY B 204 6.35 17.81 -13.79
N GLY B 205 6.10 18.74 -12.87
CA GLY B 205 7.20 19.42 -12.21
C GLY B 205 8.03 18.48 -11.37
N LEU B 206 7.37 17.54 -10.68
CA LEU B 206 8.07 16.54 -9.88
C LEU B 206 8.76 15.49 -10.72
N GLN B 207 8.46 15.42 -12.03
CA GLN B 207 9.04 14.46 -12.97
C GLN B 207 8.76 13.02 -12.58
N ILE B 208 7.74 12.78 -11.76
CA ILE B 208 7.41 11.42 -11.32
C ILE B 208 6.41 10.86 -12.34
N GLY B 209 6.94 10.45 -13.48
CA GLY B 209 6.15 9.87 -14.55
C GLY B 209 6.06 8.37 -14.52
N PHE B 210 6.72 7.73 -13.57
CA PHE B 210 6.71 6.27 -13.44
C PHE B 210 5.50 5.76 -12.67
N ILE B 211 4.59 6.65 -12.24
CA ILE B 211 3.44 6.22 -11.46
C ILE B 211 2.52 5.34 -12.29
N VAL B 212 2.46 5.55 -13.61
CA VAL B 212 1.67 4.67 -14.46
C VAL B 212 2.24 3.27 -14.49
N ARG B 213 3.51 3.09 -14.11
CA ARG B 213 4.00 1.73 -13.91
C ARG B 213 3.17 1.03 -12.86
N TYR B 214 2.86 1.71 -11.76
CA TYR B 214 2.08 1.11 -10.67
C TYR B 214 0.71 0.64 -11.13
N LEU B 215 0.20 1.18 -12.24
CA LEU B 215 -1.03 0.68 -12.84
C LEU B 215 -0.70 -0.60 -13.60
N ALA B 216 -0.68 -1.70 -12.87
CA ALA B 216 -0.36 -3.00 -13.44
C ALA B 216 -1.40 -3.42 -14.47
N ASP B 217 -0.96 -4.17 -15.48
CA ASP B 217 -1.87 -4.63 -16.51
C ASP B 217 -3.07 -5.39 -15.97
N PRO B 218 -2.94 -6.31 -15.00
CA PRO B 218 -4.15 -6.96 -14.46
C PRO B 218 -5.12 -5.98 -13.82
N LEU B 219 -4.62 -5.03 -13.04
CA LEU B 219 -5.55 -4.08 -12.41
C LEU B 219 -6.09 -3.09 -13.42
N VAL B 220 -5.30 -2.75 -14.45
CA VAL B 220 -5.82 -1.93 -15.53
C VAL B 220 -6.97 -2.64 -16.23
N GLY B 221 -6.82 -3.93 -16.49
CA GLY B 221 -7.88 -4.68 -17.13
C GLY B 221 -9.13 -4.81 -16.26
N GLY B 222 -8.94 -5.08 -14.97
CA GLY B 222 -10.08 -5.15 -14.07
C GLY B 222 -10.81 -3.82 -13.95
N PHE B 223 -10.04 -2.73 -13.81
CA PHE B 223 -10.63 -1.39 -13.75
C PHE B 223 -11.35 -1.07 -15.05
N THR B 224 -10.78 -1.48 -16.19
CA THR B 224 -11.42 -1.22 -17.47
C THR B 224 -12.74 -1.97 -17.58
N THR B 225 -12.79 -3.23 -17.14
CA THR B 225 -14.04 -3.98 -17.19
C THR B 225 -15.09 -3.37 -16.26
N ALA B 226 -14.68 -2.98 -15.06
CA ALA B 226 -15.63 -2.37 -14.13
C ALA B 226 -16.13 -1.02 -14.66
N ALA B 227 -15.23 -0.24 -15.26
CA ALA B 227 -15.64 1.03 -15.87
C ALA B 227 -16.59 0.81 -17.03
N ALA B 228 -16.36 -0.25 -17.81
CA ALA B 228 -17.29 -0.60 -18.87
C ALA B 228 -18.67 -0.93 -18.30
N PHE B 229 -18.71 -1.66 -17.20
CA PHE B 229 -19.99 -1.96 -16.54
C PHE B 229 -20.68 -0.69 -16.09
N GLN B 230 -19.93 0.22 -15.46
CA GLN B 230 -20.52 1.47 -14.98
C GLN B 230 -21.06 2.31 -16.14
N VAL B 231 -20.27 2.42 -17.21
CA VAL B 231 -20.69 3.20 -18.38
C VAL B 231 -21.91 2.57 -19.02
N LEU B 232 -21.94 1.23 -19.11
CA LEU B 232 -23.11 0.56 -19.67
C LEU B 232 -24.34 0.84 -18.83
N VAL B 233 -24.23 0.81 -17.51
CA VAL B 233 -25.39 1.08 -16.66
C VAL B 233 -25.88 2.51 -16.85
N SER B 234 -24.96 3.48 -16.87
CA SER B 234 -25.37 4.87 -17.02
C SER B 234 -26.02 5.11 -18.38
N GLN B 235 -25.40 4.62 -19.46
CA GLN B 235 -25.97 4.82 -20.79
C GLN B 235 -27.23 4.01 -21.00
N LEU B 236 -27.41 2.92 -20.26
CA LEU B 236 -28.67 2.17 -20.31
C LEU B 236 -29.78 2.93 -19.60
N LYS B 237 -29.44 3.62 -18.52
CA LYS B 237 -30.38 4.58 -17.95
C LYS B 237 -30.74 5.66 -18.95
N ILE B 238 -29.77 6.11 -19.73
CA ILE B 238 -30.01 7.20 -20.67
C ILE B 238 -30.91 6.73 -21.82
N VAL B 239 -30.61 5.58 -22.42
CA VAL B 239 -31.36 5.14 -23.59
C VAL B 239 -32.82 4.85 -23.23
N LEU B 240 -33.06 4.22 -22.08
CA LEU B 240 -34.42 3.92 -21.66
C LEU B 240 -35.21 5.17 -21.30
N ASN B 241 -34.54 6.31 -21.15
CA ASN B 241 -35.18 7.58 -20.81
C ASN B 241 -35.96 7.46 -19.50
N VAL B 242 -35.42 6.68 -18.56
CA VAL B 242 -36.05 6.46 -17.26
C VAL B 242 -35.47 7.43 -16.26
N SER B 243 -36.31 7.91 -15.35
CA SER B 243 -35.89 8.84 -14.31
C SER B 243 -35.45 8.02 -13.09
N THR B 244 -34.15 8.00 -12.84
CA THR B 244 -33.56 7.28 -11.72
C THR B 244 -32.85 8.26 -10.81
N LYS B 245 -33.19 8.24 -9.52
CA LYS B 245 -32.51 9.11 -8.57
C LYS B 245 -31.05 8.67 -8.42
N ASN B 246 -30.15 9.66 -8.36
CA ASN B 246 -28.73 9.36 -8.37
C ASN B 246 -28.31 8.76 -7.04
N TYR B 247 -27.57 7.65 -7.11
CA TYR B 247 -27.01 6.99 -5.93
C TYR B 247 -25.53 7.30 -5.85
N ASN B 248 -25.11 7.88 -4.74
CA ASN B 248 -23.71 8.20 -4.49
C ASN B 248 -23.24 7.36 -3.30
N GLY B 249 -22.18 6.60 -3.50
CA GLY B 249 -21.63 5.79 -2.42
C GLY B 249 -21.31 4.37 -2.82
N ILE B 250 -21.35 3.46 -1.85
CA ILE B 250 -21.01 2.06 -2.08
C ILE B 250 -22.21 1.36 -2.68
N LEU B 251 -21.94 0.36 -3.53
CA LEU B 251 -22.98 -0.47 -4.16
C LEU B 251 -23.91 0.38 -5.03
N SER B 252 -23.41 1.51 -5.50
CA SER B 252 -24.26 2.47 -6.21
C SER B 252 -24.74 1.91 -7.55
N ILE B 253 -23.88 1.18 -8.26
CA ILE B 253 -24.27 0.65 -9.57
C ILE B 253 -25.39 -0.39 -9.41
N ILE B 254 -25.34 -1.19 -8.34
CA ILE B 254 -26.40 -2.17 -8.11
C ILE B 254 -27.72 -1.48 -7.77
N TYR B 255 -27.66 -0.42 -6.96
CA TYR B 255 -28.87 0.35 -6.67
C TYR B 255 -29.45 0.95 -7.95
N THR B 256 -28.58 1.49 -8.81
CA THR B 256 -29.03 2.07 -10.07
C THR B 256 -29.67 1.01 -10.96
N LEU B 257 -29.08 -0.18 -11.02
CA LEU B 257 -29.65 -1.26 -11.80
C LEU B 257 -31.02 -1.68 -11.25
N ILE B 258 -31.14 -1.75 -9.92
CA ILE B 258 -32.41 -2.11 -9.30
C ILE B 258 -33.48 -1.09 -9.66
N GLU B 259 -33.15 0.20 -9.54
CA GLU B 259 -34.12 1.23 -9.87
C GLU B 259 -34.46 1.24 -11.36
N ILE B 260 -33.49 0.94 -12.23
CA ILE B 260 -33.77 0.85 -13.66
C ILE B 260 -34.72 -0.30 -13.96
N PHE B 261 -34.48 -1.46 -13.34
CA PHE B 261 -35.40 -2.58 -13.55
C PHE B 261 -36.78 -2.30 -12.96
N GLN B 262 -36.85 -1.48 -11.92
CA GLN B 262 -38.15 -1.13 -11.35
C GLN B 262 -38.90 -0.14 -12.25
N ASN B 263 -38.17 0.80 -12.85
CA ASN B 263 -38.78 1.84 -13.68
C ASN B 263 -38.83 1.49 -15.16
N ILE B 264 -38.41 0.27 -15.54
CA ILE B 264 -38.45 -0.18 -16.92
C ILE B 264 -39.85 -0.07 -17.51
N GLY B 265 -40.87 0.01 -16.64
CA GLY B 265 -42.22 0.24 -17.11
C GLY B 265 -42.44 1.62 -17.69
N ASN B 266 -41.62 2.60 -17.31
CA ASN B 266 -41.70 3.95 -17.82
C ASN B 266 -40.76 4.20 -19.00
N THR B 267 -40.25 3.13 -19.61
CA THR B 267 -39.31 3.28 -20.72
C THR B 267 -39.98 3.96 -21.91
N ASN B 268 -39.29 4.94 -22.48
CA ASN B 268 -39.73 5.59 -23.71
C ASN B 268 -39.49 4.63 -24.88
N LEU B 269 -40.56 4.23 -25.56
CA LEU B 269 -40.43 3.23 -26.61
C LEU B 269 -39.56 3.73 -27.76
N ALA B 270 -39.79 4.97 -28.21
CA ALA B 270 -39.05 5.48 -29.35
C ALA B 270 -37.56 5.56 -29.05
N ASP B 271 -37.20 6.06 -27.86
CA ASP B 271 -35.80 6.16 -27.49
C ASP B 271 -35.17 4.77 -27.37
N PHE B 272 -35.90 3.81 -26.80
CA PHE B 272 -35.35 2.46 -26.65
C PHE B 272 -35.12 1.81 -28.01
N ILE B 273 -36.07 1.96 -28.94
CA ILE B 273 -35.87 1.40 -30.27
C ILE B 273 -34.71 2.09 -30.98
N ALA B 274 -34.60 3.41 -30.86
CA ALA B 274 -33.50 4.12 -31.49
C ALA B 274 -32.16 3.64 -30.95
N GLY B 275 -32.05 3.49 -29.64
CA GLY B 275 -30.81 3.01 -29.05
C GLY B 275 -30.49 1.58 -29.44
N LEU B 276 -31.50 0.71 -29.43
CA LEU B 276 -31.27 -0.68 -29.79
C LEU B 276 -30.83 -0.82 -31.25
N LEU B 277 -31.49 -0.08 -32.16
CA LEU B 277 -31.11 -0.14 -33.56
C LEU B 277 -29.73 0.44 -33.79
N THR B 278 -29.39 1.54 -33.09
CA THR B 278 -28.05 2.10 -33.22
C THR B 278 -27.00 1.11 -32.75
N ILE B 279 -27.25 0.45 -31.61
CA ILE B 279 -26.30 -0.54 -31.11
C ILE B 279 -26.14 -1.68 -32.11
N ILE B 280 -27.26 -2.19 -32.63
CA ILE B 280 -27.21 -3.34 -33.53
C ILE B 280 -26.46 -2.97 -34.81
N ILE B 281 -26.78 -1.81 -35.38
CA ILE B 281 -26.15 -1.40 -36.64
C ILE B 281 -24.66 -1.16 -36.43
N CYS B 282 -24.29 -0.47 -35.35
CA CYS B 282 -22.87 -0.20 -35.10
C CYS B 282 -22.10 -1.49 -34.89
N MET B 283 -22.65 -2.42 -34.10
CA MET B 283 -21.97 -3.68 -33.85
C MET B 283 -21.84 -4.50 -35.13
N ALA B 284 -22.90 -4.56 -35.93
CA ALA B 284 -22.85 -5.33 -37.17
C ALA B 284 -21.84 -4.75 -38.14
N VAL B 285 -21.81 -3.44 -38.29
CA VAL B 285 -20.87 -2.82 -39.22
C VAL B 285 -19.43 -2.98 -38.72
N LYS B 286 -19.22 -2.89 -37.39
CA LYS B 286 -17.90 -3.12 -36.85
C LYS B 286 -17.44 -4.54 -37.09
N GLU B 287 -18.33 -5.52 -36.90
CA GLU B 287 -17.98 -6.92 -37.16
C GLU B 287 -17.67 -7.13 -38.64
N LEU B 288 -18.46 -6.53 -39.53
CA LEU B 288 -18.19 -6.66 -40.96
C LEU B 288 -16.85 -6.03 -41.33
N ASN B 289 -16.53 -4.88 -40.75
CA ASN B 289 -15.25 -4.24 -41.03
C ASN B 289 -14.10 -5.09 -40.52
N ASP B 290 -14.24 -5.68 -39.32
CA ASP B 290 -13.20 -6.55 -38.79
C ASP B 290 -13.01 -7.79 -39.67
N ARG B 291 -14.11 -8.39 -40.12
CA ARG B 291 -14.01 -9.56 -40.99
C ARG B 291 -13.60 -9.17 -42.40
N PHE B 292 -14.41 -8.34 -43.05
CA PHE B 292 -14.10 -7.84 -44.40
C PHE B 292 -13.11 -6.68 -44.25
N LYS B 293 -11.85 -7.04 -44.00
CA LYS B 293 -10.81 -6.06 -43.69
C LYS B 293 -9.73 -5.96 -44.76
N HIS B 294 -9.67 -6.90 -45.70
CA HIS B 294 -8.64 -6.83 -46.75
C HIS B 294 -8.83 -5.60 -47.61
N LYS B 295 -10.07 -5.26 -47.94
CA LYS B 295 -10.38 -4.04 -48.67
C LYS B 295 -10.82 -2.95 -47.70
N ILE B 296 -10.82 -1.72 -48.19
CA ILE B 296 -11.20 -0.53 -47.41
C ILE B 296 -10.35 -0.45 -46.15
N PRO B 297 -9.06 -0.12 -46.26
CA PRO B 297 -8.23 -0.02 -45.05
C PRO B 297 -8.74 1.02 -44.06
N VAL B 298 -9.34 2.10 -44.53
CA VAL B 298 -9.91 3.10 -43.63
C VAL B 298 -11.12 2.51 -42.91
N PRO B 299 -11.22 2.67 -41.58
CA PRO B 299 -12.39 2.16 -40.88
C PRO B 299 -13.66 2.88 -41.29
N ILE B 300 -14.77 2.15 -41.25
CA ILE B 300 -16.07 2.71 -41.61
C ILE B 300 -16.56 3.60 -40.47
N PRO B 301 -16.81 4.89 -40.72
CA PRO B 301 -17.36 5.76 -39.67
C PRO B 301 -18.86 5.56 -39.49
N ILE B 302 -19.22 4.37 -39.01
CA ILE B 302 -20.63 4.00 -38.90
C ILE B 302 -21.35 4.87 -37.86
N GLU B 303 -20.66 5.25 -36.79
CA GLU B 303 -21.30 6.04 -35.75
C GLU B 303 -21.75 7.40 -36.29
N VAL B 304 -20.90 8.07 -37.08
CA VAL B 304 -21.25 9.37 -37.62
C VAL B 304 -22.42 9.26 -38.59
N ILE B 305 -22.41 8.24 -39.46
CA ILE B 305 -23.49 8.07 -40.42
C ILE B 305 -24.80 7.78 -39.68
N VAL B 306 -24.75 6.91 -38.68
CA VAL B 306 -25.95 6.59 -37.90
C VAL B 306 -26.48 7.82 -37.19
N THR B 307 -25.59 8.63 -36.63
CA THR B 307 -26.02 9.86 -35.96
C THR B 307 -26.67 10.83 -36.94
N ILE B 308 -26.09 10.98 -38.13
CA ILE B 308 -26.66 11.88 -39.13
C ILE B 308 -28.04 11.40 -39.54
N ILE B 309 -28.17 10.09 -39.79
CA ILE B 309 -29.46 9.54 -40.21
C ILE B 309 -30.49 9.72 -39.10
N ALA B 310 -30.10 9.45 -37.85
CA ALA B 310 -31.03 9.60 -36.73
C ALA B 310 -31.46 11.04 -36.57
N THR B 311 -30.53 11.99 -36.70
CA THR B 311 -30.88 13.40 -36.59
C THR B 311 -31.85 13.81 -37.69
N ALA B 312 -31.58 13.38 -38.93
CA ALA B 312 -32.46 13.72 -40.05
C ALA B 312 -33.85 13.13 -39.84
N ILE B 313 -33.92 11.86 -39.41
CA ILE B 313 -35.21 11.22 -39.20
C ILE B 313 -35.98 11.90 -38.08
N SER B 314 -35.30 12.23 -36.97
CA SER B 314 -35.96 12.91 -35.87
C SER B 314 -36.46 14.29 -36.27
N TYR B 315 -35.70 15.02 -37.08
CA TYR B 315 -36.16 16.31 -37.56
C TYR B 315 -37.37 16.15 -38.48
N ALA B 316 -37.35 15.13 -39.35
CA ALA B 316 -38.45 14.94 -40.28
C ALA B 316 -39.73 14.51 -39.59
N VAL B 317 -39.62 13.68 -38.55
CA VAL B 317 -40.80 13.16 -37.85
C VAL B 317 -41.15 13.97 -36.61
N ASN B 318 -40.22 14.79 -36.09
CA ASN B 318 -40.43 15.60 -34.89
C ASN B 318 -40.75 14.70 -33.69
N LEU B 319 -39.76 13.88 -33.33
CA LEU B 319 -39.90 12.97 -32.21
C LEU B 319 -39.99 13.70 -30.87
N GLU B 320 -39.65 14.99 -30.83
CA GLU B 320 -39.66 15.73 -29.57
C GLU B 320 -41.07 15.82 -28.99
N LYS B 321 -42.06 16.09 -29.83
CA LYS B 321 -43.42 16.31 -29.35
C LYS B 321 -44.40 15.21 -29.75
N ASN B 322 -44.19 14.54 -30.88
CA ASN B 322 -45.10 13.48 -31.29
C ASN B 322 -44.93 12.24 -30.42
N TYR B 323 -43.69 11.86 -30.14
CA TYR B 323 -43.41 10.67 -29.35
C TYR B 323 -42.66 10.97 -28.05
N ASN B 324 -42.40 12.25 -27.75
CA ASN B 324 -41.75 12.66 -26.51
C ASN B 324 -40.39 11.98 -26.32
N ALA B 325 -39.63 11.91 -27.41
CA ALA B 325 -38.30 11.36 -27.35
C ALA B 325 -37.35 12.30 -26.63
N GLY B 326 -36.26 11.73 -26.10
CA GLY B 326 -35.30 12.49 -25.34
C GLY B 326 -34.19 13.09 -26.19
N ILE B 327 -34.53 14.06 -27.02
CA ILE B 327 -33.54 14.73 -27.87
C ILE B 327 -32.70 15.66 -26.99
N VAL B 328 -31.55 16.10 -27.50
CA VAL B 328 -30.67 16.96 -26.72
C VAL B 328 -31.36 18.31 -26.44
N LYS B 329 -32.02 18.87 -27.46
CA LYS B 329 -32.93 20.00 -27.30
C LYS B 329 -32.21 21.31 -26.97
N SER B 330 -30.91 21.25 -26.73
CA SER B 330 -30.18 22.45 -26.32
C SER B 330 -28.70 22.29 -26.68
N ILE B 331 -28.27 22.94 -27.75
CA ILE B 331 -26.85 23.04 -28.09
C ILE B 331 -26.55 24.52 -28.35
N PRO B 332 -25.82 25.19 -27.46
CA PRO B 332 -25.57 26.62 -27.64
C PRO B 332 -24.73 26.90 -28.87
N ARG B 333 -24.98 28.06 -29.49
CA ARG B 333 -24.21 28.52 -30.64
C ARG B 333 -23.29 29.65 -30.18
N GLY B 334 -22.01 29.51 -30.49
CA GLY B 334 -21.01 30.49 -30.10
C GLY B 334 -20.10 29.94 -29.00
N PHE B 335 -19.13 30.78 -28.64
CA PHE B 335 -18.14 30.44 -27.63
C PHE B 335 -18.45 31.18 -26.34
N LEU B 336 -18.56 30.44 -25.24
CA LEU B 336 -18.81 31.04 -23.93
C LEU B 336 -17.54 31.71 -23.39
N PRO B 337 -17.68 32.80 -22.65
CA PRO B 337 -16.51 33.45 -22.09
C PRO B 337 -15.93 32.64 -20.95
N PRO B 338 -14.62 32.72 -20.72
CA PRO B 338 -14.02 31.94 -19.62
C PRO B 338 -14.46 32.45 -18.26
N GLU B 339 -14.52 31.51 -17.31
CA GLU B 339 -14.89 31.83 -15.94
C GLU B 339 -13.91 31.14 -14.99
N ILE B 340 -13.67 31.77 -13.85
CA ILE B 340 -12.79 31.20 -12.83
C ILE B 340 -13.58 30.19 -12.01
N PRO B 341 -13.16 28.92 -11.99
CA PRO B 341 -13.89 27.93 -11.19
C PRO B 341 -13.74 28.22 -9.71
N PRO B 342 -14.74 27.87 -8.90
CA PRO B 342 -14.61 28.05 -7.45
C PRO B 342 -13.66 27.04 -6.83
N ILE B 343 -12.47 27.50 -6.44
CA ILE B 343 -11.47 26.60 -5.88
C ILE B 343 -11.85 26.07 -4.51
N SER B 344 -12.86 26.66 -3.86
CA SER B 344 -13.29 26.20 -2.54
C SER B 344 -13.77 24.76 -2.57
N LEU B 345 -14.15 24.24 -3.73
CA LEU B 345 -14.58 22.85 -3.86
C LEU B 345 -13.42 21.88 -3.96
N PHE B 346 -12.18 22.37 -4.06
CA PHE B 346 -11.02 21.50 -4.21
C PHE B 346 -10.92 20.49 -3.08
N SER B 347 -11.42 20.83 -1.88
CA SER B 347 -11.34 19.92 -0.76
C SER B 347 -12.20 18.68 -0.94
N GLU B 348 -13.27 18.80 -1.73
CA GLU B 348 -14.21 17.69 -1.95
C GLU B 348 -13.89 16.89 -3.20
N MET B 349 -12.78 17.20 -3.89
CA MET B 349 -12.45 16.56 -5.14
C MET B 349 -11.06 15.94 -5.18
N LEU B 350 -10.31 15.98 -4.08
CA LEU B 350 -8.90 15.59 -4.12
C LEU B 350 -8.74 14.12 -4.49
N THR B 351 -9.44 13.23 -3.77
CA THR B 351 -9.33 11.80 -4.04
C THR B 351 -9.86 11.45 -5.42
N ALA B 352 -10.80 12.24 -5.93
CA ALA B 352 -11.32 11.99 -7.27
C ALA B 352 -10.42 12.59 -8.34
N SER B 353 -9.93 13.82 -8.12
CA SER B 353 -9.09 14.47 -9.10
C SER B 353 -7.77 13.72 -9.28
N PHE B 354 -7.19 13.23 -8.19
CA PHE B 354 -5.94 12.47 -8.29
C PHE B 354 -6.13 11.24 -9.18
N SER B 355 -7.18 10.45 -8.91
CA SER B 355 -7.41 9.24 -9.68
C SER B 355 -7.76 9.55 -11.14
N ILE B 356 -8.55 10.60 -11.36
CA ILE B 356 -8.91 10.96 -12.73
C ILE B 356 -7.67 11.39 -13.50
N ALA B 357 -6.80 12.19 -12.87
CA ALA B 357 -5.57 12.60 -13.53
C ALA B 357 -4.69 11.39 -13.84
N VAL B 358 -4.55 10.47 -12.89
CA VAL B 358 -3.72 9.29 -13.10
C VAL B 358 -4.27 8.46 -14.26
N VAL B 359 -5.58 8.21 -14.27
CA VAL B 359 -6.18 7.36 -15.30
C VAL B 359 -6.06 8.01 -16.67
N ALA B 360 -6.37 9.31 -16.76
CA ALA B 360 -6.31 10.01 -18.04
C ALA B 360 -4.89 10.03 -18.58
N TYR B 361 -3.91 10.31 -17.72
CA TYR B 361 -2.53 10.32 -18.16
C TYR B 361 -2.07 8.93 -18.59
N ALA B 362 -2.49 7.90 -17.86
CA ALA B 362 -2.13 6.54 -18.23
C ALA B 362 -2.68 6.16 -19.59
N ILE B 363 -3.94 6.50 -19.86
CA ILE B 363 -4.52 6.21 -21.17
C ILE B 363 -3.77 6.97 -22.25
N ALA B 364 -3.47 8.25 -21.99
CA ALA B 364 -2.78 9.06 -22.98
C ALA B 364 -1.41 8.49 -23.32
N VAL B 365 -0.62 8.13 -22.30
CA VAL B 365 0.72 7.61 -22.56
C VAL B 365 0.65 6.22 -23.16
N SER B 366 -0.35 5.42 -22.80
CA SER B 366 -0.50 4.11 -23.43
C SER B 366 -0.70 4.25 -24.94
N VAL B 367 -1.66 5.09 -25.34
CA VAL B 367 -1.91 5.28 -26.76
C VAL B 367 -0.70 5.91 -27.46
N GLY B 368 -0.09 6.91 -26.81
CA GLY B 368 1.07 7.55 -27.39
C GLY B 368 2.23 6.60 -27.61
N LYS B 369 2.48 5.71 -26.65
CA LYS B 369 3.54 4.72 -26.82
C LYS B 369 3.19 3.71 -27.90
N VAL B 370 1.93 3.27 -27.95
CA VAL B 370 1.51 2.32 -28.98
C VAL B 370 1.76 2.88 -30.37
N TYR B 371 1.50 4.17 -30.56
CA TYR B 371 1.74 4.75 -31.88
C TYR B 371 3.17 5.22 -32.09
N ALA B 372 3.91 5.51 -31.02
CA ALA B 372 5.30 5.94 -31.16
C ALA B 372 6.21 4.78 -31.50
N ILE B 373 5.95 3.60 -30.91
CA ILE B 373 6.72 2.43 -31.30
C ILE B 373 6.45 2.06 -32.75
N LYS B 374 5.21 2.26 -33.22
CA LYS B 374 4.89 2.00 -34.62
C LYS B 374 5.58 2.98 -35.54
N TYR B 375 5.59 4.27 -35.19
CA TYR B 375 6.20 5.29 -36.02
C TYR B 375 7.63 5.63 -35.62
N ASP B 376 8.21 4.88 -34.68
CA ASP B 376 9.62 4.97 -34.33
C ASP B 376 10.01 6.37 -33.87
N TYR B 377 9.41 6.78 -32.75
CA TYR B 377 9.81 7.99 -32.05
C TYR B 377 9.50 7.80 -30.57
N THR B 378 9.85 8.80 -29.77
CA THR B 378 9.70 8.73 -28.32
C THR B 378 8.85 9.89 -27.81
N ILE B 379 8.19 9.65 -26.68
CA ILE B 379 7.35 10.64 -26.03
C ILE B 379 7.82 10.80 -24.59
N ASP B 380 7.91 12.05 -24.14
CA ASP B 380 8.34 12.34 -22.77
C ASP B 380 7.15 12.26 -21.84
N GLY B 381 7.21 11.34 -20.87
CA GLY B 381 6.11 11.19 -19.93
C GLY B 381 5.92 12.40 -19.06
N ASN B 382 7.01 13.00 -18.59
CA ASN B 382 6.92 14.23 -17.80
C ASN B 382 6.33 15.36 -18.63
N GLN B 383 6.72 15.44 -19.92
CA GLN B 383 6.08 16.42 -20.78
C GLN B 383 4.63 16.05 -21.10
N GLU B 384 4.27 14.77 -21.00
CA GLU B 384 2.86 14.42 -21.13
C GLU B 384 2.07 14.94 -19.93
N PHE B 385 2.60 14.77 -18.71
CA PHE B 385 2.11 15.53 -17.56
C PHE B 385 1.94 17.00 -17.87
N ILE B 386 3.00 17.65 -18.33
CA ILE B 386 2.97 19.11 -18.51
C ILE B 386 1.87 19.49 -19.50
N ALA B 387 1.84 18.80 -20.64
CA ALA B 387 0.89 19.13 -21.70
C ALA B 387 -0.54 18.90 -21.24
N PHE B 388 -0.81 17.76 -20.61
CA PHE B 388 -2.18 17.45 -20.22
C PHE B 388 -2.64 18.27 -19.02
N GLY B 389 -1.73 18.62 -18.11
CA GLY B 389 -2.09 19.52 -17.03
C GLY B 389 -2.43 20.92 -17.53
N ILE B 390 -1.61 21.44 -18.45
CA ILE B 390 -1.93 22.73 -19.07
C ILE B 390 -3.26 22.63 -19.81
N SER B 391 -3.48 21.50 -20.50
CA SER B 391 -4.72 21.32 -21.25
C SER B 391 -5.93 21.31 -20.34
N ASN B 392 -5.84 20.60 -19.22
CA ASN B 392 -6.97 20.51 -18.32
C ASN B 392 -7.22 21.82 -17.60
N ILE B 393 -6.16 22.56 -17.27
CA ILE B 393 -6.33 23.89 -16.68
C ILE B 393 -7.04 24.81 -17.67
N PHE B 394 -6.55 24.84 -18.91
CA PHE B 394 -7.12 25.70 -19.95
C PHE B 394 -8.58 25.35 -20.22
N SER B 395 -8.88 24.05 -20.28
CA SER B 395 -10.24 23.62 -20.55
C SER B 395 -11.16 23.91 -19.36
N GLY B 396 -10.66 23.73 -18.14
CA GLY B 396 -11.46 24.04 -16.97
C GLY B 396 -11.79 25.53 -16.87
N PHE B 397 -10.86 26.37 -17.29
CA PHE B 397 -11.17 27.80 -17.37
C PHE B 397 -12.25 28.08 -18.42
N PHE B 398 -12.41 27.17 -19.39
CA PHE B 398 -13.37 27.36 -20.47
C PHE B 398 -14.52 26.35 -20.43
N SER B 399 -14.93 25.89 -19.25
CA SER B 399 -16.12 25.06 -19.06
C SER B 399 -16.02 23.76 -19.86
N CYS B 400 -15.03 22.95 -19.49
CA CYS B 400 -14.84 21.63 -20.09
C CYS B 400 -14.52 20.63 -18.99
N PHE B 401 -14.80 19.35 -19.28
CA PHE B 401 -14.42 18.28 -18.37
C PHE B 401 -13.08 17.69 -18.78
N VAL B 402 -12.57 16.79 -17.92
CA VAL B 402 -11.19 16.35 -18.04
C VAL B 402 -10.92 15.71 -19.40
N ALA B 403 -9.78 16.05 -19.99
CA ALA B 403 -9.45 15.64 -21.34
C ALA B 403 -8.27 14.69 -21.36
N THR B 404 -8.35 13.68 -22.23
CA THR B 404 -7.28 12.74 -22.49
C THR B 404 -7.42 12.30 -23.94
N THR B 405 -6.82 11.16 -24.30
CA THR B 405 -6.97 10.63 -25.64
C THR B 405 -7.86 9.39 -25.61
N ALA B 406 -8.44 9.10 -26.78
CA ALA B 406 -9.29 7.92 -26.97
C ALA B 406 -8.67 7.04 -28.04
N LEU B 407 -8.68 5.73 -27.79
CA LEU B 407 -8.04 4.79 -28.71
C LEU B 407 -8.75 4.77 -30.06
N SER B 408 -10.09 4.80 -30.05
CA SER B 408 -10.83 4.77 -31.30
C SER B 408 -10.59 6.04 -32.12
N ARG B 409 -10.64 7.19 -31.47
CA ARG B 409 -10.41 8.44 -32.18
C ARG B 409 -8.98 8.55 -32.69
N THR B 410 -8.02 8.09 -31.89
CA THR B 410 -6.63 8.10 -32.33
C THR B 410 -6.43 7.15 -33.51
N ALA B 411 -7.09 5.99 -33.49
CA ALA B 411 -7.01 5.07 -34.62
C ALA B 411 -7.61 5.70 -35.88
N VAL B 412 -8.73 6.42 -35.72
CA VAL B 412 -9.33 7.11 -36.85
C VAL B 412 -8.38 8.16 -37.41
N GLN B 413 -7.75 8.94 -36.53
CA GLN B 413 -6.83 9.97 -36.98
C GLN B 413 -5.62 9.37 -37.69
N GLU B 414 -5.08 8.28 -37.15
CA GLU B 414 -3.85 7.71 -37.71
C GLU B 414 -4.12 6.97 -39.02
N SER B 415 -5.22 6.20 -39.07
CA SER B 415 -5.48 5.36 -40.23
C SER B 415 -5.84 6.15 -41.48
N THR B 416 -6.35 7.37 -41.32
CA THR B 416 -6.74 8.21 -42.45
C THR B 416 -5.66 9.21 -42.82
N GLY B 417 -4.40 8.84 -42.68
CA GLY B 417 -3.29 9.72 -43.00
C GLY B 417 -2.71 10.41 -41.80
N GLY B 418 -2.47 9.66 -40.74
CA GLY B 418 -1.93 10.20 -39.50
C GLY B 418 -0.57 10.85 -39.65
N LYS B 419 -0.49 12.13 -39.30
CA LYS B 419 0.76 12.88 -39.33
C LYS B 419 0.81 13.71 -38.05
N THR B 420 1.63 14.75 -38.04
CA THR B 420 1.83 15.58 -36.86
C THR B 420 0.52 16.23 -36.42
N GLN B 421 0.58 16.91 -35.27
CA GLN B 421 -0.60 17.45 -34.61
C GLN B 421 -1.31 18.54 -35.40
N ILE B 422 -0.87 18.84 -36.63
CA ILE B 422 -1.66 19.72 -37.49
C ILE B 422 -3.02 19.08 -37.78
N ALA B 423 -3.05 17.76 -37.88
CA ALA B 423 -4.34 17.06 -37.99
C ALA B 423 -5.21 17.32 -36.76
N GLY B 424 -4.58 17.41 -35.59
CA GLY B 424 -5.33 17.79 -34.40
C GLY B 424 -5.92 19.19 -34.53
N ILE B 425 -5.15 20.13 -35.09
CA ILE B 425 -5.64 21.48 -35.29
C ILE B 425 -6.82 21.48 -36.25
N ILE B 426 -6.74 20.66 -37.32
CA ILE B 426 -7.84 20.57 -38.27
C ILE B 426 -9.08 19.99 -37.60
N SER B 427 -8.90 18.97 -36.76
CA SER B 427 -10.03 18.41 -36.02
C SER B 427 -10.66 19.44 -35.09
N ALA B 428 -9.82 20.23 -34.42
CA ALA B 428 -10.34 21.29 -33.56
C ALA B 428 -11.10 22.33 -34.37
N ALA B 429 -10.61 22.66 -35.56
CA ALA B 429 -11.33 23.60 -36.42
C ALA B 429 -12.67 23.04 -36.84
N VAL B 430 -12.73 21.73 -37.13
CA VAL B 430 -14.01 21.11 -37.47
C VAL B 430 -14.96 21.17 -36.28
N VAL B 431 -14.46 20.90 -35.08
CA VAL B 431 -15.29 21.01 -33.88
C VAL B 431 -15.78 22.45 -33.70
N MET B 432 -14.92 23.42 -33.99
CA MET B 432 -15.31 24.83 -33.87
C MET B 432 -16.41 25.19 -34.85
N ILE B 433 -16.29 24.76 -36.12
CA ILE B 433 -17.34 25.09 -37.08
C ILE B 433 -18.62 24.32 -36.77
N ALA B 434 -18.51 23.17 -36.09
CA ALA B 434 -19.71 22.52 -35.59
C ALA B 434 -20.34 23.33 -34.46
N ILE B 435 -19.51 23.94 -33.61
CA ILE B 435 -20.00 24.73 -32.50
C ILE B 435 -20.73 25.97 -33.01
N VAL B 436 -20.13 26.67 -33.98
CA VAL B 436 -20.67 27.96 -34.40
C VAL B 436 -21.72 27.85 -35.51
N ALA B 437 -21.72 26.77 -36.29
CA ALA B 437 -22.64 26.63 -37.41
C ALA B 437 -23.56 25.43 -37.28
N LEU B 438 -23.04 24.27 -36.89
CA LEU B 438 -23.80 23.04 -36.88
C LEU B 438 -24.48 22.77 -35.54
N GLY B 439 -24.48 23.73 -34.62
CA GLY B 439 -25.14 23.52 -33.34
C GLY B 439 -26.64 23.35 -33.49
N LYS B 440 -27.27 24.15 -34.35
CA LYS B 440 -28.71 24.04 -34.55
C LYS B 440 -29.09 22.76 -35.30
N LEU B 441 -28.23 22.30 -36.20
CA LEU B 441 -28.56 21.13 -37.01
C LEU B 441 -28.62 19.85 -36.17
N LEU B 442 -27.95 19.84 -35.02
CA LEU B 442 -27.88 18.67 -34.16
C LEU B 442 -28.88 18.72 -33.01
N GLU B 443 -29.77 19.72 -33.00
CA GLU B 443 -30.78 19.82 -31.95
C GLU B 443 -31.70 18.60 -31.87
N PRO B 444 -32.28 18.10 -32.97
CA PRO B 444 -33.24 16.99 -32.83
C PRO B 444 -32.61 15.63 -32.56
N LEU B 445 -31.30 15.53 -32.42
CA LEU B 445 -30.67 14.23 -32.18
C LEU B 445 -30.99 13.73 -30.78
N GLN B 446 -31.44 12.48 -30.70
CA GLN B 446 -31.76 11.88 -29.41
C GLN B 446 -30.48 11.53 -28.65
N LYS B 447 -30.57 11.62 -27.33
CA LYS B 447 -29.45 11.20 -26.48
C LYS B 447 -29.32 9.68 -26.44
N SER B 448 -30.40 8.95 -26.73
CA SER B 448 -30.33 7.50 -26.79
C SER B 448 -29.38 7.03 -27.88
N VAL B 449 -29.29 7.76 -28.99
CA VAL B 449 -28.36 7.40 -30.06
C VAL B 449 -26.92 7.52 -29.57
N LEU B 450 -26.60 8.61 -28.86
CA LEU B 450 -25.25 8.80 -28.34
C LEU B 450 -24.91 7.71 -27.32
N ALA B 451 -25.82 7.45 -26.39
CA ALA B 451 -25.57 6.42 -25.39
C ALA B 451 -25.45 5.04 -26.04
N ALA B 452 -26.21 4.80 -27.10
CA ALA B 452 -26.10 3.54 -27.83
C ALA B 452 -24.77 3.41 -28.52
N VAL B 453 -24.25 4.51 -29.08
CA VAL B 453 -22.92 4.49 -29.69
C VAL B 453 -21.87 4.13 -28.64
N VAL B 454 -21.96 4.75 -27.46
CA VAL B 454 -21.01 4.44 -26.39
C VAL B 454 -21.13 2.97 -25.98
N ILE B 455 -22.36 2.47 -25.83
CA ILE B 455 -22.57 1.09 -25.43
C ILE B 455 -22.00 0.13 -26.47
N ALA B 456 -22.20 0.45 -27.76
CA ALA B 456 -21.66 -0.39 -28.82
C ALA B 456 -20.13 -0.42 -28.77
N ASN B 457 -19.50 0.73 -28.50
CA ASN B 457 -18.05 0.75 -28.40
C ASN B 457 -17.54 0.09 -27.13
N LEU B 458 -18.41 -0.14 -26.14
CA LEU B 458 -18.00 -0.78 -24.88
C LEU B 458 -17.63 -2.26 -25.03
N LYS B 459 -17.84 -2.88 -26.20
CA LYS B 459 -17.64 -4.32 -26.32
C LYS B 459 -16.19 -4.72 -26.10
N GLY B 460 -15.25 -3.92 -26.61
CA GLY B 460 -13.84 -4.24 -26.42
C GLY B 460 -13.44 -4.24 -24.95
N MET B 461 -13.92 -3.24 -24.20
CA MET B 461 -13.67 -3.22 -22.76
C MET B 461 -14.34 -4.39 -22.06
N PHE B 462 -15.54 -4.77 -22.51
CA PHE B 462 -16.24 -5.88 -21.87
C PHE B 462 -15.55 -7.22 -22.11
N MET B 463 -14.92 -7.39 -23.27
CA MET B 463 -14.29 -8.68 -23.60
C MET B 463 -13.00 -8.95 -22.81
N GLN B 464 -12.63 -8.17 -21.81
CA GLN B 464 -11.42 -8.46 -21.04
C GLN B 464 -11.64 -9.48 -19.95
N VAL B 465 -12.87 -9.95 -19.75
CA VAL B 465 -13.11 -10.99 -18.75
C VAL B 465 -12.56 -12.34 -19.21
N CYS B 466 -12.26 -12.49 -20.50
CA CYS B 466 -11.68 -13.73 -20.99
C CYS B 466 -10.23 -13.91 -20.56
N ASP B 467 -9.57 -12.85 -20.13
CA ASP B 467 -8.19 -12.95 -19.68
C ASP B 467 -8.06 -13.46 -18.25
N VAL B 468 -9.14 -13.45 -17.48
CA VAL B 468 -9.08 -13.89 -16.09
C VAL B 468 -8.71 -15.36 -15.95
N PRO B 469 -9.35 -16.31 -16.66
CA PRO B 469 -8.90 -17.70 -16.54
C PRO B 469 -7.47 -17.93 -17.01
N ARG B 470 -7.05 -17.21 -18.06
CA ARG B 470 -5.67 -17.32 -18.51
C ARG B 470 -4.70 -16.83 -17.44
N LEU B 471 -5.02 -15.71 -16.79
CA LEU B 471 -4.19 -15.22 -15.69
C LEU B 471 -4.17 -16.21 -14.55
N TRP B 472 -5.31 -16.82 -14.24
CA TRP B 472 -5.36 -17.82 -13.17
C TRP B 472 -4.46 -19.00 -13.49
N ARG B 473 -4.49 -19.46 -14.73
CA ARG B 473 -3.62 -20.57 -15.14
C ARG B 473 -2.15 -20.16 -15.17
N GLN B 474 -1.86 -18.88 -15.40
CA GLN B 474 -0.47 -18.43 -15.51
C GLN B 474 0.08 -17.96 -14.16
N ASN B 475 -0.54 -16.94 -13.57
CA ASN B 475 -0.09 -16.39 -12.29
C ASN B 475 -1.32 -16.04 -11.47
N LYS B 476 -1.56 -16.81 -10.40
CA LYS B 476 -2.75 -16.60 -9.59
C LYS B 476 -2.77 -15.22 -8.96
N THR B 477 -1.61 -14.66 -8.65
CA THR B 477 -1.55 -13.33 -8.05
C THR B 477 -2.11 -12.27 -8.98
N ASP B 478 -1.77 -12.35 -10.27
CA ASP B 478 -2.27 -11.37 -11.24
C ASP B 478 -3.77 -11.51 -11.46
N ALA B 479 -4.28 -12.75 -11.47
CA ALA B 479 -5.72 -12.95 -11.57
C ALA B 479 -6.43 -12.40 -10.35
N VAL B 480 -5.84 -12.59 -9.16
CA VAL B 480 -6.41 -12.03 -7.94
C VAL B 480 -6.43 -10.52 -8.01
N ILE B 481 -5.36 -9.91 -8.51
CA ILE B 481 -5.33 -8.45 -8.67
C ILE B 481 -6.42 -8.00 -9.64
N TRP B 482 -6.57 -8.71 -10.75
CA TRP B 482 -7.62 -8.39 -11.73
C TRP B 482 -9.00 -8.42 -11.07
N VAL B 483 -9.32 -9.53 -10.40
CA VAL B 483 -10.65 -9.69 -9.81
C VAL B 483 -10.88 -8.68 -8.70
N PHE B 484 -9.87 -8.45 -7.87
CA PHE B 484 -10.02 -7.48 -6.79
C PHE B 484 -10.25 -6.08 -7.33
N THR B 485 -9.49 -5.68 -8.35
CA THR B 485 -9.67 -4.34 -8.91
C THR B 485 -11.05 -4.20 -9.55
N CYS B 486 -11.50 -5.23 -10.27
CA CYS B 486 -12.83 -5.17 -10.88
C CYS B 486 -13.91 -5.04 -9.81
N ILE B 487 -13.89 -5.91 -8.80
CA ILE B 487 -14.93 -5.89 -7.78
C ILE B 487 -14.88 -4.59 -6.98
N ALA B 488 -13.68 -4.13 -6.64
CA ALA B 488 -13.56 -2.87 -5.90
C ALA B 488 -14.12 -1.71 -6.71
N SER B 489 -13.69 -1.55 -7.96
CA SER B 489 -14.22 -0.48 -8.79
C SER B 489 -15.72 -0.62 -9.04
N ILE B 490 -16.27 -1.83 -8.88
CA ILE B 490 -17.71 -2.00 -8.98
C ILE B 490 -18.40 -1.51 -7.72
N ILE B 491 -18.11 -2.13 -6.57
CA ILE B 491 -18.66 -1.63 -5.32
C ILE B 491 -17.69 -0.65 -4.67
N LEU B 492 -17.59 0.53 -5.26
CA LEU B 492 -16.86 1.70 -4.78
C LEU B 492 -17.01 2.77 -5.85
N GLY B 493 -16.42 3.94 -5.65
CA GLY B 493 -16.19 4.82 -6.76
C GLY B 493 -15.14 4.26 -7.71
N LEU B 494 -15.17 4.74 -8.95
CA LEU B 494 -14.12 4.37 -9.89
C LEU B 494 -12.77 4.91 -9.41
N ASP B 495 -12.76 6.13 -8.86
CA ASP B 495 -11.55 6.66 -8.25
C ASP B 495 -11.13 5.82 -7.04
N LEU B 496 -12.10 5.50 -6.17
CA LEU B 496 -11.80 4.66 -5.02
C LEU B 496 -11.41 3.25 -5.46
N GLY B 497 -12.03 2.74 -6.52
CA GLY B 497 -11.63 1.45 -7.04
C GLY B 497 -10.21 1.44 -7.55
N LEU B 498 -9.80 2.50 -8.25
CA LEU B 498 -8.43 2.60 -8.74
C LEU B 498 -7.45 2.68 -7.58
N LEU B 499 -7.76 3.49 -6.57
CA LEU B 499 -6.89 3.57 -5.40
C LEU B 499 -6.77 2.23 -4.69
N ALA B 500 -7.90 1.53 -4.53
CA ALA B 500 -7.86 0.22 -3.90
C ALA B 500 -7.06 -0.78 -4.72
N GLY B 501 -7.16 -0.71 -6.04
CA GLY B 501 -6.36 -1.58 -6.89
C GLY B 501 -4.87 -1.30 -6.76
N LEU B 502 -4.50 -0.03 -6.69
CA LEU B 502 -3.09 0.31 -6.51
C LEU B 502 -2.57 -0.20 -5.17
N MET B 503 -3.35 -0.01 -4.10
CA MET B 503 -2.92 -0.50 -2.79
C MET B 503 -2.86 -2.02 -2.77
N PHE B 504 -3.77 -2.69 -3.47
CA PHE B 504 -3.74 -4.14 -3.53
C PHE B 504 -2.53 -4.64 -4.30
N GLY B 505 -2.14 -3.93 -5.37
CA GLY B 505 -0.92 -4.29 -6.06
C GLY B 505 0.31 -4.14 -5.18
N PHE B 506 0.36 -3.05 -4.40
CA PHE B 506 1.45 -2.90 -3.44
C PHE B 506 1.44 -4.02 -2.42
N LEU B 507 0.25 -4.40 -1.93
CA LEU B 507 0.15 -5.49 -0.97
C LEU B 507 0.62 -6.81 -1.58
N THR B 508 0.27 -7.07 -2.83
CA THR B 508 0.72 -8.30 -3.48
C THR B 508 2.22 -8.33 -3.63
N VAL B 509 2.83 -7.20 -3.99
CA VAL B 509 4.29 -7.15 -4.08
C VAL B 509 4.93 -7.40 -2.72
N VAL B 510 4.39 -6.77 -1.67
CA VAL B 510 4.94 -6.95 -0.33
C VAL B 510 4.78 -8.39 0.14
N VAL B 511 3.64 -9.00 -0.14
CA VAL B 511 3.42 -10.39 0.26
C VAL B 511 4.35 -11.32 -0.49
N ARG B 512 4.54 -11.09 -1.79
CA ARG B 512 5.43 -11.94 -2.57
C ARG B 512 6.87 -11.84 -2.08
N VAL B 513 7.33 -10.62 -1.75
CA VAL B 513 8.67 -10.49 -1.17
C VAL B 513 8.72 -10.88 0.29
N GLN B 514 7.57 -11.14 0.91
CA GLN B 514 7.49 -11.48 2.33
C GLN B 514 7.42 -12.98 2.59
N PHE B 515 6.89 -13.75 1.65
CA PHE B 515 6.79 -15.21 1.77
C PHE B 515 7.46 -15.82 0.54
N PRO B 516 8.78 -15.84 0.52
CA PRO B 516 9.51 -16.28 -0.67
C PRO B 516 9.60 -17.80 -0.74
N SER B 517 10.32 -18.27 -1.76
CA SER B 517 10.67 -19.68 -1.89
C SER B 517 12.01 -19.91 -1.22
N TRP B 518 11.99 -20.54 -0.06
CA TRP B 518 13.20 -20.84 0.69
C TRP B 518 13.47 -22.33 0.63
N ASN B 519 14.74 -22.70 0.56
CA ASN B 519 15.12 -24.09 0.38
C ASN B 519 16.32 -24.43 1.25
N SER B 520 16.46 -25.72 1.54
CA SER B 520 17.66 -26.27 2.15
C SER B 520 18.47 -26.94 1.05
N LEU B 521 19.68 -26.43 0.82
CA LEU B 521 20.48 -26.80 -0.34
C LEU B 521 21.56 -27.82 0.00
N GLY B 522 21.90 -28.63 -0.99
CA GLY B 522 23.06 -29.49 -0.92
C GLY B 522 23.71 -29.56 -2.29
N SER B 523 24.93 -30.08 -2.31
CA SER B 523 25.78 -30.04 -3.49
C SER B 523 25.55 -31.25 -4.39
N ILE B 524 25.50 -30.99 -5.69
CA ILE B 524 25.63 -32.08 -6.67
C ILE B 524 27.03 -32.67 -6.54
N PRO B 525 27.18 -33.99 -6.49
CA PRO B 525 28.51 -34.57 -6.30
C PRO B 525 29.48 -34.14 -7.38
N ASN B 526 30.72 -33.84 -6.96
CA ASN B 526 31.85 -33.48 -7.81
C ASN B 526 31.65 -32.16 -8.55
N THR B 527 30.64 -31.37 -8.20
CA THR B 527 30.42 -30.07 -8.81
C THR B 527 30.23 -29.02 -7.72
N ASP B 528 30.03 -27.77 -8.13
CA ASP B 528 29.77 -26.66 -7.23
C ASP B 528 28.34 -26.15 -7.38
N ILE B 529 27.40 -27.02 -7.75
CA ILE B 529 26.02 -26.66 -8.00
C ILE B 529 25.20 -27.07 -6.78
N TYR B 530 24.67 -26.11 -6.05
CA TYR B 530 23.94 -26.38 -4.82
C TYR B 530 22.45 -26.18 -5.08
N ARG B 531 21.69 -27.28 -5.01
CA ARG B 531 20.28 -27.28 -5.31
C ARG B 531 19.51 -27.83 -4.11
N SER B 532 18.19 -27.63 -4.13
CA SER B 532 17.35 -28.09 -3.03
C SER B 532 17.51 -29.59 -2.83
N THR B 533 17.68 -29.99 -1.56
CA THR B 533 17.94 -31.40 -1.26
C THR B 533 16.72 -32.27 -1.51
N LYS B 534 15.52 -31.73 -1.31
CA LYS B 534 14.28 -32.49 -1.46
C LYS B 534 13.71 -32.41 -2.87
N ASP B 535 14.41 -31.76 -3.80
CA ASP B 535 13.88 -31.54 -5.14
C ASP B 535 14.56 -32.37 -6.22
N TYR B 536 15.77 -32.89 -5.99
CA TYR B 536 16.53 -33.53 -7.04
C TYR B 536 16.83 -35.00 -6.80
N LYS B 537 16.73 -35.48 -5.56
CA LYS B 537 16.84 -36.88 -5.18
C LYS B 537 18.24 -37.46 -5.36
N ASN B 538 19.18 -36.71 -5.94
CA ASN B 538 20.58 -37.10 -5.98
C ASN B 538 21.46 -36.13 -5.23
N ILE B 539 20.85 -35.17 -4.53
CA ILE B 539 21.58 -34.19 -3.73
C ILE B 539 22.12 -34.88 -2.48
N GLU B 540 23.41 -34.67 -2.20
CA GLU B 540 24.04 -35.23 -1.02
C GLU B 540 24.17 -34.14 0.05
N GLU B 541 23.65 -34.43 1.24
CA GLU B 541 23.74 -33.49 2.34
C GLU B 541 25.17 -33.44 2.87
N PRO B 542 25.74 -32.25 3.08
CA PRO B 542 27.08 -32.17 3.66
C PRO B 542 27.06 -32.52 5.13
N GLU B 543 28.25 -32.83 5.65
CA GLU B 543 28.39 -33.34 7.02
C GLU B 543 28.35 -32.19 8.01
N GLY B 544 27.28 -32.12 8.80
CA GLY B 544 27.22 -31.19 9.91
C GLY B 544 27.02 -29.74 9.57
N VAL B 545 26.56 -29.43 8.36
CA VAL B 545 26.30 -28.06 7.96
C VAL B 545 25.00 -28.00 7.17
N LYS B 546 24.18 -26.98 7.44
CA LYS B 546 22.94 -26.74 6.74
C LYS B 546 23.06 -25.47 5.91
N ILE B 547 22.62 -25.53 4.66
CA ILE B 547 22.66 -24.41 3.74
C ILE B 547 21.23 -23.97 3.48
N LEU B 548 20.93 -22.70 3.74
CA LEU B 548 19.59 -22.18 3.53
C LEU B 548 19.62 -21.08 2.49
N ARG B 549 18.83 -21.26 1.43
CA ARG B 549 18.61 -20.23 0.42
C ARG B 549 17.28 -19.55 0.73
N PHE B 550 17.34 -18.28 1.11
CA PHE B 550 16.17 -17.45 1.38
C PHE B 550 16.06 -16.47 0.22
N SER B 551 15.19 -16.78 -0.74
CA SER B 551 15.17 -16.08 -2.02
C SER B 551 14.30 -14.82 -1.93
N SER B 552 14.76 -13.87 -1.12
CA SER B 552 14.07 -12.60 -0.94
C SER B 552 14.95 -11.61 -0.19
N PRO B 553 14.82 -10.31 -0.45
CA PRO B 553 15.46 -9.32 0.42
C PRO B 553 14.90 -9.41 1.82
N ILE B 554 15.76 -9.23 2.81
CA ILE B 554 15.41 -9.46 4.21
C ILE B 554 14.98 -8.14 4.82
N PHE B 555 13.70 -8.07 5.21
CA PHE B 555 13.15 -6.94 5.91
C PHE B 555 12.25 -7.48 7.02
N TYR B 556 11.57 -6.58 7.73
CA TYR B 556 10.77 -6.96 8.89
C TYR B 556 9.88 -8.18 8.67
N GLY B 557 9.00 -8.16 7.67
CA GLY B 557 8.25 -9.38 7.36
C GLY B 557 9.18 -10.53 7.05
N ASN B 558 10.23 -10.27 6.28
CA ASN B 558 11.18 -11.29 5.93
C ASN B 558 12.10 -11.67 7.08
N VAL B 559 12.32 -10.78 8.07
CA VAL B 559 13.13 -11.22 9.21
C VAL B 559 12.35 -12.22 10.05
N ASP B 560 11.05 -11.99 10.24
CA ASP B 560 10.26 -13.01 10.94
C ASP B 560 10.21 -14.31 10.15
N GLY B 561 9.98 -14.21 8.83
CA GLY B 561 9.96 -15.41 8.01
C GLY B 561 11.28 -16.15 8.02
N LEU B 562 12.39 -15.40 7.99
CA LEU B 562 13.72 -16.02 7.94
C LEU B 562 14.07 -16.67 9.26
N LYS B 563 13.68 -16.06 10.39
CA LYS B 563 13.86 -16.73 11.67
C LYS B 563 13.12 -18.06 11.69
N LYS B 564 11.87 -18.06 11.25
CA LYS B 564 11.11 -19.31 11.21
C LYS B 564 11.78 -20.35 10.30
N CYS B 565 12.24 -19.91 9.12
CA CYS B 565 12.84 -20.82 8.17
C CYS B 565 14.15 -21.42 8.70
N ILE B 566 14.98 -20.59 9.32
CA ILE B 566 16.23 -21.10 9.91
C ILE B 566 15.93 -22.10 11.00
N LYS B 567 14.96 -21.77 11.88
CA LYS B 567 14.64 -22.70 12.96
C LYS B 567 14.13 -24.03 12.42
N SER B 568 13.32 -24.00 11.35
CA SER B 568 12.83 -25.23 10.77
C SER B 568 13.95 -26.01 10.10
N THR B 569 14.86 -25.31 9.41
CA THR B 569 15.90 -25.99 8.64
C THR B 569 16.94 -26.64 9.55
N VAL B 570 17.44 -25.90 10.55
CA VAL B 570 18.46 -26.47 11.42
C VAL B 570 17.85 -27.45 12.41
N GLY B 571 16.54 -27.42 12.61
CA GLY B 571 15.87 -28.37 13.48
C GLY B 571 15.84 -28.01 14.94
N PHE B 572 16.32 -26.82 15.32
CA PHE B 572 16.33 -26.42 16.72
C PHE B 572 16.32 -24.90 16.80
N ASP B 573 16.01 -24.40 17.99
CA ASP B 573 16.02 -22.98 18.27
C ASP B 573 17.22 -22.66 19.16
N ALA B 574 17.99 -21.65 18.77
CA ALA B 574 19.22 -21.33 19.50
C ALA B 574 18.91 -20.92 20.94
N ILE B 575 17.86 -20.12 21.13
CA ILE B 575 17.48 -19.69 22.47
C ILE B 575 17.11 -20.89 23.33
N ARG B 576 16.32 -21.81 22.78
CA ARG B 576 15.85 -22.95 23.57
C ARG B 576 17.02 -23.84 23.99
N VAL B 577 17.92 -24.15 23.05
CA VAL B 577 19.03 -25.03 23.39
C VAL B 577 20.01 -24.35 24.34
N TYR B 578 20.25 -23.04 24.13
CA TYR B 578 21.14 -22.32 25.04
C TYR B 578 20.57 -22.27 26.45
N ASN B 579 19.26 -22.01 26.57
CA ASN B 579 18.64 -21.96 27.88
C ASN B 579 18.63 -23.33 28.54
N LYS B 580 18.38 -24.39 27.75
CA LYS B 580 18.42 -25.74 28.31
C LYS B 580 19.81 -26.11 28.80
N ARG B 581 20.84 -25.72 28.04
CA ARG B 581 22.22 -26.00 28.46
C ARG B 581 22.57 -25.21 29.72
N LEU B 582 22.12 -23.96 29.81
CA LEU B 582 22.34 -23.18 31.02
C LEU B 582 21.63 -23.81 32.22
N LYS B 583 20.41 -24.30 32.01
CA LYS B 583 19.66 -24.95 33.09
C LYS B 583 20.36 -26.23 33.53
N ALA B 584 20.90 -27.00 32.58
CA ALA B 584 21.61 -28.22 32.92
C ALA B 584 22.84 -27.93 33.76
N LEU B 585 23.58 -26.87 33.42
CA LEU B 585 24.76 -26.47 34.18
C LEU B 585 24.37 -25.88 35.53
N PRO B 654 23.78 -31.27 16.44
CA PRO B 654 23.93 -32.06 15.22
C PRO B 654 24.52 -31.23 14.06
N ILE B 655 24.48 -29.92 14.21
CA ILE B 655 24.93 -28.98 13.19
C ILE B 655 26.01 -28.09 13.79
N HIS B 656 27.15 -28.00 13.12
CA HIS B 656 28.25 -27.17 13.59
C HIS B 656 28.42 -25.89 12.77
N SER B 657 27.71 -25.75 11.65
CA SER B 657 27.82 -24.54 10.85
C SER B 657 26.55 -24.38 10.02
N LEU B 658 26.20 -23.12 9.77
CA LEU B 658 25.02 -22.79 8.97
C LEU B 658 25.43 -21.80 7.89
N VAL B 659 25.19 -22.16 6.63
CA VAL B 659 25.51 -21.32 5.49
C VAL B 659 24.22 -20.70 4.98
N LEU B 660 24.23 -19.39 4.82
CA LEU B 660 23.06 -18.65 4.32
C LEU B 660 23.34 -18.20 2.90
N ASP B 661 22.68 -18.83 1.94
CA ASP B 661 22.82 -18.45 0.53
C ASP B 661 21.98 -17.19 0.32
N CYS B 662 22.65 -16.05 0.29
CA CYS B 662 22.00 -14.74 0.18
C CYS B 662 22.12 -14.14 -1.21
N GLY B 663 22.09 -14.99 -2.25
CA GLY B 663 22.19 -14.49 -3.60
C GLY B 663 21.00 -13.63 -4.02
N ALA B 664 19.81 -13.96 -3.53
CA ALA B 664 18.59 -13.26 -3.90
C ALA B 664 18.22 -12.17 -2.90
N VAL B 665 19.04 -11.91 -1.89
CA VAL B 665 18.77 -10.82 -0.95
C VAL B 665 19.09 -9.51 -1.66
N SER B 666 18.04 -8.79 -2.07
CA SER B 666 18.20 -7.61 -2.89
C SER B 666 18.56 -6.39 -2.05
N PHE B 667 17.71 -6.05 -1.09
CA PHE B 667 17.95 -4.92 -0.20
C PHE B 667 17.95 -5.41 1.25
N LEU B 668 18.19 -4.47 2.18
CA LEU B 668 18.31 -4.79 3.59
C LEU B 668 18.05 -3.53 4.39
N ASP B 669 17.22 -3.64 5.42
CA ASP B 669 16.90 -2.52 6.28
C ASP B 669 17.56 -2.70 7.65
N VAL B 670 17.29 -1.76 8.56
CA VAL B 670 17.88 -1.84 9.89
C VAL B 670 17.31 -3.04 10.65
N VAL B 671 16.04 -3.35 10.44
CA VAL B 671 15.44 -4.53 11.05
C VAL B 671 16.11 -5.80 10.52
N GLY B 672 16.40 -5.83 9.22
CA GLY B 672 17.10 -6.97 8.65
C GLY B 672 18.50 -7.14 9.22
N VAL B 673 19.25 -6.04 9.34
CA VAL B 673 20.60 -6.12 9.89
C VAL B 673 20.56 -6.55 11.35
N ARG B 674 19.60 -6.01 12.12
CA ARG B 674 19.45 -6.42 13.51
C ARG B 674 19.12 -7.90 13.63
N SER B 675 18.21 -8.38 12.79
CA SER B 675 17.84 -9.80 12.83
C SER B 675 19.02 -10.69 12.46
N LEU B 676 19.79 -10.30 11.44
CA LEU B 676 20.96 -11.09 11.07
C LEU B 676 22.00 -11.10 12.18
N ARG B 677 22.24 -9.95 12.81
CA ARG B 677 23.17 -9.90 13.93
C ARG B 677 22.71 -10.77 15.08
N MET B 678 21.43 -10.72 15.42
CA MET B 678 20.91 -11.55 16.49
C MET B 678 21.01 -13.02 16.15
N ILE B 679 20.73 -13.39 14.90
CA ILE B 679 20.85 -14.79 14.48
C ILE B 679 22.30 -15.26 14.63
N VAL B 680 23.25 -14.44 14.18
CA VAL B 680 24.66 -14.82 14.27
C VAL B 680 25.07 -14.99 15.74
N LYS B 681 24.69 -14.04 16.60
CA LYS B 681 25.05 -14.15 18.01
C LYS B 681 24.41 -15.35 18.68
N GLU B 682 23.12 -15.60 18.39
CA GLU B 682 22.41 -16.71 19.01
C GLU B 682 23.00 -18.04 18.60
N PHE B 683 23.40 -18.17 17.33
CA PHE B 683 24.01 -19.43 16.89
C PHE B 683 25.44 -19.57 17.38
N GLN B 684 26.18 -18.47 17.49
CA GLN B 684 27.54 -18.54 18.03
C GLN B 684 27.53 -18.89 19.52
N ARG B 685 26.45 -18.53 20.22
CA ARG B 685 26.35 -18.88 21.64
C ARG B 685 26.31 -20.38 21.86
N ILE B 686 25.94 -21.17 20.85
CA ILE B 686 25.90 -22.62 20.98
C ILE B 686 26.96 -23.25 20.08
N ASP B 687 28.03 -22.51 19.82
CA ASP B 687 29.18 -22.99 19.04
C ASP B 687 28.76 -23.43 17.64
N VAL B 688 27.83 -22.71 17.03
CA VAL B 688 27.40 -22.94 15.66
C VAL B 688 27.75 -21.70 14.86
N HIS B 689 28.53 -21.88 13.80
CA HIS B 689 29.00 -20.76 12.99
C HIS B 689 28.04 -20.49 11.85
N VAL B 690 27.78 -19.21 11.60
CA VAL B 690 26.89 -18.78 10.52
C VAL B 690 27.72 -18.06 9.48
N TYR B 691 27.63 -18.52 8.24
CA TYR B 691 28.37 -17.96 7.12
C TYR B 691 27.38 -17.44 6.08
N PHE B 692 27.65 -16.23 5.59
CA PHE B 692 26.83 -15.61 4.56
C PHE B 692 27.54 -15.73 3.22
N ALA B 693 26.81 -16.18 2.21
CA ALA B 693 27.39 -16.39 0.89
C ALA B 693 26.53 -15.73 -0.18
N SER B 694 27.19 -15.32 -1.26
CA SER B 694 26.55 -14.70 -2.43
C SER B 694 25.90 -13.36 -2.12
N LEU B 695 26.35 -12.68 -1.06
CA LEU B 695 25.88 -11.32 -0.80
C LEU B 695 26.47 -10.33 -1.78
N GLN B 696 25.66 -9.38 -2.21
CA GLN B 696 26.10 -8.37 -3.16
C GLN B 696 26.92 -7.29 -2.47
N ASP B 697 27.60 -6.48 -3.28
CA ASP B 697 28.44 -5.41 -2.74
C ASP B 697 27.62 -4.38 -1.98
N HIS B 698 26.49 -3.97 -2.55
CA HIS B 698 25.68 -2.94 -1.89
C HIS B 698 25.03 -3.44 -0.61
N VAL B 699 24.67 -4.72 -0.56
CA VAL B 699 24.08 -5.26 0.66
C VAL B 699 25.13 -5.33 1.77
N ILE B 700 26.36 -5.70 1.43
CA ILE B 700 27.44 -5.70 2.42
C ILE B 700 27.76 -4.27 2.86
N GLU B 701 27.67 -3.31 1.94
CA GLU B 701 27.84 -1.91 2.32
C GLU B 701 26.75 -1.47 3.30
N LYS B 702 25.51 -1.90 3.06
CA LYS B 702 24.43 -1.59 3.98
C LYS B 702 24.66 -2.25 5.34
N LEU B 703 25.18 -3.48 5.34
CA LEU B 703 25.50 -4.14 6.60
C LEU B 703 26.57 -3.38 7.37
N GLU B 704 27.62 -2.93 6.68
CA GLU B 704 28.71 -2.25 7.36
C GLU B 704 28.32 -0.84 7.81
N GLN B 705 27.38 -0.20 7.11
CA GLN B 705 26.92 1.11 7.54
C GLN B 705 25.82 1.04 8.59
N CYS B 706 25.29 -0.15 8.86
CA CYS B 706 24.29 -0.36 9.91
C CYS B 706 24.90 -0.93 11.18
N GLY B 707 26.23 -0.96 11.29
CA GLY B 707 26.88 -1.45 12.48
C GLY B 707 26.88 -2.95 12.64
N PHE B 708 26.70 -3.71 11.56
CA PHE B 708 26.71 -5.16 11.67
C PHE B 708 28.09 -5.68 12.08
N PHE B 709 29.16 -5.13 11.49
CA PHE B 709 30.50 -5.64 11.69
C PHE B 709 31.12 -5.08 12.98
N ASN B 710 30.42 -5.33 14.08
CA ASN B 710 30.88 -5.00 15.41
C ASN B 710 30.75 -6.21 16.30
N ASP B 711 31.57 -6.26 17.36
CA ASP B 711 31.56 -7.35 18.33
C ASP B 711 31.85 -8.69 17.66
N SER B 712 33.05 -8.79 17.09
CA SER B 712 33.60 -10.03 16.56
C SER B 712 32.76 -10.59 15.42
N ILE B 713 32.68 -9.82 14.34
CA ILE B 713 32.13 -10.31 13.07
C ILE B 713 33.25 -10.31 12.03
N ARG B 714 33.85 -9.15 11.82
CA ARG B 714 35.11 -8.97 11.10
C ARG B 714 35.03 -9.37 9.63
N LYS B 715 33.85 -9.65 9.09
CA LYS B 715 33.62 -9.87 7.67
C LYS B 715 34.35 -11.08 7.11
N ASP B 716 34.94 -11.92 7.96
CA ASP B 716 35.60 -13.13 7.50
C ASP B 716 34.64 -14.30 7.34
N ILE B 717 33.38 -14.12 7.69
CA ILE B 717 32.36 -15.16 7.53
C ILE B 717 31.48 -14.88 6.31
N PHE B 718 31.96 -14.09 5.36
CA PHE B 718 31.21 -13.73 4.17
C PHE B 718 31.97 -14.25 2.96
N PHE B 719 31.39 -15.21 2.26
CA PHE B 719 32.04 -15.86 1.13
C PHE B 719 31.35 -15.49 -0.17
N LEU B 720 32.08 -15.67 -1.28
CA LEU B 720 31.62 -15.19 -2.57
C LEU B 720 30.38 -15.95 -3.06
N THR B 721 30.43 -17.28 -3.00
CA THR B 721 29.32 -18.15 -3.40
C THR B 721 29.17 -19.24 -2.36
N VAL B 722 28.15 -20.08 -2.52
CA VAL B 722 28.12 -21.26 -1.64
C VAL B 722 28.90 -22.36 -2.36
N HIS B 723 30.20 -22.18 -2.45
CA HIS B 723 31.19 -23.24 -2.52
C HIS B 723 32.48 -22.89 -1.81
N ASP B 724 32.79 -21.60 -1.66
CA ASP B 724 33.93 -21.18 -0.86
C ASP B 724 33.69 -21.47 0.61
N ALA B 725 32.45 -21.27 1.07
CA ALA B 725 32.11 -21.56 2.45
C ALA B 725 32.29 -23.04 2.76
N ILE B 726 31.79 -23.92 1.88
CA ILE B 726 31.88 -25.35 2.13
C ILE B 726 33.33 -25.81 2.07
N LEU B 727 34.11 -25.29 1.12
CA LEU B 727 35.52 -25.66 1.03
C LEU B 727 36.29 -25.15 2.23
N HIS B 728 35.94 -23.97 2.74
CA HIS B 728 36.57 -23.46 3.96
C HIS B 728 36.23 -24.32 5.16
N LEU B 729 34.97 -24.77 5.25
CA LEU B 729 34.57 -25.67 6.33
C LEU B 729 35.32 -27.00 6.26
N ARG B 730 35.47 -27.56 5.05
CA ARG B 730 36.19 -28.81 4.91
C ARG B 730 37.67 -28.66 5.27
N SER B 731 38.20 -27.44 5.21
CA SER B 731 39.58 -27.20 5.61
C SER B 731 39.76 -27.25 7.13
N GLN B 732 38.69 -27.22 7.89
CA GLN B 732 38.77 -27.31 9.34
C GLN B 732 38.22 -28.64 9.85
C1 AV0 C . -12.71 10.86 6.51
O1 AV0 C . -12.36 9.96 5.51
C2 AV0 C . -11.67 11.97 6.54
O2 AV0 C . -10.40 11.44 6.85
C3 AV0 C . -12.06 13.02 7.59
O3 AV0 C . -11.15 14.12 7.52
C4 AV0 C . -13.48 13.50 7.34
O4 AV0 C . -13.86 14.35 8.43
C5 AV0 C . -14.43 12.31 7.28
O5 AV0 C . -14.00 11.40 6.26
C6 AV0 C . -15.85 12.71 6.93
O6 AV0 C . -16.40 13.58 7.90
OAI AV0 C . -16.75 17.64 6.71
OAQ AV0 C . -14.33 19.73 8.06
OAS AV0 C . -11.75 18.24 7.82
OAU AV0 C . -13.03 16.22 10.37
CAY AV0 C . -6.38 0.50 3.66
CBA AV0 C . -6.65 1.99 3.77
CBC AV0 C . -8.03 2.33 4.30
CBE AV0 C . -8.31 3.83 4.38
CBG AV0 C . -9.71 4.15 4.88
CBI AV0 C . -10.03 5.64 4.89
CBK AV0 C . -11.44 5.95 5.33
CBM AV0 C . -16.67 18.02 8.08
CBQ AV0 C . -11.77 7.43 5.30
CBS AV0 C . -13.40 9.30 4.82
OBY AV0 C . -15.22 16.20 8.58
CCC AV0 C . -15.33 17.64 8.68
CCM AV0 C . -13.23 7.79 4.99
CCN AV0 C . -14.15 18.32 7.98
CCR AV0 C . -13.94 15.73 8.18
CCT AV0 C . -12.85 17.92 8.66
CCV AV0 C . -12.85 16.43 8.97
C1 AV0 D . -20.09 5.56 5.41
O1 AV0 D . -18.80 5.16 5.00
C2 AV0 D . -20.86 4.31 5.82
O2 AV0 D . -21.08 3.48 4.69
C3 AV0 D . -22.20 4.68 6.45
O3 AV0 D . -22.83 3.51 6.95
C4 AV0 D . -21.96 5.68 7.57
O4 AV0 D . -23.21 6.08 8.18
C5 AV0 D . -21.24 6.90 7.03
O5 AV0 D . -19.97 6.47 6.50
C6 AV0 D . -20.95 7.96 8.06
O6 AV0 D . -20.31 9.08 7.49
CAA AV0 D . -8.21 -3.73 6.55
CAB AV0 D . -7.18 3.18 -0.60
OAI AV0 D . -25.73 2.61 7.91
OAJ AV0 D . -15.43 13.73 12.30
OAL AV0 D . -17.97 9.56 9.37
OAN AV0 D . -13.00 8.44 8.93
OAP AV0 D . -13.56 6.09 7.65
OAQ AV0 D . -26.66 5.70 10.69
OAR AV0 D . -11.28 13.00 11.98
OAS AV0 D . -26.22 8.42 9.84
OAT AV0 D . -10.49 10.21 11.44
OAU AV0 D . -24.09 8.71 7.94
OAV AV0 D . -13.12 9.25 13.51
CAW AV0 D . -7.63 -2.51 5.87
CAX AV0 D . -8.65 3.07 -0.90
CAY AV0 D . -8.18 -1.20 6.41
CAZ AV0 D . -9.52 3.26 0.33
CBA AV0 D . -9.70 -1.12 6.38
CBB AV0 D . -11.01 3.14 0.06
CBC AV0 D . -10.25 0.26 6.67
CBD AV0 D . -11.86 3.27 1.32
CBE AV0 D . -11.77 0.34 6.60
CBF AV0 D . -13.35 3.12 1.08
CBG AV0 D . -12.32 1.76 6.56
CBH AV0 D . -14.18 3.19 2.36
CBI AV0 D . -13.84 1.81 6.52
CBJ AV0 D . -15.67 3.03 2.14
CBK AV0 D . -14.42 3.22 6.40
CBL AV0 D . -16.48 3.10 3.44
CBM AV0 D . -26.44 3.66 8.54
CBN AV0 D . -14.14 13.51 11.74
CBP AV0 D . -17.61 8.21 9.15
CBQ AV0 D . -15.94 3.22 6.43
CBR AV0 D . -16.20 4.37 4.22
CBS AV0 D . -18.15 4.18 5.78
CBT AV0 D . -16.26 5.72 6.32
OBV AV0 D . -16.68 5.75 7.67
OBX AV0 D . -16.31 6.35 9.93
OBY AV0 D . -25.20 5.28 7.36
OBZ AV0 D . -14.47 11.17 11.94
OCB AV0 D . -14.81 8.98 11.26
CCC AV0 D . -25.60 4.90 8.68
CCD AV0 D . -13.54 12.22 12.26
CCF AV0 D . -16.50 7.77 10.09
CCH AV0 D . -14.09 7.66 9.37
CCJ AV0 D . -15.73 5.91 8.70
CCL AV0 D . -14.64 6.84 8.22
CCM AV0 D . -16.64 4.38 5.69
CCN AV0 D . -26.35 6.06 9.35
CCO AV0 D . -12.17 11.94 11.66
CCQ AV0 D . -15.19 8.53 9.95
CCR AV0 D . -24.30 6.38 7.35
CCS AV0 D . -13.87 10.03 11.35
CCT AV0 D . -25.48 7.31 9.33
CCU AV0 D . -11.62 10.62 12.20
CCV AV0 D . -24.99 7.62 7.92
CCW AV0 D . -12.69 9.55 12.18
I IOD E . 3.04 2.02 30.02
I IOD F . 1.09 5.31 32.89
C1 CLR G . 12.70 16.86 18.38
C2 CLR G . 11.79 17.45 19.45
C3 CLR G . 11.29 18.82 19.03
C4 CLR G . 12.47 19.73 18.71
C5 CLR G . 13.80 19.04 18.87
C6 CLR G . 14.76 19.58 19.60
C7 CLR G . 16.12 18.98 19.83
C8 CLR G . 16.42 17.83 18.88
C9 CLR G . 15.19 16.93 18.73
C10 CLR G . 13.96 17.69 18.15
C11 CLR G . 15.49 15.64 17.96
C12 CLR G . 16.71 14.89 18.48
C13 CLR G . 17.96 15.78 18.53
C14 CLR G . 17.60 17.00 19.41
C15 CLR G . 18.95 17.67 19.68
C16 CLR G . 19.98 16.52 19.67
C17 CLR G . 19.17 15.25 19.32
C18 CLR G . 18.36 16.21 17.11
C19 CLR G . 14.12 17.98 16.64
C20 CLR G . 20.06 14.15 18.69
C21 CLR G . 19.73 12.75 19.21
C22 CLR G . 21.55 14.46 18.89
C23 CLR G . 22.39 14.34 17.62
C24 CLR G . 21.85 15.19 16.47
C25 CLR G . 22.53 14.99 15.12
C26 CLR G . 21.89 15.85 14.05
C27 CLR G . 24.03 15.23 15.19
O1 CLR G . 10.43 18.71 17.90
C1 CLR H . 10.34 15.96 24.85
C2 CLR H . 8.87 16.27 24.58
C3 CLR H . 8.64 17.76 24.43
C4 CLR H . 9.51 18.31 23.30
C5 CLR H . 10.96 17.94 23.47
C6 CLR H . 11.90 18.87 23.38
C7 CLR H . 13.36 18.63 23.52
C8 CLR H . 13.74 17.16 23.40
C9 CLR H . 12.74 16.30 24.20
C10 CLR H . 11.27 16.47 23.73
C11 CLR H . 13.18 14.83 24.27
C12 CLR H . 14.63 14.64 24.72
C13 CLR H . 15.61 15.44 23.87
C14 CLR H . 15.15 16.92 23.93
C15 CLR H . 16.34 17.69 23.32
C16 CLR H . 17.59 16.85 23.70
C17 CLR H . 17.05 15.60 24.42
C18 CLR H . 15.63 14.91 22.43
C19 CLR H . 10.99 15.68 22.44
C20 CLR H . 18.03 14.42 24.35
C21 CLR H . 17.86 13.43 25.51
C22 CLR H . 19.48 14.92 24.29
C23 CLR H . 20.43 14.08 23.43
C24 CLR H . 21.10 12.95 24.20
C25 CLR H . 22.05 12.06 23.39
C26 CLR H . 22.74 11.04 24.27
C27 CLR H . 21.32 11.37 22.24
O1 CLR H . 7.27 18.03 24.17
C1 CLR I . 14.35 15.29 31.12
C2 CLR I . 15.85 15.11 30.87
C3 CLR I . 16.09 14.11 29.76
C4 CLR I . 15.41 14.58 28.48
C5 CLR I . 13.95 14.89 28.69
C6 CLR I . 13.03 14.38 27.88
C7 CLR I . 11.56 14.62 27.98
C8 CLR I . 11.23 15.81 28.88
C9 CLR I . 12.07 15.76 30.16
C10 CLR I . 13.61 15.80 29.87
C11 CLR I . 11.64 16.82 31.19
C12 CLR I . 10.14 16.82 31.47
C13 CLR I . 9.32 16.97 30.17
C14 CLR I . 9.74 15.82 29.25
C15 CLR I . 8.68 15.84 28.14
C16 CLR I . 7.40 16.34 28.83
C17 CLR I . 7.80 16.69 30.27
C18 CLR I . 9.60 18.34 29.53
C19 CLR I . 14.09 17.22 29.53
C20 CLR I . 6.89 17.77 30.89
C21 CLR I . 6.84 17.71 32.42
C22 CLR I . 5.46 17.67 30.31
C23 CLR I . 4.87 18.98 29.81
C24 CLR I . 3.61 19.40 30.56
C25 CLR I . 3.78 19.69 32.04
C26 CLR I . 4.79 20.81 32.28
C27 CLR I . 2.45 20.03 32.71
O1 CLR I . 17.49 13.96 29.53
C1 CLR J . -3.05 26.29 47.46
C2 CLR J . -3.05 27.81 47.31
C3 CLR J . -1.93 28.43 48.12
C4 CLR J . -0.59 27.87 47.65
C5 CLR J . -0.56 26.36 47.67
C6 CLR J . 0.43 25.72 48.25
C7 CLR J . 0.56 24.22 48.31
C8 CLR J . -0.35 23.51 47.32
C9 CLR J . -1.74 24.14 47.34
C10 CLR J . -1.73 25.66 46.98
C11 CLR J . -2.75 23.34 46.51
C12 CLR J . -2.77 21.85 46.84
C13 CLR J . -1.38 21.21 46.73
C14 CLR J . -0.46 22.02 47.67
C15 CLR J . 0.81 21.17 47.75
C16 CLR J . 0.29 19.72 47.73
C17 CLR J . -1.21 19.80 47.34
C18 CLR J . -0.88 21.26 45.27
C19 CLR J . -1.59 25.87 45.46
C20 CLR J . -1.65 18.57 46.53
C21 CLR J . -3.16 18.47 46.33
C22 CLR J . -1.11 17.28 47.19
C23 CLR J . -0.07 16.51 46.40
C24 CLR J . 1.10 16.06 47.26
C25 CLR J . 2.05 15.07 46.62
C26 CLR J . 3.21 14.75 47.55
C27 CLR J . 1.31 13.81 46.23
O1 CLR J . -1.94 29.85 47.98
C1 CLR K . 14.93 16.80 12.69
C2 CLR K . 16.06 16.95 13.73
C3 CLR K . 17.05 15.81 13.61
C4 CLR K . 16.32 14.48 13.57
C5 CLR K . 14.85 14.63 13.89
C6 CLR K . 14.32 13.98 14.91
C7 CLR K . 12.87 14.08 15.33
C8 CLR K . 12.00 14.88 14.38
C9 CLR K . 12.79 16.05 13.78
C10 CLR K . 14.06 15.58 13.01
C11 CLR K . 11.90 16.98 12.95
C12 CLR K . 10.66 17.46 13.70
C13 CLR K . 9.83 16.29 14.25
C14 CLR K . 10.78 15.44 15.12
C15 CLR K . 9.83 14.48 15.86
C16 CLR K . 8.53 15.31 16.07
C17 CLR K . 8.76 16.63 15.31
C18 CLR K . 9.23 15.47 13.09
C19 CLR K . 13.70 14.85 11.70
C20 CLR K . 7.43 17.28 14.88
C21 CLR K . 7.55 18.76 14.53
C22 CLR K . 6.36 17.08 15.97
C23 CLR K . 5.56 18.32 16.35
C24 CLR K . 4.45 18.02 17.36
C25 CLR K . 3.64 19.22 17.83
C26 CLR K . 2.53 18.80 18.78
C27 CLR K . 4.52 20.27 18.46
O1 CLR K . 17.87 15.96 12.45
C1 LBN L . 20.97 15.43 10.21
P1 LBN L . 23.00 13.79 10.56
C2 LBN L . 20.06 14.74 9.24
C5 LBN L . 9.47 13.14 5.61
O1 LBN L . 21.62 14.43 11.03
C8 LBN L . 8.34 12.36 5.03
O2 LBN L . 23.39 14.62 9.25
C11 LBN L . 6.99 12.87 5.53
O3 LBN L . 24.01 14.11 11.60
C14 LBN L . 6.69 14.31 5.15
O4 LBN L . 22.77 12.38 10.18
C17 LBN L . 5.44 14.89 5.78
C20 LBN L . 4.12 14.28 5.29
C22 LBN L . 3.57 13.18 6.18
C23 LBN L . 2.14 12.80 5.87
C24 LBN L . 1.17 13.94 6.08
C34 LBN L . 18.20 13.77 10.39
O7 LBN L . 18.69 14.84 9.75
C35 LBN L . 16.78 13.50 9.93
O8 LBN L . 18.79 13.13 11.21
C36 LBN L . 16.52 13.96 8.51
C37 LBN L . 15.09 13.70 8.06
C38 LBN L . 14.61 12.29 8.33
C39 LBN L . 13.72 11.74 7.23
C40 LBN L . 12.61 12.68 6.80
C41 LBN L . 11.78 12.16 5.63
C42 LBN L . 10.72 13.12 5.20
C1 LBN M . 16.09 6.23 -0.23
P1 LBN M . 18.60 5.44 -0.21
C2 LBN M . 15.15 7.03 0.65
C3 LBN M . 15.80 8.29 1.15
O1 LBN M . 17.27 5.90 0.54
O2 LBN M . 19.25 6.80 -0.70
O3 LBN M . 19.50 4.85 0.82
O4 LBN M . 18.23 4.61 -1.39
C25 LBN M . 15.37 10.56 0.67
O5 LBN M . 14.87 9.38 1.04
C26 LBN M . 14.32 11.64 0.70
O6 LBN M . 16.52 10.73 0.37
C27 LBN M . 13.17 11.37 -0.28
C28 LBN M . 11.96 10.71 0.39
C29 LBN M . 10.71 11.57 0.36
C30 LBN M . 9.50 10.93 1.02
C31 LBN M . 8.25 11.79 0.96
C32 LBN M . 7.03 11.15 1.63
C33 LBN M . 5.73 11.85 1.30
C34 LBN M . 13.19 6.43 -0.58
O7 LBN M . 14.00 7.41 -0.16
C35 LBN M . 12.26 5.98 0.50
O8 LBN M . 13.22 5.99 -1.70
C36 LBN M . 10.85 6.53 0.37
C37 LBN M . 10.12 6.00 -0.85
C38 LBN M . 8.70 6.51 -0.99
C39 LBN M . 8.61 8.03 -1.12
C40 LBN M . 7.19 8.54 -1.30
C1 CLR N . -7.58 17.44 3.21
C2 CLR N . -8.24 18.81 3.23
C3 CLR N . -7.87 19.56 4.50
C4 CLR N . -6.36 19.71 4.59
C5 CLR N . -5.64 18.39 4.45
C6 CLR N . -4.69 18.05 5.32
C7 CLR N . -3.91 16.78 5.27
C8 CLR N . -4.03 16.05 3.93
C9 CLR N . -5.49 16.07 3.46
C10 CLR N . -6.05 17.51 3.27
C11 CLR N . -5.71 15.19 2.22
C12 CLR N . -5.16 13.77 2.39
C13 CLR N . -3.68 13.76 2.78
C14 CLR N . -3.56 14.60 4.07
C15 CLR N . -2.14 14.29 4.57
C16 CLR N . -1.85 12.85 4.10
C17 CLR N . -3.09 12.43 3.28
C18 CLR N . -2.83 14.36 1.64
C19 CLR N . -5.52 18.17 1.98
C20 CLR N . -2.76 11.32 2.26
C21 CLR N . -3.97 10.50 1.84
C22 CLR N . -1.65 10.40 2.80
C23 CLR N . -1.55 9.04 2.12
C24 CLR N . -0.26 8.30 2.43
C25 CLR N . -0.14 6.92 1.81
C26 CLR N . 1.24 6.31 2.04
C27 CLR N . -1.22 6.00 2.33
O1 CLR N . -8.49 20.84 4.52
C1 LBN O . 18.56 4.34 -7.64
P1 LBN O . 19.54 2.32 -6.27
C2 LBN O . 17.22 4.96 -7.96
C3 LBN O . 17.35 6.35 -8.51
C4 LBN O . 13.95 15.17 -10.05
C5 LBN O . 5.78 7.45 -4.60
O1 LBN O . 18.35 3.04 -7.05
C7 LBN O . 13.29 16.44 -9.53
C8 LBN O . 4.68 6.93 -5.47
O2 LBN O . 20.25 3.50 -5.47
C10 LBN O . 14.27 17.56 -9.20
C11 LBN O . 3.39 7.75 -5.33
O3 LBN O . 18.92 1.42 -5.27
C13 LBN O . 13.60 18.86 -8.78
C14 LBN O . 2.22 7.16 -6.10
O4 LBN O . 20.49 1.76 -7.25
C17 LBN O . 1.90 5.73 -5.71
C20 LBN O . 0.65 5.17 -6.38
C22 LBN O . -0.61 5.95 -6.03
C23 LBN O . -0.85 6.08 -4.54
C24 LBN O . -2.10 6.85 -4.21
C25 LBN O . 15.52 6.60 -10.00
O5 LBN O . 16.03 6.86 -8.80
C26 LBN O . 14.09 7.05 -10.09
O6 LBN O . 16.13 6.06 -10.88
C27 LBN O . 13.82 7.96 -11.30
C28 LBN O . 14.59 9.26 -11.24
C29 LBN O . 13.70 10.49 -11.09
C30 LBN O . 12.82 10.47 -9.84
C31 LBN O . 12.08 11.77 -9.59
C32 LBN O . 12.99 12.95 -9.27
C33 LBN O . 12.98 14.04 -10.34
C34 LBN O . 16.62 5.98 -5.86
O7 LBN O . 16.42 4.98 -6.73
C35 LBN O . 15.35 6.72 -5.59
O8 LBN O . 17.68 6.21 -5.34
C36 LBN O . 14.18 6.21 -6.42
C37 LBN O . 13.02 7.20 -6.49
C38 LBN O . 12.01 7.05 -5.37
C39 LBN O . 10.69 7.74 -5.66
C40 LBN O . 9.53 7.21 -4.86
C41 LBN O . 8.17 7.74 -5.30
C42 LBN O . 7.03 7.05 -4.63
C4 LBN P . -1.26 19.41 5.63
C7 LBN P . -0.30 18.50 4.89
C10 LBN P . -0.34 18.69 3.39
C25 LBN P . -7.79 26.60 7.53
C26 LBN P . -6.34 26.70 7.09
C27 LBN P . -5.82 25.44 6.39
C28 LBN P . -5.89 24.19 7.25
C29 LBN P . -4.63 23.34 7.19
C30 LBN P . -4.30 22.83 5.79
C31 LBN P . -3.46 21.57 5.78
C32 LBN P . -2.00 21.80 6.14
C33 LBN P . -1.03 20.89 5.40
C4 LBN Q . -3.38 26.46 11.22
C7 LBN Q . -1.93 26.18 11.61
C10 LBN Q . -1.56 24.71 11.51
C13 LBN Q . -0.76 24.37 10.25
C16 LBN Q . 0.74 24.31 10.47
C19 LBN Q . 1.53 24.00 9.22
C31 LBN Q . -4.18 29.66 13.33
C32 LBN Q . -3.45 28.74 12.36
C33 LBN Q . -4.10 27.38 12.19
C4 LBN R . -18.85 -7.22 11.74
C7 LBN R . -19.97 -7.47 12.73
C10 LBN R . -20.06 -8.91 13.17
C25 LBN R . -26.04 -1.92 9.68
C26 LBN R . -25.88 -2.69 10.99
C27 LBN R . -24.44 -2.75 11.49
C28 LBN R . -23.48 -3.44 10.54
C29 LBN R . -22.20 -2.66 10.29
C30 LBN R . -21.22 -3.37 9.38
C31 LBN R . -19.96 -3.85 10.08
C32 LBN R . -20.04 -5.28 10.59
C33 LBN R . -18.77 -5.78 11.25
C4 LBN S . -21.03 -9.31 38.38
C7 LBN S . -21.31 -8.64 37.03
C10 LBN S . -22.58 -7.81 37.03
C13 LBN S . -23.84 -8.59 37.37
C16 LBN S . -24.60 -8.04 38.57
C19 LBN S . -25.08 -6.62 38.38
C29 LBN S . -16.58 -12.86 39.55
C30 LBN S . -17.88 -12.10 39.41
C31 LBN S . -17.91 -10.79 40.17
C32 LBN S . -19.22 -10.03 40.03
C33 LBN S . -19.56 -9.66 38.59
C4 LBN T . -20.70 -11.16 18.35
C7 LBN T . -19.39 -11.91 18.33
C10 LBN T . -19.30 -12.98 19.40
C25 LBN T . -29.31 -9.09 18.48
C26 LBN T . -28.64 -9.22 19.84
C27 LBN T . -27.26 -9.86 19.78
C28 LBN T . -26.25 -9.10 18.92
C29 LBN T . -24.98 -8.73 19.65
C30 LBN T . -23.94 -8.02 18.79
C31 LBN T . -22.65 -8.79 18.60
C32 LBN T . -22.35 -9.78 19.72
C33 LBN T . -20.97 -10.41 19.65
C4 LBN U . -19.87 -13.55 25.54
C7 LBN U . -18.60 -13.31 26.34
C10 LBN U . -17.40 -14.01 25.77
C25 LBN U . -28.65 -9.28 28.58
C26 LBN U . -27.46 -10.15 28.92
C27 LBN U . -26.32 -10.06 27.91
C28 LBN U . -25.11 -10.90 28.28
C29 LBN U . -23.78 -10.27 27.89
C30 LBN U . -22.56 -11.09 28.30
C31 LBN U . -22.71 -12.59 28.04
C32 LBN U . -21.45 -13.25 27.52
C33 LBN U . -21.09 -12.85 26.10
C1 AV0 V . -15.63 8.45 2.04
O1 AV0 V . -14.36 8.22 2.54
C2 AV0 V . -16.34 7.10 1.91
O2 AV0 V . -15.63 6.29 0.98
C3 AV0 V . -17.77 7.31 1.43
O3 AV0 V . -18.45 6.06 1.41
C4 AV0 V . -18.49 8.29 2.33
O4 AV0 V . -19.77 8.59 1.74
C5 AV0 V . -17.69 9.59 2.45
O5 AV0 V . -16.37 9.29 2.92
C6 AV0 V . -18.28 10.58 3.42
O6 AV0 V . -19.59 10.98 3.02
OAI AV0 V . -22.82 9.36 5.27
OAQ AV0 V . -24.48 6.76 3.69
OAS AV0 V . -22.36 5.02 2.52
OAU AV0 V . -21.93 7.64 0.23
CAY AV0 V . -3.53 6.56 -0.57
CBA AV0 V . -4.94 6.16 -0.19
CBC AV0 V . -5.90 7.34 -0.06
CBE AV0 V . -7.30 6.96 0.38
CBG AV0 V . -8.23 8.16 0.53
CBI AV0 V . -9.62 7.80 1.05
CBK AV0 V . -10.51 9.01 1.27
CBM AV0 V . -23.64 9.50 4.12
CBQ AV0 V . -11.87 8.66 1.85
CBS AV0 V . -13.79 9.21 3.39
OBY AV0 V . -21.83 9.08 2.65
CCC AV0 V . -23.17 8.64 2.99
CCM AV0 V . -12.50 9.73 2.76
CCN AV0 V . -23.17 7.15 3.32
CCR AV0 V . -20.91 8.05 2.37
CCT AV0 V . -22.71 6.34 2.11
CCV AV0 V . -21.52 7.02 1.44
C1 AV0 W . -12.72 16.72 4.53
O1 AV0 W . -11.86 15.63 4.30
C2 AV0 W . -11.99 18.00 4.16
O2 AV0 W . -10.90 18.21 5.05
C3 AV0 W . -12.92 19.20 4.21
O3 AV0 W . -12.26 20.35 3.72
C4 AV0 W . -14.17 18.90 3.40
O4 AV0 W . -15.10 20.00 3.44
C5 AV0 W . -14.83 17.63 3.92
O5 AV0 W . -13.90 16.54 3.77
C6 AV0 W . -16.08 17.25 3.16
O6 AV0 W . -16.68 16.08 3.71
CAA AV0 W . -1.39 11.33 -3.72
CAB AV0 W . -4.37 4.87 4.09
OAI AV0 W . -12.64 23.52 3.72
OAJ AV0 W . -21.23 11.27 -1.22
OAL AV0 W . -17.14 14.37 1.26
OAN AV0 W . -14.59 10.33 -0.59
OAP AV0 W . -12.19 11.44 0.15
OAQ AV0 W . -16.68 23.85 2.45
OAR AV0 W . -19.29 7.83 -2.77
OAS AV0 W . -18.63 22.18 3.76
OAT AV0 W . -16.40 8.11 -3.32
OAU AV0 W . -17.57 19.68 4.69
OAV AV0 W . -17.11 11.35 -4.37
CAW AV0 W . -1.79 10.18 -2.82
CAX AV0 W . -4.68 6.08 4.93
CAY AV0 W . -3.30 10.01 -2.72
CAZ AV0 W . -5.57 7.09 4.23
CBA AV0 W . -4.01 11.26 -2.23
CBB AV0 W . -5.86 8.34 5.03
CBC AV0 W . -5.47 11.04 -1.85
CBD AV0 W . -6.69 9.36 4.29
CBE AV0 W . -6.13 12.27 -1.28
CBF AV0 W . -6.95 10.65 5.06
CBG AV0 W . -7.47 12.03 -0.59
CBH AV0 W . -7.73 11.68 4.26
CBI AV0 W . -8.07 13.27 0.03
CBJ AV0 W . -7.96 13.00 5.00
CBK AV0 W . -9.36 13.06 0.79
CBL AV0 W . -8.74 14.02 4.19
CBM AV0 W . -14.01 23.90 3.72
CBN AV0 W . -20.45 10.08 -1.29
CBP AV0 W . -15.76 14.53 0.95
CBQ AV0 W . -9.89 14.37 1.37
CBR AV0 W . -10.07 13.47 3.70
CBS AV0 W . -11.07 15.69 3.11
CBT AV0 W . -12.11 13.58 2.27
OBV AV0 W . -12.78 14.30 1.25
OBX AV0 W . -14.07 14.33 -0.73
OBY AV0 W . -14.63 21.85 4.72
OBZ AV0 W . -18.56 11.34 -1.96
OCB AV0 W . -16.47 12.33 -1.80
CCC AV0 W . -14.92 22.70 3.60
CCD AV0 W . -19.35 10.19 -2.33
CCF AV0 W . -15.44 13.99 -0.42
CCH AV0 W . -14.38 11.73 -0.76
CCJ AV0 W . -13.05 13.68 0.01
CCL AV0 W . -13.37 12.22 0.26
CCM AV0 W . -10.80 14.28 2.62
CCN AV0 W . -16.40 23.08 3.61
CCO AV0 W . -18.48 8.94 -2.41
CCQ AV0 W . -15.68 12.50 -0.61
CCR AV0 W . -15.35 20.63 4.67
CCS AV0 W . -17.16 11.12 -1.97
CCT AV0 W . -17.25 21.82 3.62
CCU AV0 W . -17.39 9.14 -3.45
CCV AV0 W . -16.84 20.90 4.77
CCW AV0 W . -16.74 10.50 -3.30
I IOD X . -12.58 4.48 -27.13
I IOD Y . -17.17 5.59 -28.14
C1 CLR Z . -12.02 -18.41 -20.89
C2 CLR Z . -11.09 -19.16 -21.84
C3 CLR Z . -11.58 -20.57 -22.04
C4 CLR Z . -12.98 -20.55 -22.64
C5 CLR Z . -13.96 -19.71 -21.87
C6 CLR Z . -15.18 -20.16 -21.62
C7 CLR Z . -16.26 -19.40 -20.89
C8 CLR Z . -15.87 -17.96 -20.55
C9 CLR Z . -14.38 -17.88 -20.21
C10 CLR Z . -13.48 -18.34 -21.39
C11 CLR Z . -13.99 -16.49 -19.67
C12 CLR Z . -14.88 -16.04 -18.52
C13 CLR Z . -16.34 -16.01 -18.93
C14 CLR Z . -16.70 -17.44 -19.37
C15 CLR Z . -18.22 -17.40 -19.48
C16 CLR Z . -18.58 -16.72 -18.16
C17 CLR Z . -17.40 -15.77 -17.82
C18 CLR Z . -16.54 -15.01 -20.07
C19 CLR Z . -13.55 -17.36 -22.58
C20 CLR Z . -17.88 -14.34 -17.57
C21 CLR Z . -16.86 -13.49 -16.84
C22 CLR Z . -19.23 -14.29 -16.83
C23 CLR Z . -19.12 -13.69 -15.43
C24 CLR Z . -20.26 -12.76 -15.04
C25 CLR Z . -20.51 -11.54 -15.92
C26 CLR Z . -21.63 -10.70 -15.35
C27 CLR Z . -19.28 -10.69 -16.19
O1 CLR Z . -10.69 -21.30 -22.89
C1 CLR AA . -20.79 -13.82 -23.44
C2 CLR AA . -19.99 -15.09 -23.76
C3 CLR AA . -18.58 -14.74 -24.14
C4 CLR AA . -17.90 -13.98 -23.01
C5 CLR AA . -18.70 -12.78 -22.58
C6 CLR AA . -18.13 -11.59 -22.46
C7 CLR AA . -18.83 -10.33 -22.04
C8 CLR AA . -20.16 -10.62 -21.36
C9 CLR AA . -20.94 -11.67 -22.15
C10 CLR AA . -20.18 -13.02 -22.27
C11 CLR AA . -22.37 -11.84 -21.63
C12 CLR AA . -23.13 -10.52 -21.48
C13 CLR AA . -22.37 -9.51 -20.62
C14 CLR AA . -20.99 -9.33 -21.28
C15 CLR AA . -20.40 -8.10 -20.57
C16 CLR AA . -21.62 -7.19 -20.33
C17 CLR AA . -22.87 -8.03 -20.68
C18 CLR AA . -22.23 -10.04 -19.18
C19 CLR AA . -20.28 -13.85 -20.98
C20 CLR AA . -24.11 -7.56 -19.87
C21 CLR AA . -23.79 -7.13 -18.44
C22 CLR AA . -25.27 -8.58 -19.87
C23 CLR AA . -26.46 -8.20 -18.99
C24 CLR AA . -27.19 -6.94 -19.46
C25 CLR AA . -28.10 -6.29 -18.43
C26 CLR AA . -27.31 -5.82 -17.21
C27 CLR AA . -28.89 -5.14 -19.04
O1 CLR AA . -17.83 -15.92 -24.44
C1 CLR BA . -21.46 -10.56 -28.46
C2 CLR BA . -20.69 -11.84 -28.76
C3 CLR BA . -19.29 -11.78 -28.16
C4 CLR BA . -19.38 -11.56 -26.67
C5 CLR BA . -20.23 -10.37 -26.30
C6 CLR BA . -19.77 -9.45 -25.47
C7 CLR BA . -20.52 -8.23 -25.03
C8 CLR BA . -22.01 -8.33 -25.33
C9 CLR BA . -22.23 -8.88 -26.74
C10 CLR BA . -21.60 -10.29 -26.95
C11 CLR BA . -23.70 -8.81 -27.18
C12 CLR BA . -24.33 -7.43 -26.98
C13 CLR BA . -24.18 -6.94 -25.53
C14 CLR BA . -22.67 -6.95 -25.22
C15 CLR BA . -22.57 -6.15 -23.90
C16 CLR BA . -23.71 -5.13 -23.98
C17 CLR BA . -24.50 -5.46 -25.27
C18 CLR BA . -24.95 -7.86 -24.57
C19 CLR BA . -22.48 -11.40 -26.32
C20 CLR BA . -25.97 -4.99 -25.19
C21 CLR BA . -26.63 -4.82 -26.55
C22 CLR BA . -26.08 -3.70 -24.36
C23 CLR BA . -27.16 -3.71 -23.28
C24 CLR BA . -28.16 -2.57 -23.41
C25 CLR BA . -29.00 -2.56 -24.68
C26 CLR BA . -29.80 -3.84 -24.83
C27 CLR BA . -29.91 -1.35 -24.74
O1 CLR BA . -18.58 -12.98 -28.45
C1 CLR CA . -42.24 4.75 -33.95
C2 CLR CA . -43.53 4.13 -33.45
C3 CLR CA . -43.99 3.03 -34.38
C4 CLR CA . -42.92 1.96 -34.50
C5 CLR CA . -41.58 2.54 -34.89
C6 CLR CA . -40.88 2.01 -35.88
C7 CLR CA . -39.54 2.50 -36.35
C8 CLR CA . -38.87 3.40 -35.33
C9 CLR CA . -39.88 4.42 -34.77
C10 CLR CA . -41.09 3.74 -34.07
C11 CLR CA . -39.21 5.48 -33.89
C12 CLR CA . -38.01 6.15 -34.55
C13 CLR CA . -36.96 5.12 -35.01
C14 CLR CA . -37.70 4.16 -35.97
C15 CLR CA . -36.57 3.38 -36.65
C16 CLR CA . -35.38 4.35 -36.68
C17 CLR CA . -35.85 5.62 -35.95
C18 CLR CA . -36.38 4.36 -33.80
C19 CLR CA . -40.72 3.23 -32.66
C20 CLR CA . -34.66 6.42 -35.35
C21 CLR CA . -34.98 7.88 -35.10
C22 CLR CA . -33.43 6.29 -36.26
C23 CLR CA . -32.16 5.83 -35.55
C24 CLR CA . -30.97 5.66 -36.48
C25 CLR CA . -31.13 4.59 -37.55
C26 CLR CA . -29.89 4.47 -38.41
C27 CLR CA . -31.47 3.25 -36.93
O1 CLR CA . -45.20 2.45 -33.90
C1 CLR DA . -15.54 -16.38 -12.64
C2 CLR DA . -15.64 -17.07 -14.01
C3 CLR DA . -14.27 -17.51 -14.49
C4 CLR DA . -13.27 -16.38 -14.34
C5 CLR DA . -13.94 -15.07 -14.00
C6 CLR DA . -13.79 -14.02 -14.79
C7 CLR DA . -14.43 -12.68 -14.56
C8 CLR DA . -15.18 -12.56 -13.23
C9 CLR DA . -15.83 -13.90 -12.85
C10 CLR DA . -14.79 -15.05 -12.75
C11 CLR DA . -16.72 -13.77 -11.62
C12 CLR DA . -17.77 -12.65 -11.74
C13 CLR DA . -17.13 -11.29 -12.07
C14 CLR DA . -16.29 -11.49 -13.35
C15 CLR DA . -15.93 -10.06 -13.78
C16 CLR DA . -17.16 -9.23 -13.36
C17 CLR DA . -18.07 -10.18 -12.56
C18 CLR DA . -16.26 -10.81 -10.90
C19 CLR DA . -13.88 -14.87 -11.52
C20 CLR DA . -18.96 -9.42 -11.56
C21 CLR DA . -20.10 -10.27 -10.99
C22 CLR DA . -19.51 -8.14 -12.21
C23 CLR DA . -20.89 -7.70 -11.72
C24 CLR DA . -21.36 -6.40 -12.37
C25 CLR DA . -22.76 -5.94 -11.99
C26 CLR DA . -23.12 -4.63 -12.67
C27 CLR DA . -23.80 -7.00 -12.31
O1 CLR DA . -13.83 -18.66 -13.77
C1 LBN EA . -11.39 -21.77 -13.28
P1 LBN EA . -9.50 -22.92 -14.72
C2 LBN EA . -10.77 -21.01 -12.14
C5 LBN EA . -11.10 -12.14 -5.06
O1 LBN EA . -10.49 -21.71 -14.40
C8 LBN EA . -10.49 -10.93 -4.46
O2 LBN EA . -9.62 -23.86 -13.43
C11 LBN EA . -11.52 -9.82 -4.23
O3 LBN EA . -10.09 -23.68 -15.86
C14 LBN EA . -12.66 -10.22 -3.30
O4 LBN EA . -8.12 -22.42 -14.83
C17 LBN EA . -13.78 -9.20 -3.20
C20 LBN EA . -13.42 -7.91 -2.45
C22 LBN EA . -12.95 -6.77 -3.34
C23 LBN EA . -12.89 -5.43 -2.64
C24 LBN EA . -14.24 -4.96 -2.15
C34 LBN EA . -10.99 -18.67 -12.58
O7 LBN EA . -11.51 -19.75 -12.00
C35 LBN EA . -11.00 -17.49 -11.65
O8 LBN EA . -10.59 -18.64 -13.72
C36 LBN EA . -10.74 -17.89 -10.20
C37 LBN EA . -10.70 -16.70 -9.25
C38 LBN EA . -9.82 -15.57 -9.73
C39 LBN EA . -9.20 -14.76 -8.61
C40 LBN EA . -10.18 -14.37 -7.52
C41 LBN EA . -9.54 -13.60 -6.37
C42 LBN EA . -10.50 -13.30 -5.27
C1 LBN FA . -0.75 -16.52 -4.96
P1 LBN FA . 0.44 -18.61 -6.04
C2 LBN FA . -2.16 -16.07 -4.72
C3 LBN FA . -3.08 -17.23 -4.48
O1 LBN FA . -0.74 -17.54 -5.99
O2 LBN FA . -0.20 -19.91 -5.36
O3 LBN FA . 0.69 -18.94 -7.47
O4 LBN FA . 1.57 -18.12 -5.21
C25 LBN FA . -5.29 -17.63 -3.74
O5 LBN FA . -4.38 -16.73 -4.10
C26 LBN FA . -6.60 -16.98 -3.39
O6 LBN FA . -5.08 -18.82 -3.71
C27 LBN FA . -6.54 -16.19 -2.09
C28 LBN FA . -6.47 -14.69 -2.31
C29 LBN FA . -7.48 -13.91 -1.47
C30 LBN FA . -7.47 -12.41 -1.74
C31 LBN FA . -8.46 -11.64 -0.89
C32 LBN FA . -8.49 -10.15 -1.16
C33 LBN FA . -9.31 -9.34 -0.15
C34 LBN FA . -1.61 -14.03 -3.58
O7 LBN FA . -2.16 -15.25 -3.52
C35 LBN FA . -2.62 -12.99 -3.97
O8 LBN FA . -0.45 -13.81 -3.35
C36 LBN FA . -3.13 -12.17 -2.79
C37 LBN FA . -2.04 -11.37 -2.11
C38 LBN FA . -2.56 -10.41 -1.05
C39 LBN FA . -3.36 -11.07 0.06
C40 LBN FA . -4.83 -10.67 0.07
C1 CLR GA . -18.64 0.43 4.75
C2 CLR GA . -20.04 0.43 5.36
C3 CLR GA . -21.07 0.14 4.29
C4 CLR GA . -20.79 -1.22 3.66
C5 CLR GA . -19.38 -1.32 3.15
C6 CLR GA . -19.14 -1.77 1.92
C7 CLR GA . -17.78 -1.93 1.30
C8 CLR GA . -16.66 -1.88 2.34
C9 CLR GA . -16.92 -0.74 3.34
C10 CLR GA . -18.27 -0.92 4.11
C11 CLR GA . -15.73 -0.52 4.28
C12 CLR GA . -14.41 -0.35 3.54
C13 CLR GA . -14.11 -1.53 2.60
C14 CLR GA . -15.31 -1.64 1.64
C15 CLR GA . -14.83 -2.61 0.56
C16 CLR GA . -13.31 -2.36 0.46
C17 CLR GA . -12.98 -1.35 1.57
C18 CLR GA . -13.93 -2.82 3.41
C19 CLR GA . -18.17 -1.99 5.20
C20 CLR GA . -11.51 -1.45 2.04
C21 CLR GA . -11.00 -0.17 2.70
C22 CLR GA . -10.59 -1.84 0.87
C23 CLR GA . -9.12 -1.98 1.21
C24 CLR GA . -8.30 -2.62 0.12
C25 CLR GA . -6.83 -2.86 0.44
C26 CLR GA . -6.13 -3.67 -0.63
C27 CLR GA . -6.10 -1.55 0.67
O1 CLR GA . -22.38 0.15 4.87
C1 LBN HA . 4.25 -16.07 -2.79
P1 LBN HA . 6.44 -16.17 -4.24
C2 LBN HA . 3.79 -16.34 -1.37
C3 LBN HA . 3.75 -17.82 -1.06
C4 LBN HA . -4.81 -17.53 6.19
C5 LBN HA . -2.56 -9.41 3.99
O1 LBN HA . 5.58 -16.58 -2.96
C7 LBN HA . -5.62 -18.75 5.75
C8 LBN HA . -2.59 -8.31 5.00
O2 LBN HA . 5.36 -15.84 -5.37
C10 LBN HA . -7.09 -18.68 6.11
C11 LBN HA . -3.62 -7.23 4.66
O3 LBN HA . 7.13 -14.90 -3.92
C13 LBN HA . -7.54 -19.79 7.05
C14 LBN HA . -3.58 -6.03 5.59
O4 LBN HA . 7.25 -17.33 -4.68
C17 LBN HA . -2.21 -5.36 5.65
C20 LBN HA . -2.20 -4.06 6.44
C22 LBN HA . -2.98 -2.93 5.77
C23 LBN HA . -2.90 -1.61 6.50
C24 LBN HA . -3.59 -0.48 5.77
C25 LBN HA . 3.51 -19.05 0.95
O5 LBN HA . 3.08 -18.03 0.20
C26 LBN HA . 2.55 -19.34 2.06
O6 LBN HA . 4.52 -19.67 0.72
C27 LBN HA . 2.35 -18.17 3.01
C28 LBN HA . 1.08 -18.27 3.84
C29 LBN HA . 0.89 -17.14 4.83
C30 LBN HA . -0.52 -17.05 5.39
C31 LBN HA . -0.98 -18.29 6.14
C32 LBN HA . -2.41 -18.22 6.66
C33 LBN HA . -3.37 -17.54 5.70
C34 LBN HA . 1.38 -16.44 -1.54
O7 LBN HA . 2.47 -15.73 -1.18
C35 LBN HA . 0.36 -16.42 -0.44
O8 LBN HA . 1.25 -16.98 -2.60
C36 LBN HA . 0.84 -15.71 0.81
C37 LBN HA . -0.27 -15.40 1.80
C38 LBN HA . -1.44 -14.65 1.20
C39 LBN HA . -2.31 -13.95 2.21
C40 LBN HA . -1.66 -12.73 2.85
C41 LBN HA . -2.61 -11.91 3.73
C42 LBN HA . -2.02 -10.61 4.16
C4 LBN IA . -19.56 -5.20 0.68
C7 LBN IA . -18.20 -5.87 0.69
C10 LBN IA . -17.79 -6.33 2.07
C25 LBN IA . -28.45 -1.86 3.44
C26 LBN IA . -27.96 -3.30 3.28
C27 LBN IA . -26.46 -3.46 3.38
C28 LBN IA . -25.69 -2.67 2.32
C29 LBN IA . -24.58 -3.47 1.66
C30 LBN IA . -23.50 -3.95 2.63
C31 LBN IA . -22.15 -4.16 1.98
C32 LBN IA . -22.06 -5.42 1.13
C33 LBN IA . -20.69 -6.09 1.15
C4 LBN JA . -28.53 -4.72 -1.57
C7 LBN JA . -28.02 -5.77 -2.55
C10 LBN JA . -26.58 -5.55 -2.99
C13 LBN JA . -25.57 -6.43 -2.29
C16 LBN JA . -25.17 -7.67 -3.08
C19 LBN JA . -24.17 -8.57 -2.37
C31 LBN JA . -32.38 -4.73 -2.26
C32 LBN JA . -30.99 -5.26 -1.94
C33 LBN JA . -29.92 -4.19 -1.91
C4 LBN KA . -3.61 22.53 -4.94
C7 LBN KA . -4.10 23.87 -5.45
C10 LBN KA . -3.03 24.65 -6.18
C25 LBN KA . -9.50 26.15 1.07
C26 LBN KA . -9.29 26.67 -0.35
C27 LBN KA . -9.02 25.57 -1.37
C28 LBN KA . -7.77 24.75 -1.09
C29 LBN KA . -7.99 23.25 -1.14
C30 LBN KA . -6.73 22.43 -0.91
C31 LBN KA . -6.24 21.71 -2.16
C32 LBN KA . -5.20 22.50 -2.95
C33 LBN KA . -4.66 21.75 -4.16
C4 LBN LA . -12.75 32.34 -28.15
C7 LBN LA . -12.90 31.97 -26.68
C10 LBN LA . -13.99 32.75 -25.96
C13 LBN LA . -13.79 34.25 -25.98
C16 LBN LA . -14.95 35.02 -26.60
C19 LBN LA . -16.27 34.83 -25.87
C29 LBN LA . -8.83 30.19 -31.86
C30 LBN LA . -9.81 30.98 -31.03
C31 LBN LA . -11.27 30.69 -31.34
C32 LBN LA . -12.25 31.49 -30.50
C33 LBN LA . -12.12 31.26 -29.00
C4 LBN MA . -3.26 27.49 -11.09
C7 LBN MA . -2.22 26.63 -11.80
C10 LBN MA . -1.67 27.27 -13.04
C25 LBN MA . -7.57 34.24 -7.32
C26 LBN MA . -7.79 34.07 -8.82
C27 LBN MA . -6.81 33.10 -9.47
C28 LBN MA . -6.86 31.70 -8.89
C29 LBN MA . -7.11 30.60 -9.94
C30 LBN MA . -7.10 29.19 -9.37
C31 LBN MA . -5.98 28.32 -9.93
C32 LBN MA . -5.46 28.76 -11.29
C33 LBN MA . -4.49 27.79 -11.93
C4 LBN NA . -4.36 29.37 -18.07
C7 LBN NA . -2.92 29.48 -18.54
C10 LBN NA . -2.55 28.38 -19.53
C25 LBN NA . -10.93 36.60 -17.89
C26 LBN NA . -10.16 36.02 -16.71
C27 LBN NA . -9.85 34.54 -16.85
C28 LBN NA . -8.97 34.19 -18.05
C29 LBN NA . -8.29 32.84 -17.94
C30 LBN NA . -7.41 32.50 -19.13
C31 LBN NA . -6.04 31.96 -18.75
C32 LBN NA . -5.48 30.96 -19.73
C33 LBN NA . -5.39 29.54 -19.17
#